data_9GW0
# 
_entry.id   9GW0 
# 
_audit_conform.dict_name       mmcif_pdbx.dic 
_audit_conform.dict_version    5.403 
_audit_conform.dict_location   http://mmcif.pdb.org/dictionaries/ascii/mmcif_pdbx.dic 
# 
loop_
_database_2.database_id 
_database_2.database_code 
_database_2.pdbx_database_accession 
_database_2.pdbx_DOI 
PDB   9GW0         pdb_00009gw0 10.2210/pdb9gw0/pdb 
WWPDB D_1292139396 ?            ?                   
# 
loop_
_pdbx_audit_revision_history.ordinal 
_pdbx_audit_revision_history.data_content_type 
_pdbx_audit_revision_history.major_revision 
_pdbx_audit_revision_history.minor_revision 
_pdbx_audit_revision_history.revision_date 
_pdbx_audit_revision_history.part_number 
1 'Structure model' 1 0 2025-03-26 ? 
2 'Structure model' 1 1 2025-04-02 ? 
# 
_pdbx_audit_revision_details.ordinal             1 
_pdbx_audit_revision_details.revision_ordinal    1 
_pdbx_audit_revision_details.data_content_type   'Structure model' 
_pdbx_audit_revision_details.provider            repository 
_pdbx_audit_revision_details.type                'Initial release' 
_pdbx_audit_revision_details.description         ? 
_pdbx_audit_revision_details.details             ? 
# 
_pdbx_audit_revision_group.ordinal             1 
_pdbx_audit_revision_group.revision_ordinal    2 
_pdbx_audit_revision_group.data_content_type   'Structure model' 
_pdbx_audit_revision_group.group               'Database references' 
# 
_pdbx_audit_revision_category.ordinal             1 
_pdbx_audit_revision_category.revision_ordinal    2 
_pdbx_audit_revision_category.data_content_type   'Structure model' 
_pdbx_audit_revision_category.category            citation 
# 
loop_
_pdbx_audit_revision_item.ordinal 
_pdbx_audit_revision_item.revision_ordinal 
_pdbx_audit_revision_item.data_content_type 
_pdbx_audit_revision_item.item 
1 2 'Structure model' '_citation.pdbx_database_id_PubMed' 
2 2 'Structure model' '_citation.title'                   
# 
_pdbx_database_status.status_code                     REL 
_pdbx_database_status.status_code_sf                  REL 
_pdbx_database_status.status_code_mr                  ? 
_pdbx_database_status.entry_id                        9GW0 
_pdbx_database_status.recvd_initial_deposition_date   2024-09-26 
_pdbx_database_status.SG_entry                        N 
_pdbx_database_status.deposit_site                    PDBE 
_pdbx_database_status.process_site                    PDBE 
_pdbx_database_status.status_code_cs                  ? 
_pdbx_database_status.status_code_nmr_data            ? 
_pdbx_database_status.methods_development_category    ? 
_pdbx_database_status.pdb_format_compatible           N 
# 
_pdbx_contact_author.id                 2 
_pdbx_contact_author.email              pozzi4@unisi.it 
_pdbx_contact_author.name_first         Cecilia 
_pdbx_contact_author.name_last          Pozzi 
_pdbx_contact_author.name_mi            ? 
_pdbx_contact_author.role               'principal investigator/group leader' 
_pdbx_contact_author.identifier_ORCID   0000-0003-2574-3911 
# 
loop_
_audit_author.name 
_audit_author.pdbx_ordinal 
_audit_author.identifier_ORCID 
'Tassone, G.' 1 0000-0002-2575-5528 
'Pozzi, C.'   2 0000-0003-2574-3911 
# 
_citation.abstract                  ? 
_citation.abstract_id_CAS           ? 
_citation.book_id_ISBN              ? 
_citation.book_publisher            ? 
_citation.book_publisher_city       ? 
_citation.book_title                ? 
_citation.coordinate_linkage        ? 
_citation.country                   US 
_citation.database_id_Medline       ? 
_citation.details                   ? 
_citation.id                        primary 
_citation.journal_abbrev            'Acs Med.Chem.Lett.' 
_citation.journal_id_ASTM           ? 
_citation.journal_id_CSD            ? 
_citation.journal_id_ISSN           1948-5875 
_citation.journal_full              ? 
_citation.journal_issue             ? 
_citation.journal_volume            16 
_citation.language                  ? 
_citation.page_first                397 
_citation.page_last                 405 
_citation.title                     
'Morita-Baylis-Hillman Adduct Chemistry as a Tool for the Design of Lysine-Targeted Covalent Ligands.' 
_citation.year                      2025 
_citation.database_id_CSD           ? 
_citation.pdbx_database_id_DOI      10.1021/acsmedchemlett.4c00479 
_citation.pdbx_database_id_PubMed   40104796 
_citation.pdbx_database_id_patent   ? 
_citation.unpublished_flag          ? 
# 
loop_
_citation_author.citation_id 
_citation_author.name 
_citation_author.ordinal 
_citation_author.identifier_ORCID 
primary 'Paolino, M.'   1  ? 
primary 'Tassone, G.'   2  ? 
primary 'Governa, P.'   3  ? 
primary 'Saletti, M.'   4  ? 
primary 'Lami, M.'      5  ? 
primary 'Carletti, R.'  6  ? 
primary 'Sacchetta, F.' 7  ? 
primary 'Pozzi, C.'     8  ? 
primary 'Orlandini, M.' 9  ? 
primary 'Manetti, F.'   10 ? 
primary 'Olivucci, M.'  11 ? 
primary 'Cappelli, A.'  12 ? 
# 
loop_
_entity.id 
_entity.type 
_entity.src_method 
_entity.pdbx_description 
_entity.formula_weight 
_entity.pdbx_number_of_molecules 
_entity.pdbx_ec 
_entity.pdbx_mutation 
_entity.pdbx_fragment 
_entity.details 
1 polymer     man 'Cellular retinoic acid-binding protein 2'                   15992.265 1  ? 
'R111K, Y134F, T54V, R132Q, P39Y, R59Y' ? ? 
2 non-polymer syn 'methyl (~{Z})-3-(4-acetamidophenyl)-2-methyl-prop-2-enoate' 233.263   1  ? ? ? ? 
3 water       nat water                                                        18.015    15 ? ? ? ? 
# 
_entity_name_com.entity_id   1 
_entity_name_com.name        'Cellular retinoic acid-binding protein II,CRABP-II' 
# 
_entity_poly.entity_id                      1 
_entity_poly.type                           'polypeptide(L)' 
_entity_poly.nstd_linkage                   no 
_entity_poly.nstd_monomer                   no 
_entity_poly.pdbx_seq_one_letter_code       
;GSHMPNFSGNWKIIRSENFEELLKVLGVNVMLRKIAVAAASKYAVEIKQEGDTFYIKVSTTVYTTEINFKVGEEFEEQTV
DGRPCKSLVKWESENKMVCEQKLLKGEGPKTSWTKELTNDGELILTMTADDVVCTQVFVRE
;
_entity_poly.pdbx_seq_one_letter_code_can   
;GSHMPNFSGNWKIIRSENFEELLKVLGVNVMLRKIAVAAASKYAVEIKQEGDTFYIKVSTTVYTTEINFKVGEEFEEQTV
DGRPCKSLVKWESENKMVCEQKLLKGEGPKTSWTKELTNDGELILTMTADDVVCTQVFVRE
;
_entity_poly.pdbx_strand_id                 A 
_entity_poly.pdbx_target_identifier         ? 
# 
loop_
_pdbx_entity_nonpoly.entity_id 
_pdbx_entity_nonpoly.name 
_pdbx_entity_nonpoly.comp_id 
2 'methyl (~{Z})-3-(4-acetamidophenyl)-2-methyl-prop-2-enoate' A1IQ1 
3 water                                                        HOH   
# 
loop_
_entity_poly_seq.entity_id 
_entity_poly_seq.num 
_entity_poly_seq.mon_id 
_entity_poly_seq.hetero 
1 1   GLY n 
1 2   SER n 
1 3   HIS n 
1 4   MET n 
1 5   PRO n 
1 6   ASN n 
1 7   PHE n 
1 8   SER n 
1 9   GLY n 
1 10  ASN n 
1 11  TRP n 
1 12  LYS n 
1 13  ILE n 
1 14  ILE n 
1 15  ARG n 
1 16  SER n 
1 17  GLU n 
1 18  ASN n 
1 19  PHE n 
1 20  GLU n 
1 21  GLU n 
1 22  LEU n 
1 23  LEU n 
1 24  LYS n 
1 25  VAL n 
1 26  LEU n 
1 27  GLY n 
1 28  VAL n 
1 29  ASN n 
1 30  VAL n 
1 31  MET n 
1 32  LEU n 
1 33  ARG n 
1 34  LYS n 
1 35  ILE n 
1 36  ALA n 
1 37  VAL n 
1 38  ALA n 
1 39  ALA n 
1 40  ALA n 
1 41  SER n 
1 42  LYS n 
1 43  TYR n 
1 44  ALA n 
1 45  VAL n 
1 46  GLU n 
1 47  ILE n 
1 48  LYS n 
1 49  GLN n 
1 50  GLU n 
1 51  GLY n 
1 52  ASP n 
1 53  THR n 
1 54  PHE n 
1 55  TYR n 
1 56  ILE n 
1 57  LYS n 
1 58  VAL n 
1 59  SER n 
1 60  THR n 
1 61  THR n 
1 62  VAL n 
1 63  TYR n 
1 64  THR n 
1 65  THR n 
1 66  GLU n 
1 67  ILE n 
1 68  ASN n 
1 69  PHE n 
1 70  LYS n 
1 71  VAL n 
1 72  GLY n 
1 73  GLU n 
1 74  GLU n 
1 75  PHE n 
1 76  GLU n 
1 77  GLU n 
1 78  GLN n 
1 79  THR n 
1 80  VAL n 
1 81  ASP n 
1 82  GLY n 
1 83  ARG n 
1 84  PRO n 
1 85  CYS n 
1 86  LYS n 
1 87  SER n 
1 88  LEU n 
1 89  VAL n 
1 90  LYS n 
1 91  TRP n 
1 92  GLU n 
1 93  SER n 
1 94  GLU n 
1 95  ASN n 
1 96  LYS n 
1 97  MET n 
1 98  VAL n 
1 99  CYS n 
1 100 GLU n 
1 101 GLN n 
1 102 LYS n 
1 103 LEU n 
1 104 LEU n 
1 105 LYS n 
1 106 GLY n 
1 107 GLU n 
1 108 GLY n 
1 109 PRO n 
1 110 LYS n 
1 111 THR n 
1 112 SER n 
1 113 TRP n 
1 114 THR n 
1 115 LYS n 
1 116 GLU n 
1 117 LEU n 
1 118 THR n 
1 119 ASN n 
1 120 ASP n 
1 121 GLY n 
1 122 GLU n 
1 123 LEU n 
1 124 ILE n 
1 125 LEU n 
1 126 THR n 
1 127 MET n 
1 128 THR n 
1 129 ALA n 
1 130 ASP n 
1 131 ASP n 
1 132 VAL n 
1 133 VAL n 
1 134 CYS n 
1 135 THR n 
1 136 GLN n 
1 137 VAL n 
1 138 PHE n 
1 139 VAL n 
1 140 ARG n 
1 141 GLU n 
# 
_entity_src_gen.entity_id                          1 
_entity_src_gen.pdbx_src_id                        1 
_entity_src_gen.pdbx_alt_source_flag               sample 
_entity_src_gen.pdbx_seq_type                      'Biological sequence' 
_entity_src_gen.pdbx_beg_seq_num                   1 
_entity_src_gen.pdbx_end_seq_num                   141 
_entity_src_gen.gene_src_common_name               human 
_entity_src_gen.gene_src_genus                     ? 
_entity_src_gen.pdbx_gene_src_gene                 CRABP2 
_entity_src_gen.gene_src_species                   ? 
_entity_src_gen.gene_src_strain                    ? 
_entity_src_gen.gene_src_tissue                    ? 
_entity_src_gen.gene_src_tissue_fraction           ? 
_entity_src_gen.gene_src_details                   ? 
_entity_src_gen.pdbx_gene_src_fragment             ? 
_entity_src_gen.pdbx_gene_src_scientific_name      'Homo sapiens' 
_entity_src_gen.pdbx_gene_src_ncbi_taxonomy_id     9606 
_entity_src_gen.pdbx_gene_src_variant              ? 
_entity_src_gen.pdbx_gene_src_cell_line            ? 
_entity_src_gen.pdbx_gene_src_atcc                 ? 
_entity_src_gen.pdbx_gene_src_organ                ? 
_entity_src_gen.pdbx_gene_src_organelle            ? 
_entity_src_gen.pdbx_gene_src_cell                 ? 
_entity_src_gen.pdbx_gene_src_cellular_location    ? 
_entity_src_gen.host_org_common_name               ? 
_entity_src_gen.pdbx_host_org_scientific_name      'Escherichia coli BL21(DE3)' 
_entity_src_gen.pdbx_host_org_ncbi_taxonomy_id     469008 
_entity_src_gen.host_org_genus                     ? 
_entity_src_gen.pdbx_host_org_gene                 ? 
_entity_src_gen.pdbx_host_org_organ                ? 
_entity_src_gen.host_org_species                   ? 
_entity_src_gen.pdbx_host_org_tissue               ? 
_entity_src_gen.pdbx_host_org_tissue_fraction      ? 
_entity_src_gen.pdbx_host_org_strain               ? 
_entity_src_gen.pdbx_host_org_variant              ? 
_entity_src_gen.pdbx_host_org_cell_line            ? 
_entity_src_gen.pdbx_host_org_atcc                 ? 
_entity_src_gen.pdbx_host_org_culture_collection   ? 
_entity_src_gen.pdbx_host_org_cell                 ? 
_entity_src_gen.pdbx_host_org_organelle            ? 
_entity_src_gen.pdbx_host_org_cellular_location    ? 
_entity_src_gen.pdbx_host_org_vector_type          PLASMID 
_entity_src_gen.pdbx_host_org_vector               ? 
_entity_src_gen.host_org_details                   ? 
_entity_src_gen.expression_system_id               ? 
_entity_src_gen.plasmid_name                       pET15b 
_entity_src_gen.plasmid_details                    ? 
_entity_src_gen.pdbx_description                   ? 
# 
loop_
_chem_comp.id 
_chem_comp.type 
_chem_comp.mon_nstd_flag 
_chem_comp.name 
_chem_comp.pdbx_synonyms 
_chem_comp.formula 
_chem_comp.formula_weight 
A1IQ1 non-polymer         . 'methyl (~{Z})-3-(4-acetamidophenyl)-2-methyl-prop-2-enoate' ? 'C13 H15 N O3'   233.263 
ALA   'L-peptide linking' y ALANINE                                                      ? 'C3 H7 N O2'     89.093  
ARG   'L-peptide linking' y ARGININE                                                     ? 'C6 H15 N4 O2 1' 175.209 
ASN   'L-peptide linking' y ASPARAGINE                                                   ? 'C4 H8 N2 O3'    132.118 
ASP   'L-peptide linking' y 'ASPARTIC ACID'                                              ? 'C4 H7 N O4'     133.103 
CYS   'L-peptide linking' y CYSTEINE                                                     ? 'C3 H7 N O2 S'   121.158 
GLN   'L-peptide linking' y GLUTAMINE                                                    ? 'C5 H10 N2 O3'   146.144 
GLU   'L-peptide linking' y 'GLUTAMIC ACID'                                              ? 'C5 H9 N O4'     147.129 
GLY   'peptide linking'   y GLYCINE                                                      ? 'C2 H5 N O2'     75.067  
HIS   'L-peptide linking' y HISTIDINE                                                    ? 'C6 H10 N3 O2 1' 156.162 
HOH   non-polymer         . WATER                                                        ? 'H2 O'           18.015  
ILE   'L-peptide linking' y ISOLEUCINE                                                   ? 'C6 H13 N O2'    131.173 
LEU   'L-peptide linking' y LEUCINE                                                      ? 'C6 H13 N O2'    131.173 
LYS   'L-peptide linking' y LYSINE                                                       ? 'C6 H15 N2 O2 1' 147.195 
MET   'L-peptide linking' y METHIONINE                                                   ? 'C5 H11 N O2 S'  149.211 
PHE   'L-peptide linking' y PHENYLALANINE                                                ? 'C9 H11 N O2'    165.189 
PRO   'L-peptide linking' y PROLINE                                                      ? 'C5 H9 N O2'     115.130 
SER   'L-peptide linking' y SERINE                                                       ? 'C3 H7 N O3'     105.093 
THR   'L-peptide linking' y THREONINE                                                    ? 'C4 H9 N O3'     119.119 
TRP   'L-peptide linking' y TRYPTOPHAN                                                   ? 'C11 H12 N2 O2'  204.225 
TYR   'L-peptide linking' y TYROSINE                                                     ? 'C9 H11 N O3'    181.189 
VAL   'L-peptide linking' y VALINE                                                       ? 'C5 H11 N O2'    117.146 
# 
loop_
_pdbx_poly_seq_scheme.asym_id 
_pdbx_poly_seq_scheme.entity_id 
_pdbx_poly_seq_scheme.seq_id 
_pdbx_poly_seq_scheme.mon_id 
_pdbx_poly_seq_scheme.ndb_seq_num 
_pdbx_poly_seq_scheme.pdb_seq_num 
_pdbx_poly_seq_scheme.auth_seq_num 
_pdbx_poly_seq_scheme.pdb_mon_id 
_pdbx_poly_seq_scheme.auth_mon_id 
_pdbx_poly_seq_scheme.pdb_strand_id 
_pdbx_poly_seq_scheme.pdb_ins_code 
_pdbx_poly_seq_scheme.hetero 
A 1 1   GLY 1   -3  ?   ?   ?   A . n 
A 1 2   SER 2   -2  ?   ?   ?   A . n 
A 1 3   HIS 3   -1  ?   ?   ?   A . n 
A 1 4   MET 4   0   0   MET MET A . n 
A 1 5   PRO 5   1   1   PRO PRO A . n 
A 1 6   ASN 6   2   2   ASN ASN A . n 
A 1 7   PHE 7   3   3   PHE PHE A . n 
A 1 8   SER 8   4   4   SER SER A . n 
A 1 9   GLY 9   5   5   GLY GLY A . n 
A 1 10  ASN 10  6   6   ASN ASN A . n 
A 1 11  TRP 11  7   7   TRP TRP A . n 
A 1 12  LYS 12  8   8   LYS LYS A . n 
A 1 13  ILE 13  9   9   ILE ILE A . n 
A 1 14  ILE 14  10  10  ILE ILE A . n 
A 1 15  ARG 15  11  11  ARG ARG A . n 
A 1 16  SER 16  12  12  SER SER A . n 
A 1 17  GLU 17  13  13  GLU GLU A . n 
A 1 18  ASN 18  14  14  ASN ASN A . n 
A 1 19  PHE 19  15  15  PHE PHE A . n 
A 1 20  GLU 20  16  16  GLU GLU A . n 
A 1 21  GLU 21  17  17  GLU GLU A . n 
A 1 22  LEU 22  18  18  LEU LEU A . n 
A 1 23  LEU 23  19  19  LEU LEU A . n 
A 1 24  LYS 24  20  20  LYS LYS A . n 
A 1 25  VAL 25  21  21  VAL VAL A . n 
A 1 26  LEU 26  22  22  LEU LEU A . n 
A 1 27  GLY 27  23  23  GLY GLY A . n 
A 1 28  VAL 28  24  24  VAL VAL A . n 
A 1 29  ASN 29  25  25  ASN ASN A . n 
A 1 30  VAL 30  26  26  VAL VAL A . n 
A 1 31  MET 31  27  27  MET MET A . n 
A 1 32  LEU 32  28  28  LEU LEU A . n 
A 1 33  ARG 33  29  29  ARG ARG A . n 
A 1 34  LYS 34  30  30  LYS LYS A . n 
A 1 35  ILE 35  31  31  ILE ILE A . n 
A 1 36  ALA 36  32  32  ALA ALA A . n 
A 1 37  VAL 37  33  33  VAL VAL A . n 
A 1 38  ALA 38  34  34  ALA ALA A . n 
A 1 39  ALA 39  35  35  ALA ALA A . n 
A 1 40  ALA 40  36  36  ALA ALA A . n 
A 1 41  SER 41  37  37  SER SER A . n 
A 1 42  LYS 42  38  38  LYS LYS A . n 
A 1 43  TYR 43  39  39  TYR TYR A . n 
A 1 44  ALA 44  40  40  ALA ALA A . n 
A 1 45  VAL 45  41  41  VAL VAL A . n 
A 1 46  GLU 46  42  42  GLU GLU A . n 
A 1 47  ILE 47  43  43  ILE ILE A . n 
A 1 48  LYS 48  44  44  LYS LYS A . n 
A 1 49  GLN 49  45  45  GLN GLN A . n 
A 1 50  GLU 50  46  46  GLU GLU A . n 
A 1 51  GLY 51  47  47  GLY GLY A . n 
A 1 52  ASP 52  48  48  ASP ASP A . n 
A 1 53  THR 53  49  49  THR THR A . n 
A 1 54  PHE 54  50  50  PHE PHE A . n 
A 1 55  TYR 55  51  51  TYR TYR A . n 
A 1 56  ILE 56  52  52  ILE ILE A . n 
A 1 57  LYS 57  53  53  LYS LYS A . n 
A 1 58  VAL 58  54  54  VAL VAL A . n 
A 1 59  SER 59  55  55  SER SER A . n 
A 1 60  THR 60  56  56  THR THR A . n 
A 1 61  THR 61  57  57  THR THR A . n 
A 1 62  VAL 62  58  58  VAL VAL A . n 
A 1 63  TYR 63  59  59  TYR TYR A . n 
A 1 64  THR 64  60  60  THR THR A . n 
A 1 65  THR 65  61  61  THR THR A . n 
A 1 66  GLU 66  62  62  GLU GLU A . n 
A 1 67  ILE 67  63  63  ILE ILE A . n 
A 1 68  ASN 68  64  64  ASN ASN A . n 
A 1 69  PHE 69  65  65  PHE PHE A . n 
A 1 70  LYS 70  66  66  LYS LYS A . n 
A 1 71  VAL 71  67  67  VAL VAL A . n 
A 1 72  GLY 72  68  68  GLY GLY A . n 
A 1 73  GLU 73  69  69  GLU GLU A . n 
A 1 74  GLU 74  70  70  GLU GLU A . n 
A 1 75  PHE 75  71  71  PHE PHE A . n 
A 1 76  GLU 76  72  72  GLU GLU A . n 
A 1 77  GLU 77  73  73  GLU GLU A . n 
A 1 78  GLN 78  74  74  GLN GLN A . n 
A 1 79  THR 79  75  75  THR THR A . n 
A 1 80  VAL 80  76  76  VAL VAL A . n 
A 1 81  ASP 81  77  77  ASP ASP A . n 
A 1 82  GLY 82  78  78  GLY GLY A . n 
A 1 83  ARG 83  79  79  ARG ARG A . n 
A 1 84  PRO 84  80  80  PRO PRO A . n 
A 1 85  CYS 85  81  81  CYS CYS A . n 
A 1 86  LYS 86  82  82  LYS LYS A . n 
A 1 87  SER 87  83  83  SER SER A . n 
A 1 88  LEU 88  84  84  LEU LEU A . n 
A 1 89  VAL 89  85  85  VAL VAL A . n 
A 1 90  LYS 90  86  86  LYS LYS A . n 
A 1 91  TRP 91  87  87  TRP TRP A . n 
A 1 92  GLU 92  88  88  GLU GLU A . n 
A 1 93  SER 93  89  89  SER SER A . n 
A 1 94  GLU 94  90  90  GLU GLU A . n 
A 1 95  ASN 95  91  91  ASN ASN A . n 
A 1 96  LYS 96  92  92  LYS LYS A . n 
A 1 97  MET 97  93  93  MET MET A . n 
A 1 98  VAL 98  94  94  VAL VAL A . n 
A 1 99  CYS 99  95  95  CYS CYS A . n 
A 1 100 GLU 100 96  96  GLU GLU A . n 
A 1 101 GLN 101 97  97  GLN GLN A . n 
A 1 102 LYS 102 98  98  LYS LYS A . n 
A 1 103 LEU 103 99  99  LEU LEU A . n 
A 1 104 LEU 104 100 100 LEU LEU A . n 
A 1 105 LYS 105 101 101 LYS LYS A . n 
A 1 106 GLY 106 102 102 GLY GLY A . n 
A 1 107 GLU 107 103 103 GLU GLU A . n 
A 1 108 GLY 108 104 104 GLY GLY A . n 
A 1 109 PRO 109 105 105 PRO PRO A . n 
A 1 110 LYS 110 106 106 LYS LYS A . n 
A 1 111 THR 111 107 107 THR THR A . n 
A 1 112 SER 112 108 108 SER SER A . n 
A 1 113 TRP 113 109 109 TRP TRP A . n 
A 1 114 THR 114 110 110 THR THR A . n 
A 1 115 LYS 115 111 111 LYS LYS A . n 
A 1 116 GLU 116 112 112 GLU GLU A . n 
A 1 117 LEU 117 113 113 LEU LEU A . n 
A 1 118 THR 118 114 114 THR THR A . n 
A 1 119 ASN 119 115 115 ASN ASN A . n 
A 1 120 ASP 120 116 116 ASP ASP A . n 
A 1 121 GLY 121 117 117 GLY GLY A . n 
A 1 122 GLU 122 118 118 GLU GLU A . n 
A 1 123 LEU 123 119 119 LEU LEU A . n 
A 1 124 ILE 124 120 120 ILE ILE A . n 
A 1 125 LEU 125 121 121 LEU LEU A . n 
A 1 126 THR 126 122 122 THR THR A . n 
A 1 127 MET 127 123 123 MET MET A . n 
A 1 128 THR 128 124 124 THR THR A . n 
A 1 129 ALA 129 125 125 ALA ALA A . n 
A 1 130 ASP 130 126 126 ASP ASP A . n 
A 1 131 ASP 131 127 127 ASP ASP A . n 
A 1 132 VAL 132 128 128 VAL VAL A . n 
A 1 133 VAL 133 129 129 VAL VAL A . n 
A 1 134 CYS 134 130 130 CYS CYS A . n 
A 1 135 THR 135 131 131 THR THR A . n 
A 1 136 GLN 136 132 132 GLN GLN A . n 
A 1 137 VAL 137 133 133 VAL VAL A . n 
A 1 138 PHE 138 134 134 PHE PHE A . n 
A 1 139 VAL 139 135 135 VAL VAL A . n 
A 1 140 ARG 140 136 136 ARG ARG A . n 
A 1 141 GLU 141 137 137 GLU GLU A . n 
# 
_pdbx_entity_instance_feature.ordinal        1 
_pdbx_entity_instance_feature.comp_id        A1IQ1 
_pdbx_entity_instance_feature.asym_id        ? 
_pdbx_entity_instance_feature.seq_num        ? 
_pdbx_entity_instance_feature.auth_comp_id   A1IQ1 
_pdbx_entity_instance_feature.auth_asym_id   ? 
_pdbx_entity_instance_feature.auth_seq_num   ? 
_pdbx_entity_instance_feature.feature_type   'SUBJECT OF INVESTIGATION' 
_pdbx_entity_instance_feature.details        ? 
# 
loop_
_pdbx_nonpoly_scheme.asym_id 
_pdbx_nonpoly_scheme.entity_id 
_pdbx_nonpoly_scheme.mon_id 
_pdbx_nonpoly_scheme.ndb_seq_num 
_pdbx_nonpoly_scheme.pdb_seq_num 
_pdbx_nonpoly_scheme.auth_seq_num 
_pdbx_nonpoly_scheme.pdb_mon_id 
_pdbx_nonpoly_scheme.auth_mon_id 
_pdbx_nonpoly_scheme.pdb_strand_id 
_pdbx_nonpoly_scheme.pdb_ins_code 
B 2 A1IQ1 1  201 201 A1IQ1 00Y A . 
C 3 HOH   1  301 2   HOH   HOH A . 
C 3 HOH   2  302 14  HOH   HOH A . 
C 3 HOH   3  303 3   HOH   HOH A . 
C 3 HOH   4  304 9   HOH   HOH A . 
C 3 HOH   5  305 10  HOH   HOH A . 
C 3 HOH   6  306 1   HOH   HOH A . 
C 3 HOH   7  307 6   HOH   HOH A . 
C 3 HOH   8  308 4   HOH   HOH A . 
C 3 HOH   9  309 5   HOH   HOH A . 
C 3 HOH   10 310 8   HOH   HOH A . 
C 3 HOH   11 311 15  HOH   HOH A . 
C 3 HOH   12 312 12  HOH   HOH A . 
C 3 HOH   13 313 13  HOH   HOH A . 
C 3 HOH   14 314 11  HOH   HOH A . 
C 3 HOH   15 315 7   HOH   HOH A . 
# 
loop_
_pdbx_unobs_or_zero_occ_atoms.id 
_pdbx_unobs_or_zero_occ_atoms.PDB_model_num 
_pdbx_unobs_or_zero_occ_atoms.polymer_flag 
_pdbx_unobs_or_zero_occ_atoms.occupancy_flag 
_pdbx_unobs_or_zero_occ_atoms.auth_asym_id 
_pdbx_unobs_or_zero_occ_atoms.auth_comp_id 
_pdbx_unobs_or_zero_occ_atoms.auth_seq_id 
_pdbx_unobs_or_zero_occ_atoms.PDB_ins_code 
_pdbx_unobs_or_zero_occ_atoms.auth_atom_id 
_pdbx_unobs_or_zero_occ_atoms.label_alt_id 
_pdbx_unobs_or_zero_occ_atoms.label_asym_id 
_pdbx_unobs_or_zero_occ_atoms.label_comp_id 
_pdbx_unobs_or_zero_occ_atoms.label_seq_id 
_pdbx_unobs_or_zero_occ_atoms.label_atom_id 
1  1 Y 1 A LYS   8   ? CG  ? A LYS   12  CG  
2  1 Y 1 A LYS   8   ? CD  ? A LYS   12  CD  
3  1 Y 1 A LYS   8   ? CE  ? A LYS   12  CE  
4  1 Y 1 A LYS   8   ? NZ  ? A LYS   12  NZ  
5  1 Y 1 A GLU   13  ? CD  ? A GLU   17  CD  
6  1 Y 1 A GLU   13  ? OE1 ? A GLU   17  OE1 
7  1 Y 1 A GLU   13  ? OE2 ? A GLU   17  OE2 
8  1 Y 1 A LYS   38  ? CD  ? A LYS   42  CD  
9  1 Y 1 A LYS   38  ? CE  ? A LYS   42  CE  
10 1 Y 1 A LYS   38  ? NZ  ? A LYS   42  NZ  
11 1 Y 1 A LYS   44  ? CG  ? A LYS   48  CG  
12 1 Y 1 A LYS   44  ? CD  ? A LYS   48  CD  
13 1 Y 1 A LYS   44  ? CE  ? A LYS   48  CE  
14 1 Y 1 A LYS   44  ? NZ  ? A LYS   48  NZ  
15 1 Y 1 A GLU   46  ? CG  ? A GLU   50  CG  
16 1 Y 1 A GLU   46  ? CD  ? A GLU   50  CD  
17 1 Y 1 A GLU   46  ? OE1 ? A GLU   50  OE1 
18 1 Y 1 A GLU   46  ? OE2 ? A GLU   50  OE2 
19 1 Y 1 A LYS   53  ? CE  ? A LYS   57  CE  
20 1 Y 1 A LYS   53  ? NZ  ? A LYS   57  NZ  
21 1 Y 1 A GLU   72  ? CG  ? A GLU   76  CG  
22 1 Y 1 A GLU   72  ? CD  ? A GLU   76  CD  
23 1 Y 1 A GLU   72  ? OE1 ? A GLU   76  OE1 
24 1 Y 1 A GLU   72  ? OE2 ? A GLU   76  OE2 
25 1 Y 1 A GLN   74  ? CD  ? A GLN   78  CD  
26 1 Y 1 A GLN   74  ? OE1 ? A GLN   78  OE1 
27 1 Y 1 A GLN   74  ? NE2 ? A GLN   78  NE2 
28 1 Y 1 A LYS   82  ? CG  ? A LYS   86  CG  
29 1 Y 1 A LYS   82  ? CD  ? A LYS   86  CD  
30 1 Y 1 A LYS   82  ? CE  ? A LYS   86  CE  
31 1 Y 1 A LYS   82  ? NZ  ? A LYS   86  NZ  
32 1 Y 1 A GLU   96  ? CG  ? A GLU   100 CG  
33 1 Y 1 A GLU   96  ? CD  ? A GLU   100 CD  
34 1 Y 1 A GLU   96  ? OE1 ? A GLU   100 OE1 
35 1 Y 1 A GLU   96  ? OE2 ? A GLU   100 OE2 
36 1 Y 1 A LYS   98  ? CG  ? A LYS   102 CG  
37 1 Y 1 A LYS   98  ? CD  ? A LYS   102 CD  
38 1 Y 1 A LYS   98  ? CE  ? A LYS   102 CE  
39 1 Y 1 A LYS   98  ? NZ  ? A LYS   102 NZ  
40 1 Y 1 A LYS   101 ? CG  ? A LYS   105 CG  
41 1 Y 1 A LYS   101 ? CD  ? A LYS   105 CD  
42 1 Y 1 A LYS   101 ? CE  ? A LYS   105 CE  
43 1 Y 1 A LYS   101 ? NZ  ? A LYS   105 NZ  
44 1 Y 1 A GLU   103 ? CG  ? A GLU   107 CG  
45 1 Y 1 A GLU   103 ? CD  ? A GLU   107 CD  
46 1 Y 1 A GLU   103 ? OE1 ? A GLU   107 OE1 
47 1 Y 1 A GLU   103 ? OE2 ? A GLU   107 OE2 
48 1 Y 1 A LYS   106 ? CD  ? A LYS   110 CD  
49 1 Y 1 A LYS   106 ? CE  ? A LYS   110 CE  
50 1 Y 1 A LYS   106 ? NZ  ? A LYS   110 NZ  
51 1 Y 1 A ASP   127 ? CG  ? A ASP   131 CG  
52 1 Y 1 A ASP   127 ? OD1 ? A ASP   131 OD1 
53 1 Y 1 A ASP   127 ? OD2 ? A ASP   131 OD2 
54 1 Y 1 A GLU   137 ? CG  ? A GLU   141 CG  
55 1 Y 1 A GLU   137 ? CD  ? A GLU   141 CD  
56 1 Y 1 A GLU   137 ? OE1 ? A GLU   141 OE1 
57 1 Y 1 A GLU   137 ? OE2 ? A GLU   141 OE2 
58 1 N 1 A A1IQ1 201 ? C1  ? B A1IQ1 1   C1  
59 1 N 1 A A1IQ1 201 ? O1  ? B A1IQ1 1   O1  
60 1 N 1 A A1IQ1 201 ? C3  ? B A1IQ1 1   C3  
# 
loop_
_software.citation_id 
_software.classification 
_software.compiler_name 
_software.compiler_version 
_software.contact_author 
_software.contact_author_email 
_software.date 
_software.description 
_software.dependencies 
_software.hardware 
_software.language 
_software.location 
_software.mods 
_software.name 
_software.os 
_software.os_version 
_software.type 
_software.version 
_software.pdbx_ordinal 
? refinement       ? ? ? ? ? ? ? ? ? ? ? REFMAC ? ? ? 5.8.0267 1 
? 'data reduction' ? ? ? ? ? ? ? ? ? ? ? XDS    ? ? ? .        2 
? 'data scaling'   ? ? ? ? ? ? ? ? ? ? ? SCALA  ? ? ? .        3 
? phasing          ? ? ? ? ? ? ? ? ? ? ? REFMAC ? ? ? .        4 
# 
_cell.angle_alpha                  90.00 
_cell.angle_alpha_esd              ? 
_cell.angle_beta                   90.00 
_cell.angle_beta_esd               ? 
_cell.angle_gamma                  120.00 
_cell.angle_gamma_esd              ? 
_cell.entry_id                     9GW0 
_cell.details                      ? 
_cell.formula_units_Z              ? 
_cell.length_a                     57.836 
_cell.length_a_esd                 ? 
_cell.length_b                     57.836 
_cell.length_b_esd                 ? 
_cell.length_c                     101.900 
_cell.length_c_esd                 ? 
_cell.volume                       ? 
_cell.volume_esd                   ? 
_cell.Z_PDB                        6 
_cell.reciprocal_angle_alpha       ? 
_cell.reciprocal_angle_beta        ? 
_cell.reciprocal_angle_gamma       ? 
_cell.reciprocal_angle_alpha_esd   ? 
_cell.reciprocal_angle_beta_esd    ? 
_cell.reciprocal_angle_gamma_esd   ? 
_cell.reciprocal_length_a          ? 
_cell.reciprocal_length_b          ? 
_cell.reciprocal_length_c          ? 
_cell.reciprocal_length_a_esd      ? 
_cell.reciprocal_length_b_esd      ? 
_cell.reciprocal_length_c_esd      ? 
_cell.pdbx_unique_axis             ? 
_cell.pdbx_esd_method              ? 
# 
_symmetry.entry_id                         9GW0 
_symmetry.cell_setting                     ? 
_symmetry.Int_Tables_number                152 
_symmetry.space_group_name_Hall            ? 
_symmetry.space_group_name_H-M             'P 31 2 1' 
_symmetry.pdbx_full_space_group_name_H-M   ? 
# 
_exptl.absorpt_coefficient_mu     ? 
_exptl.absorpt_correction_T_max   ? 
_exptl.absorpt_correction_T_min   ? 
_exptl.absorpt_correction_type    ? 
_exptl.absorpt_process_details    ? 
_exptl.entry_id                   9GW0 
_exptl.crystals_number            1 
_exptl.details                    ? 
_exptl.method                     'X-RAY DIFFRACTION' 
_exptl.method_details             ? 
# 
_exptl_crystal.colour                       ? 
_exptl_crystal.density_diffrn               ? 
_exptl_crystal.density_Matthews             3.17 
_exptl_crystal.density_method               ? 
_exptl_crystal.density_percent_sol          61.21 
_exptl_crystal.description                  ? 
_exptl_crystal.F_000                        ? 
_exptl_crystal.id                           1 
_exptl_crystal.preparation                  ? 
_exptl_crystal.size_max                     ? 
_exptl_crystal.size_mid                     ? 
_exptl_crystal.size_min                     ? 
_exptl_crystal.size_rad                     ? 
_exptl_crystal.colour_lustre                ? 
_exptl_crystal.colour_modifier              ? 
_exptl_crystal.colour_primary               ? 
_exptl_crystal.density_meas                 ? 
_exptl_crystal.density_meas_esd             ? 
_exptl_crystal.density_meas_gt              ? 
_exptl_crystal.density_meas_lt              ? 
_exptl_crystal.density_meas_temp            ? 
_exptl_crystal.density_meas_temp_esd        ? 
_exptl_crystal.density_meas_temp_gt         ? 
_exptl_crystal.density_meas_temp_lt         ? 
_exptl_crystal.pdbx_crystal_image_url       ? 
_exptl_crystal.pdbx_crystal_image_format    ? 
_exptl_crystal.pdbx_mosaicity               ? 
_exptl_crystal.pdbx_mosaicity_esd           ? 
_exptl_crystal.pdbx_mosaic_method           ? 
_exptl_crystal.pdbx_mosaic_block_size       ? 
_exptl_crystal.pdbx_mosaic_block_size_esd   ? 
# 
_exptl_crystal_grow.apparatus       ? 
_exptl_crystal_grow.atmosphere      ? 
_exptl_crystal_grow.crystal_id      1 
_exptl_crystal_grow.details         ? 
_exptl_crystal_grow.method          'VAPOR DIFFUSION, HANGING DROP' 
_exptl_crystal_grow.method_ref      ? 
_exptl_crystal_grow.pH              7.0 
_exptl_crystal_grow.pressure        ? 
_exptl_crystal_grow.pressure_esd    ? 
_exptl_crystal_grow.seeding         ? 
_exptl_crystal_grow.seeding_ref     ? 
_exptl_crystal_grow.temp_details    ? 
_exptl_crystal_grow.temp_esd        ? 
_exptl_crystal_grow.time            ? 
_exptl_crystal_grow.pdbx_details    '0.2 M sodium malonate pH 7 and 20% w/v polyethylene glycol 3.350' 
_exptl_crystal_grow.pdbx_pH_range   ? 
_exptl_crystal_grow.temp            281 
# 
_diffrn.ambient_environment              ? 
_diffrn.ambient_temp                     100 
_diffrn.ambient_temp_details             ? 
_diffrn.ambient_temp_esd                 ? 
_diffrn.crystal_id                       1 
_diffrn.crystal_support                  ? 
_diffrn.crystal_treatment                ? 
_diffrn.details                          ? 
_diffrn.id                               1 
_diffrn.ambient_pressure                 ? 
_diffrn.ambient_pressure_esd             ? 
_diffrn.ambient_pressure_gt              ? 
_diffrn.ambient_pressure_lt              ? 
_diffrn.ambient_temp_gt                  ? 
_diffrn.ambient_temp_lt                  ? 
_diffrn.pdbx_serial_crystal_experiment   N 
# 
_diffrn_detector.details                      ? 
_diffrn_detector.detector                     PIXEL 
_diffrn_detector.diffrn_id                    1 
_diffrn_detector.type                         'DECTRIS EIGER2 XE 16M' 
_diffrn_detector.area_resol_mean              ? 
_diffrn_detector.dtime                        ? 
_diffrn_detector.pdbx_frames_total            ? 
_diffrn_detector.pdbx_collection_time_total   ? 
_diffrn_detector.pdbx_collection_date         2022-11-29 
_diffrn_detector.pdbx_frequency               ? 
_diffrn_detector.id                           ? 
_diffrn_detector.number_of_axes               ? 
# 
_diffrn_radiation.collimation                      ? 
_diffrn_radiation.diffrn_id                        1 
_diffrn_radiation.filter_edge                      ? 
_diffrn_radiation.inhomogeneity                    ? 
_diffrn_radiation.monochromator                    'Si(111)' 
_diffrn_radiation.polarisn_norm                    ? 
_diffrn_radiation.polarisn_ratio                   ? 
_diffrn_radiation.probe                            ? 
_diffrn_radiation.type                             ? 
_diffrn_radiation.xray_symbol                      ? 
_diffrn_radiation.wavelength_id                    1 
_diffrn_radiation.pdbx_monochromatic_or_laue_m_l   M 
_diffrn_radiation.pdbx_wavelength_list             ? 
_diffrn_radiation.pdbx_wavelength                  ? 
_diffrn_radiation.pdbx_diffrn_protocol             'SINGLE WAVELENGTH' 
_diffrn_radiation.pdbx_analyzer                    ? 
_diffrn_radiation.pdbx_scattering_type             x-ray 
# 
_diffrn_radiation_wavelength.id           1 
_diffrn_radiation_wavelength.wavelength   0.953738 
_diffrn_radiation_wavelength.wt           1.0 
# 
_diffrn_source.current                     ? 
_diffrn_source.details                     ? 
_diffrn_source.diffrn_id                   1 
_diffrn_source.power                       ? 
_diffrn_source.size                        ? 
_diffrn_source.source                      SYNCHROTRON 
_diffrn_source.target                      ? 
_diffrn_source.type                        'DIAMOND BEAMLINE I04' 
_diffrn_source.voltage                     ? 
_diffrn_source.take-off_angle              ? 
_diffrn_source.pdbx_wavelength_list        0.953738 
_diffrn_source.pdbx_wavelength             ? 
_diffrn_source.pdbx_synchrotron_beamline   I04 
_diffrn_source.pdbx_synchrotron_site       Diamond 
# 
_reflns.B_iso_Wilson_estimate                          58.9 
_reflns.entry_id                                       9GW0 
_reflns.data_reduction_details                         ? 
_reflns.data_reduction_method                          ? 
_reflns.d_resolution_high                              2.40 
_reflns.d_resolution_low                               50.09 
_reflns.details                                        ? 
_reflns.limit_h_max                                    ? 
_reflns.limit_h_min                                    ? 
_reflns.limit_k_max                                    ? 
_reflns.limit_k_min                                    ? 
_reflns.limit_l_max                                    ? 
_reflns.limit_l_min                                    ? 
_reflns.number_all                                     ? 
_reflns.number_obs                                     8156 
_reflns.observed_criterion                             ? 
_reflns.observed_criterion_F_max                       ? 
_reflns.observed_criterion_F_min                       ? 
_reflns.observed_criterion_I_max                       ? 
_reflns.observed_criterion_I_min                       ? 
_reflns.observed_criterion_sigma_F                     ? 
_reflns.observed_criterion_sigma_I                     ? 
_reflns.percent_possible_obs                           100.0 
_reflns.R_free_details                                 ? 
_reflns.Rmerge_F_all                                   ? 
_reflns.Rmerge_F_obs                                   ? 
_reflns.Friedel_coverage                               ? 
_reflns.number_gt                                      ? 
_reflns.threshold_expression                           ? 
_reflns.pdbx_redundancy                                10.9 
_reflns.pdbx_netI_over_av_sigmaI                       ? 
_reflns.pdbx_netI_over_sigmaI                          14.8 
_reflns.pdbx_res_netI_over_av_sigmaI_2                 ? 
_reflns.pdbx_res_netI_over_sigmaI_2                    ? 
_reflns.pdbx_chi_squared                               ? 
_reflns.pdbx_scaling_rejects                           ? 
_reflns.pdbx_d_res_high_opt                            ? 
_reflns.pdbx_d_res_low_opt                             ? 
_reflns.pdbx_d_res_opt_method                          ? 
_reflns.phase_calculation_details                      ? 
_reflns.pdbx_Rrim_I_all                                0.083 
_reflns.pdbx_Rpim_I_all                                0.025 
_reflns.pdbx_d_opt                                     ? 
_reflns.pdbx_number_measured_all                       ? 
_reflns.pdbx_diffrn_id                                 1 
_reflns.pdbx_ordinal                                   1 
_reflns.pdbx_CC_half                                   0.998 
_reflns.pdbx_CC_star                                   ? 
_reflns.pdbx_R_split                                   ? 
_reflns.pdbx_Rmerge_I_obs                              0.078 
_reflns.pdbx_Rmerge_I_all                              ? 
_reflns.pdbx_Rsym_value                                ? 
_reflns.pdbx_CC_split_method                           ? 
_reflns.pdbx_aniso_diffraction_limit_axis_1_ortho[1]   ? 
_reflns.pdbx_aniso_diffraction_limit_axis_1_ortho[2]   ? 
_reflns.pdbx_aniso_diffraction_limit_axis_1_ortho[3]   ? 
_reflns.pdbx_aniso_diffraction_limit_axis_2_ortho[1]   ? 
_reflns.pdbx_aniso_diffraction_limit_axis_2_ortho[2]   ? 
_reflns.pdbx_aniso_diffraction_limit_axis_2_ortho[3]   ? 
_reflns.pdbx_aniso_diffraction_limit_axis_3_ortho[1]   ? 
_reflns.pdbx_aniso_diffraction_limit_axis_3_ortho[2]   ? 
_reflns.pdbx_aniso_diffraction_limit_axis_3_ortho[3]   ? 
_reflns.pdbx_aniso_diffraction_limit_1                 ? 
_reflns.pdbx_aniso_diffraction_limit_2                 ? 
_reflns.pdbx_aniso_diffraction_limit_3                 ? 
_reflns.pdbx_aniso_B_tensor_eigenvector_1_ortho[1]     ? 
_reflns.pdbx_aniso_B_tensor_eigenvector_1_ortho[2]     ? 
_reflns.pdbx_aniso_B_tensor_eigenvector_1_ortho[3]     ? 
_reflns.pdbx_aniso_B_tensor_eigenvector_2_ortho[1]     ? 
_reflns.pdbx_aniso_B_tensor_eigenvector_2_ortho[2]     ? 
_reflns.pdbx_aniso_B_tensor_eigenvector_2_ortho[3]     ? 
_reflns.pdbx_aniso_B_tensor_eigenvector_3_ortho[1]     ? 
_reflns.pdbx_aniso_B_tensor_eigenvector_3_ortho[2]     ? 
_reflns.pdbx_aniso_B_tensor_eigenvector_3_ortho[3]     ? 
_reflns.pdbx_aniso_B_tensor_eigenvalue_1               ? 
_reflns.pdbx_aniso_B_tensor_eigenvalue_2               ? 
_reflns.pdbx_aniso_B_tensor_eigenvalue_3               ? 
_reflns.pdbx_orthogonalization_convention              ? 
_reflns.pdbx_percent_possible_ellipsoidal              ? 
_reflns.pdbx_percent_possible_spherical                ? 
_reflns.pdbx_percent_possible_ellipsoidal_anomalous    ? 
_reflns.pdbx_percent_possible_spherical_anomalous      ? 
_reflns.pdbx_redundancy_anomalous                      ? 
_reflns.pdbx_CC_half_anomalous                         ? 
_reflns.pdbx_absDiff_over_sigma_anomalous              ? 
_reflns.pdbx_percent_possible_anomalous                ? 
_reflns.pdbx_observed_signal_threshold                 ? 
_reflns.pdbx_signal_type                               ? 
_reflns.pdbx_signal_details                            ? 
_reflns.pdbx_signal_software_id                        ? 
# 
_reflns_shell.d_res_high                                    2.40 
_reflns_shell.d_res_low                                     2.53 
_reflns_shell.meanI_over_sigI_all                           ? 
_reflns_shell.meanI_over_sigI_obs                           2.5 
_reflns_shell.number_measured_all                           ? 
_reflns_shell.number_measured_obs                           ? 
_reflns_shell.number_possible                               ? 
_reflns_shell.number_unique_all                             ? 
_reflns_shell.number_unique_obs                             1158 
_reflns_shell.percent_possible_obs                          ? 
_reflns_shell.Rmerge_F_all                                  ? 
_reflns_shell.Rmerge_F_obs                                  ? 
_reflns_shell.meanI_over_sigI_gt                            ? 
_reflns_shell.meanI_over_uI_all                             ? 
_reflns_shell.meanI_over_uI_gt                              ? 
_reflns_shell.number_measured_gt                            ? 
_reflns_shell.number_unique_gt                              ? 
_reflns_shell.percent_possible_gt                           ? 
_reflns_shell.Rmerge_F_gt                                   ? 
_reflns_shell.Rmerge_I_gt                                   ? 
_reflns_shell.pdbx_redundancy                               11.2 
_reflns_shell.pdbx_chi_squared                              ? 
_reflns_shell.pdbx_netI_over_sigmaI_all                     ? 
_reflns_shell.pdbx_netI_over_sigmaI_obs                     ? 
_reflns_shell.pdbx_Rrim_I_all                               1.160 
_reflns_shell.pdbx_Rpim_I_all                               0.342 
_reflns_shell.pdbx_rejects                                  ? 
_reflns_shell.pdbx_ordinal                                  1 
_reflns_shell.pdbx_diffrn_id                                1 
_reflns_shell.pdbx_CC_half                                  0.915 
_reflns_shell.pdbx_CC_star                                  ? 
_reflns_shell.pdbx_R_split                                  ? 
_reflns_shell.percent_possible_all                          100.0 
_reflns_shell.Rmerge_I_all                                  ? 
_reflns_shell.Rmerge_I_obs                                  1.107 
_reflns_shell.pdbx_Rsym_value                               ? 
_reflns_shell.pdbx_percent_possible_ellipsoidal             ? 
_reflns_shell.pdbx_percent_possible_spherical               ? 
_reflns_shell.pdbx_percent_possible_ellipsoidal_anomalous   ? 
_reflns_shell.pdbx_percent_possible_spherical_anomalous     ? 
_reflns_shell.pdbx_redundancy_anomalous                     ? 
_reflns_shell.pdbx_CC_half_anomalous                        ? 
_reflns_shell.pdbx_absDiff_over_sigma_anomalous             ? 
_reflns_shell.pdbx_percent_possible_anomalous               ? 
# 
_refine.aniso_B[1][1]                            0.04 
_refine.aniso_B[1][2]                            0.02 
_refine.aniso_B[1][3]                            -0.00 
_refine.aniso_B[2][2]                            0.04 
_refine.aniso_B[2][3]                            -0.00 
_refine.aniso_B[3][3]                            -0.15 
_refine.B_iso_max                                ? 
_refine.B_iso_mean                               67.938 
_refine.B_iso_min                                ? 
_refine.correlation_coeff_Fo_to_Fc               0.963 
_refine.correlation_coeff_Fo_to_Fc_free          0.919 
_refine.details                                  ? 
_refine.diff_density_max                         ? 
_refine.diff_density_max_esd                     ? 
_refine.diff_density_min                         ? 
_refine.diff_density_min_esd                     ? 
_refine.diff_density_rms                         ? 
_refine.diff_density_rms_esd                     ? 
_refine.entry_id                                 9GW0 
_refine.pdbx_refine_id                           'X-RAY DIFFRACTION' 
_refine.ls_abs_structure_details                 ? 
_refine.ls_abs_structure_Flack                   ? 
_refine.ls_abs_structure_Flack_esd               ? 
_refine.ls_abs_structure_Rogers                  ? 
_refine.ls_abs_structure_Rogers_esd              ? 
_refine.ls_d_res_high                            2.40 
_refine.ls_d_res_low                             44.99 
_refine.ls_extinction_coef                       ? 
_refine.ls_extinction_coef_esd                   ? 
_refine.ls_extinction_expression                 ? 
_refine.ls_extinction_method                     ? 
_refine.ls_goodness_of_fit_all                   ? 
_refine.ls_goodness_of_fit_all_esd               ? 
_refine.ls_goodness_of_fit_obs                   ? 
_refine.ls_goodness_of_fit_obs_esd               ? 
_refine.ls_hydrogen_treatment                    ? 
_refine.ls_matrix_type                           ? 
_refine.ls_number_constraints                    ? 
_refine.ls_number_parameters                     ? 
_refine.ls_number_reflns_all                     ? 
_refine.ls_number_reflns_obs                     7684 
_refine.ls_number_reflns_R_free                  452 
_refine.ls_number_reflns_R_work                  ? 
_refine.ls_number_restraints                     ? 
_refine.ls_percent_reflns_obs                    99.93 
_refine.ls_percent_reflns_R_free                 5.6 
_refine.ls_R_factor_all                          ? 
_refine.ls_R_factor_obs                          0.20595 
_refine.ls_R_factor_R_free                       0.28117 
_refine.ls_R_factor_R_free_error                 ? 
_refine.ls_R_factor_R_free_error_details         ? 
_refine.ls_R_factor_R_work                       0.20123 
_refine.ls_R_Fsqd_factor_obs                     ? 
_refine.ls_R_I_factor_obs                        ? 
_refine.ls_redundancy_reflns_all                 ? 
_refine.ls_redundancy_reflns_obs                 ? 
_refine.ls_restrained_S_all                      ? 
_refine.ls_restrained_S_obs                      ? 
_refine.ls_shift_over_esd_max                    ? 
_refine.ls_shift_over_esd_mean                   ? 
_refine.ls_structure_factor_coef                 ? 
_refine.ls_weighting_details                     ? 
_refine.ls_weighting_scheme                      ? 
_refine.ls_wR_factor_all                         ? 
_refine.ls_wR_factor_obs                         ? 
_refine.ls_wR_factor_R_free                      ? 
_refine.ls_wR_factor_R_work                      ? 
_refine.occupancy_max                            ? 
_refine.occupancy_min                            ? 
_refine.solvent_model_details                    MASK 
_refine.solvent_model_param_bsol                 ? 
_refine.solvent_model_param_ksol                 ? 
_refine.pdbx_R_complete                          ? 
_refine.ls_R_factor_gt                           ? 
_refine.ls_goodness_of_fit_gt                    ? 
_refine.ls_goodness_of_fit_ref                   ? 
_refine.ls_shift_over_su_max                     ? 
_refine.ls_shift_over_su_max_lt                  ? 
_refine.ls_shift_over_su_mean                    ? 
_refine.ls_shift_over_su_mean_lt                 ? 
_refine.pdbx_ls_sigma_I                          ? 
_refine.pdbx_ls_sigma_F                          ? 
_refine.pdbx_ls_sigma_Fsqd                       ? 
_refine.pdbx_data_cutoff_high_absF               ? 
_refine.pdbx_data_cutoff_high_rms_absF           ? 
_refine.pdbx_data_cutoff_low_absF                ? 
_refine.pdbx_isotropic_thermal_model             ? 
_refine.pdbx_ls_cross_valid_method               THROUGHOUT 
_refine.pdbx_method_to_determine_struct          'MOLECULAR REPLACEMENT' 
_refine.pdbx_starting_model                      ? 
_refine.pdbx_stereochemistry_target_values       'MAXIMUM LIKELIHOOD' 
_refine.pdbx_R_Free_selection_details            RANDOM 
_refine.pdbx_stereochem_target_val_spec_case     ? 
_refine.pdbx_overall_ESU_R                       0.277 
_refine.pdbx_overall_ESU_R_Free                  0.257 
_refine.pdbx_solvent_vdw_probe_radii             1.20 
_refine.pdbx_solvent_ion_probe_radii             0.80 
_refine.pdbx_solvent_shrinkage_radii             0.80 
_refine.pdbx_real_space_R                        ? 
_refine.pdbx_density_correlation                 ? 
_refine.pdbx_pd_number_of_powder_patterns        ? 
_refine.pdbx_pd_number_of_points                 ? 
_refine.pdbx_pd_meas_number_of_points            ? 
_refine.pdbx_pd_proc_ls_prof_R_factor            ? 
_refine.pdbx_pd_proc_ls_prof_wR_factor           ? 
_refine.pdbx_pd_Marquardt_correlation_coeff      ? 
_refine.pdbx_pd_Fsqrd_R_factor                   ? 
_refine.pdbx_pd_ls_matrix_band_width             ? 
_refine.pdbx_overall_phase_error                 ? 
_refine.pdbx_overall_SU_R_free_Cruickshank_DPI   ? 
_refine.pdbx_overall_SU_R_free_Blow_DPI          ? 
_refine.pdbx_overall_SU_R_Blow_DPI               ? 
_refine.pdbx_TLS_residual_ADP_flag               ? 
_refine.pdbx_diffrn_id                           1 
_refine.overall_SU_B                             11.082 
_refine.overall_SU_ML                            0.235 
_refine.overall_SU_R_Cruickshank_DPI             ? 
_refine.overall_SU_R_free                        ? 
_refine.overall_FOM_free_R_set                   ? 
_refine.overall_FOM_work_R_set                   ? 
_refine.pdbx_average_fsc_overall                 ? 
_refine.pdbx_average_fsc_work                    ? 
_refine.pdbx_average_fsc_free                    ? 
# 
_refine_analyze.entry_id                        9GW0 
_refine_analyze.pdbx_refine_id                  'X-RAY DIFFRACTION' 
_refine_analyze.Luzzati_coordinate_error_free   ? 
_refine_analyze.Luzzati_coordinate_error_obs    0.3821 
_refine_analyze.Luzzati_d_res_low_free          ? 
_refine_analyze.Luzzati_d_res_low_obs           ? 
_refine_analyze.Luzzati_sigma_a_free            ? 
_refine_analyze.Luzzati_sigma_a_free_details    ? 
_refine_analyze.Luzzati_sigma_a_obs             ? 
_refine_analyze.Luzzati_sigma_a_obs_details     ? 
_refine_analyze.number_disordered_residues      ? 
_refine_analyze.occupancy_sum_hydrogen          ? 
_refine_analyze.occupancy_sum_non_hydrogen      ? 
_refine_analyze.RG_d_res_high                   ? 
_refine_analyze.RG_d_res_low                    ? 
_refine_analyze.RG_free                         ? 
_refine_analyze.RG_work                         ? 
_refine_analyze.RG_free_work_ratio              ? 
_refine_analyze.pdbx_Luzzati_d_res_high_obs     ? 
# 
_refine_hist.pdbx_refine_id                   'X-RAY DIFFRACTION' 
_refine_hist.cycle_id                         1 
_refine_hist.details                          ? 
_refine_hist.d_res_high                       2.40 
_refine_hist.d_res_low                        44.99 
_refine_hist.number_atoms_solvent             15 
_refine_hist.number_atoms_total               1072 
_refine_hist.number_reflns_all                ? 
_refine_hist.number_reflns_obs                ? 
_refine_hist.number_reflns_R_free             ? 
_refine_hist.number_reflns_R_work             ? 
_refine_hist.R_factor_all                     ? 
_refine_hist.R_factor_obs                     ? 
_refine_hist.R_factor_R_free                  ? 
_refine_hist.R_factor_R_work                  ? 
_refine_hist.pdbx_number_residues_total       ? 
_refine_hist.pdbx_B_iso_mean_ligand           ? 
_refine_hist.pdbx_B_iso_mean_solvent          ? 
_refine_hist.pdbx_number_atoms_protein        1043 
_refine_hist.pdbx_number_atoms_nucleic_acid   0 
_refine_hist.pdbx_number_atoms_ligand         14 
_refine_hist.pdbx_number_atoms_lipid          ? 
_refine_hist.pdbx_number_atoms_carb           ? 
_refine_hist.pdbx_pseudo_atom_details         ? 
# 
loop_
_refine_ls_restr.pdbx_refine_id 
_refine_ls_restr.criterion 
_refine_ls_restr.dev_ideal 
_refine_ls_restr.dev_ideal_target 
_refine_ls_restr.number 
_refine_ls_restr.rejects 
_refine_ls_restr.type 
_refine_ls_restr.weight 
_refine_ls_restr.pdbx_restraint_function 
'X-RAY DIFFRACTION' ? 0.007  0.012  1075 ? r_bond_refined_d             ? ? 
'X-RAY DIFFRACTION' ? ?      ?      ?    ? r_bond_other_d               ? ? 
'X-RAY DIFFRACTION' ? 1.715  1.653  1460 ? r_angle_refined_deg          ? ? 
'X-RAY DIFFRACTION' ? ?      ?      ?    ? r_angle_other_deg            ? ? 
'X-RAY DIFFRACTION' ? 8.064  5.000  137  ? r_dihedral_angle_1_deg       ? ? 
'X-RAY DIFFRACTION' ? 33.402 23.778 45   ? r_dihedral_angle_2_deg       ? ? 
'X-RAY DIFFRACTION' ? 17.768 15.000 176  ? r_dihedral_angle_3_deg       ? ? 
'X-RAY DIFFRACTION' ? 19.224 15.000 4    ? r_dihedral_angle_4_deg       ? ? 
'X-RAY DIFFRACTION' ? 0.127  0.200  149  ? r_chiral_restr               ? ? 
'X-RAY DIFFRACTION' ? 0.007  0.020  799  ? r_gen_planes_refined         ? ? 
'X-RAY DIFFRACTION' ? ?      ?      ?    ? r_gen_planes_other           ? ? 
'X-RAY DIFFRACTION' ? ?      ?      ?    ? r_nbd_refined                ? ? 
'X-RAY DIFFRACTION' ? ?      ?      ?    ? r_nbd_other                  ? ? 
'X-RAY DIFFRACTION' ? ?      ?      ?    ? r_nbtor_refined              ? ? 
'X-RAY DIFFRACTION' ? ?      ?      ?    ? r_nbtor_other                ? ? 
'X-RAY DIFFRACTION' ? ?      ?      ?    ? r_xyhbond_nbd_refined        ? ? 
'X-RAY DIFFRACTION' ? ?      ?      ?    ? r_xyhbond_nbd_other          ? ? 
'X-RAY DIFFRACTION' ? ?      ?      ?    ? r_metal_ion_refined          ? ? 
'X-RAY DIFFRACTION' ? ?      ?      ?    ? r_metal_ion_other            ? ? 
'X-RAY DIFFRACTION' ? ?      ?      ?    ? r_symmetry_vdw_refined       ? ? 
'X-RAY DIFFRACTION' ? ?      ?      ?    ? r_symmetry_vdw_other         ? ? 
'X-RAY DIFFRACTION' ? ?      ?      ?    ? r_symmetry_hbond_refined     ? ? 
'X-RAY DIFFRACTION' ? ?      ?      ?    ? r_symmetry_hbond_other       ? ? 
'X-RAY DIFFRACTION' ? ?      ?      ?    ? r_symmetry_metal_ion_refined ? ? 
'X-RAY DIFFRACTION' ? ?      ?      ?    ? r_symmetry_metal_ion_other   ? ? 
'X-RAY DIFFRACTION' ? 5.845  6.934  551  ? r_mcbond_it                  ? ? 
'X-RAY DIFFRACTION' ? ?      ?      ?    ? r_mcbond_other               ? ? 
'X-RAY DIFFRACTION' ? 7.994  10.396 687  ? r_mcangle_it                 ? ? 
'X-RAY DIFFRACTION' ? ?      ?      ?    ? r_mcangle_other              ? ? 
'X-RAY DIFFRACTION' ? 7.995  7.293  524  ? r_scbond_it                  ? ? 
'X-RAY DIFFRACTION' ? ?      ?      ?    ? r_scbond_other               ? ? 
'X-RAY DIFFRACTION' ? ?      ?      ?    ? r_scangle_it                 ? ? 
'X-RAY DIFFRACTION' ? ?      ?      ?    ? r_scangle_other              ? ? 
'X-RAY DIFFRACTION' ? 11.611 92.430 1543 ? r_long_range_B_refined       ? ? 
'X-RAY DIFFRACTION' ? ?      ?      ?    ? r_long_range_B_other         ? ? 
'X-RAY DIFFRACTION' ? ?      ?      ?    ? r_rigid_bond_restr           ? ? 
'X-RAY DIFFRACTION' ? ?      ?      ?    ? r_sphericity_free            ? ? 
'X-RAY DIFFRACTION' ? ?      ?      ?    ? r_sphericity_bonded          ? ? 
# 
_refine_ls_shell.pdbx_refine_id                   'X-RAY DIFFRACTION' 
_refine_ls_shell.d_res_high                       2.401 
_refine_ls_shell.d_res_low                        2.463 
_refine_ls_shell.number_reflns_all                ? 
_refine_ls_shell.number_reflns_obs                ? 
_refine_ls_shell.number_reflns_R_free             29 
_refine_ls_shell.number_reflns_R_work             546 
_refine_ls_shell.percent_reflns_obs               99.65 
_refine_ls_shell.percent_reflns_R_free            ? 
_refine_ls_shell.R_factor_all                     ? 
_refine_ls_shell.R_factor_obs                     ? 
_refine_ls_shell.R_factor_R_free_error            ? 
_refine_ls_shell.R_factor_R_work                  0.390 
_refine_ls_shell.redundancy_reflns_all            ? 
_refine_ls_shell.redundancy_reflns_obs            ? 
_refine_ls_shell.wR_factor_all                    ? 
_refine_ls_shell.wR_factor_obs                    ? 
_refine_ls_shell.wR_factor_R_free                 ? 
_refine_ls_shell.wR_factor_R_work                 ? 
_refine_ls_shell.pdbx_R_complete                  ? 
_refine_ls_shell.pdbx_total_number_of_bins_used   20 
_refine_ls_shell.pdbx_phase_error                 ? 
_refine_ls_shell.pdbx_fsc_work                    ? 
_refine_ls_shell.pdbx_fsc_free                    ? 
_refine_ls_shell.R_factor_R_free                  0.441 
# 
_struct.entry_id                     9GW0 
_struct.title                        
'M2 mutant (R111K:Y134F:T54V:R132Q:P39Y:R59Y) of human cellular retinoic acid binding protein II - 1l conjugate' 
_struct.pdbx_model_details           ? 
_struct.pdbx_formula_weight          ? 
_struct.pdbx_formula_weight_method   ? 
_struct.pdbx_model_type_details      ? 
_struct.pdbx_CASP_flag               N 
# 
_struct_keywords.entry_id        9GW0 
_struct_keywords.text            
'human cellular retinoic acid binding protein II, hCRABPII, conjugate, chromophore, M2, TRANSPORT PROTEIN' 
_struct_keywords.pdbx_keywords   'TRANSPORT PROTEIN' 
# 
loop_
_struct_asym.id 
_struct_asym.pdbx_blank_PDB_chainid_flag 
_struct_asym.pdbx_modified 
_struct_asym.entity_id 
_struct_asym.details 
A N N 1 ? 
B N N 2 ? 
C N N 3 ? 
# 
_struct_ref.id                         1 
_struct_ref.db_name                    UNP 
_struct_ref.db_code                    RABP2_HUMAN 
_struct_ref.pdbx_db_accession          P29373 
_struct_ref.pdbx_db_isoform            ? 
_struct_ref.entity_id                  1 
_struct_ref.pdbx_seq_one_letter_code   
;MPNFSGNWKIIRSENFEELLKVLGVNVMLRKIAVAAASKPAVEIKQEGDTFYIKTSTTVRTTEINFKVGEEFEEQTVDGR
PCKSLVKWESENKMVCEQKLLKGEGPKTSWTRELTNDGELILTMTADDVVCTRVYVRE
;
_struct_ref.pdbx_align_begin           1 
# 
_struct_ref_seq.align_id                      1 
_struct_ref_seq.ref_id                        1 
_struct_ref_seq.pdbx_PDB_id_code              9GW0 
_struct_ref_seq.pdbx_strand_id                A 
_struct_ref_seq.seq_align_beg                 4 
_struct_ref_seq.pdbx_seq_align_beg_ins_code   ? 
_struct_ref_seq.seq_align_end                 141 
_struct_ref_seq.pdbx_seq_align_end_ins_code   ? 
_struct_ref_seq.pdbx_db_accession             P29373 
_struct_ref_seq.db_align_beg                  1 
_struct_ref_seq.pdbx_db_align_beg_ins_code    ? 
_struct_ref_seq.db_align_end                  138 
_struct_ref_seq.pdbx_db_align_end_ins_code    ? 
_struct_ref_seq.pdbx_auth_seq_align_beg       0 
_struct_ref_seq.pdbx_auth_seq_align_end       137 
# 
loop_
_struct_ref_seq_dif.align_id 
_struct_ref_seq_dif.pdbx_pdb_id_code 
_struct_ref_seq_dif.mon_id 
_struct_ref_seq_dif.pdbx_pdb_strand_id 
_struct_ref_seq_dif.seq_num 
_struct_ref_seq_dif.pdbx_pdb_ins_code 
_struct_ref_seq_dif.pdbx_seq_db_name 
_struct_ref_seq_dif.pdbx_seq_db_accession_code 
_struct_ref_seq_dif.db_mon_id 
_struct_ref_seq_dif.pdbx_seq_db_seq_num 
_struct_ref_seq_dif.details 
_struct_ref_seq_dif.pdbx_auth_seq_num 
_struct_ref_seq_dif.pdbx_ordinal 
1 9GW0 GLY A 1   ? UNP P29373 ?   ?   'expression tag'      -3  1 
1 9GW0 SER A 2   ? UNP P29373 ?   ?   'expression tag'      -2  2 
1 9GW0 HIS A 3   ? UNP P29373 ?   ?   'expression tag'      -1  3 
1 9GW0 TYR A 43  ? UNP P29373 PRO 40  'engineered mutation' 39  4 
1 9GW0 VAL A 58  ? UNP P29373 THR 55  'engineered mutation' 54  5 
1 9GW0 TYR A 63  ? UNP P29373 ARG 60  'engineered mutation' 59  6 
1 9GW0 LYS A 115 ? UNP P29373 ARG 112 'engineered mutation' 111 7 
1 9GW0 GLN A 136 ? UNP P29373 ARG 133 'engineered mutation' 132 8 
1 9GW0 PHE A 138 ? UNP P29373 TYR 135 'engineered mutation' 134 9 
# 
_pdbx_struct_assembly.id                   1 
_pdbx_struct_assembly.details              author_and_software_defined_assembly 
_pdbx_struct_assembly.method_details       PISA 
_pdbx_struct_assembly.oligomeric_details   monomeric 
_pdbx_struct_assembly.oligomeric_count     1 
# 
loop_
_pdbx_struct_assembly_prop.biol_id 
_pdbx_struct_assembly_prop.type 
_pdbx_struct_assembly_prop.value 
_pdbx_struct_assembly_prop.details 
1 'ABSA (A^2)' 0    ? 
1 MORE         0    ? 
1 'SSA (A^2)'  7530 ? 
# 
_pdbx_struct_assembly_gen.assembly_id       1 
_pdbx_struct_assembly_gen.oper_expression   1 
_pdbx_struct_assembly_gen.asym_id_list      A,B,C 
# 
_pdbx_struct_assembly_auth_evidence.id                     1 
_pdbx_struct_assembly_auth_evidence.assembly_id            1 
_pdbx_struct_assembly_auth_evidence.experimental_support   'gel filtration' 
_pdbx_struct_assembly_auth_evidence.details                ? 
# 
_pdbx_struct_oper_list.id                   1 
_pdbx_struct_oper_list.type                 'identity operation' 
_pdbx_struct_oper_list.name                 1_555 
_pdbx_struct_oper_list.symmetry_operation   x,y,z 
_pdbx_struct_oper_list.matrix[1][1]         1.0000000000 
_pdbx_struct_oper_list.matrix[1][2]         0.0000000000 
_pdbx_struct_oper_list.matrix[1][3]         0.0000000000 
_pdbx_struct_oper_list.vector[1]            0.0000000000 
_pdbx_struct_oper_list.matrix[2][1]         0.0000000000 
_pdbx_struct_oper_list.matrix[2][2]         1.0000000000 
_pdbx_struct_oper_list.matrix[2][3]         0.0000000000 
_pdbx_struct_oper_list.vector[2]            0.0000000000 
_pdbx_struct_oper_list.matrix[3][1]         0.0000000000 
_pdbx_struct_oper_list.matrix[3][2]         0.0000000000 
_pdbx_struct_oper_list.matrix[3][3]         1.0000000000 
_pdbx_struct_oper_list.vector[3]            0.0000000000 
# 
loop_
_struct_conf.conf_type_id 
_struct_conf.id 
_struct_conf.pdbx_PDB_helix_id 
_struct_conf.beg_label_comp_id 
_struct_conf.beg_label_asym_id 
_struct_conf.beg_label_seq_id 
_struct_conf.pdbx_beg_PDB_ins_code 
_struct_conf.end_label_comp_id 
_struct_conf.end_label_asym_id 
_struct_conf.end_label_seq_id 
_struct_conf.pdbx_end_PDB_ins_code 
_struct_conf.beg_auth_comp_id 
_struct_conf.beg_auth_asym_id 
_struct_conf.beg_auth_seq_id 
_struct_conf.end_auth_comp_id 
_struct_conf.end_auth_asym_id 
_struct_conf.end_auth_seq_id 
_struct_conf.pdbx_PDB_helix_class 
_struct_conf.details 
_struct_conf.pdbx_PDB_helix_length 
HELX_P HELX_P1 AA1 ASN A 18 ? LEU A 26 ? ASN A 14 LEU A 22 1 ? 9  
HELX_P HELX_P2 AA2 ASN A 29 ? ALA A 40 ? ASN A 25 ALA A 36 1 ? 12 
# 
_struct_conf_type.id          HELX_P 
_struct_conf_type.criteria    ? 
_struct_conf_type.reference   ? 
# 
_struct_conn.id                            covale1 
_struct_conn.conn_type_id                  covale 
_struct_conn.pdbx_leaving_atom_flag        none 
_struct_conn.pdbx_PDB_id                   ? 
_struct_conn.ptnr1_label_asym_id           A 
_struct_conn.ptnr1_label_comp_id           LYS 
_struct_conn.ptnr1_label_seq_id            115 
_struct_conn.ptnr1_label_atom_id           NZ 
_struct_conn.pdbx_ptnr1_label_alt_id       ? 
_struct_conn.pdbx_ptnr1_PDB_ins_code       ? 
_struct_conn.pdbx_ptnr1_standard_comp_id   ? 
_struct_conn.ptnr1_symmetry                1_555 
_struct_conn.ptnr2_label_asym_id           B 
_struct_conn.ptnr2_label_comp_id           A1IQ1 
_struct_conn.ptnr2_label_seq_id            . 
_struct_conn.ptnr2_label_atom_id           CAN 
_struct_conn.pdbx_ptnr2_label_alt_id       ? 
_struct_conn.pdbx_ptnr2_PDB_ins_code       ? 
_struct_conn.ptnr1_auth_asym_id            A 
_struct_conn.ptnr1_auth_comp_id            LYS 
_struct_conn.ptnr1_auth_seq_id             111 
_struct_conn.ptnr2_auth_asym_id            A 
_struct_conn.ptnr2_auth_comp_id            A1IQ1 
_struct_conn.ptnr2_auth_seq_id             201 
_struct_conn.ptnr2_symmetry                1_555 
_struct_conn.pdbx_ptnr3_label_atom_id      ? 
_struct_conn.pdbx_ptnr3_label_seq_id       ? 
_struct_conn.pdbx_ptnr3_label_comp_id      ? 
_struct_conn.pdbx_ptnr3_label_asym_id      ? 
_struct_conn.pdbx_ptnr3_label_alt_id       ? 
_struct_conn.pdbx_ptnr3_PDB_ins_code       ? 
_struct_conn.details                       ? 
_struct_conn.pdbx_dist_value               1.423 
_struct_conn.pdbx_value_order              ? 
_struct_conn.pdbx_role                     ? 
# 
_struct_conn_type.id          covale 
_struct_conn_type.criteria    ? 
_struct_conn_type.reference   ? 
# 
_pdbx_modification_feature.ordinal                            1 
_pdbx_modification_feature.label_comp_id                      A1IQ1 
_pdbx_modification_feature.label_asym_id                      B 
_pdbx_modification_feature.label_seq_id                       . 
_pdbx_modification_feature.label_alt_id                       ? 
_pdbx_modification_feature.modified_residue_label_comp_id     LYS 
_pdbx_modification_feature.modified_residue_label_asym_id     A 
_pdbx_modification_feature.modified_residue_label_seq_id      115 
_pdbx_modification_feature.modified_residue_label_alt_id      ? 
_pdbx_modification_feature.auth_comp_id                       A1IQ1 
_pdbx_modification_feature.auth_asym_id                       A 
_pdbx_modification_feature.auth_seq_id                        201 
_pdbx_modification_feature.PDB_ins_code                       ? 
_pdbx_modification_feature.symmetry                           1_555 
_pdbx_modification_feature.modified_residue_auth_comp_id      LYS 
_pdbx_modification_feature.modified_residue_auth_asym_id      A 
_pdbx_modification_feature.modified_residue_auth_seq_id       111 
_pdbx_modification_feature.modified_residue_PDB_ins_code      ? 
_pdbx_modification_feature.modified_residue_symmetry          1_555 
_pdbx_modification_feature.comp_id_linking_atom               CAN 
_pdbx_modification_feature.modified_residue_id_linking_atom   NZ 
_pdbx_modification_feature.modified_residue_id                LYS 
_pdbx_modification_feature.ref_pcm_id                         1 
_pdbx_modification_feature.ref_comp_id                        A1IQ1 
_pdbx_modification_feature.type                               None 
_pdbx_modification_feature.category                           'Covalent chemical modification' 
# 
_struct_sheet.id               AA1 
_struct_sheet.type             ? 
_struct_sheet.number_strands   10 
_struct_sheet.details          ? 
# 
loop_
_struct_sheet_order.sheet_id 
_struct_sheet_order.range_id_1 
_struct_sheet_order.range_id_2 
_struct_sheet_order.offset 
_struct_sheet_order.sense 
AA1 1 2  ? anti-parallel 
AA1 2 3  ? anti-parallel 
AA1 3 4  ? anti-parallel 
AA1 4 5  ? anti-parallel 
AA1 5 6  ? anti-parallel 
AA1 6 7  ? anti-parallel 
AA1 7 8  ? anti-parallel 
AA1 8 9  ? anti-parallel 
AA1 9 10 ? anti-parallel 
# 
loop_
_struct_sheet_range.sheet_id 
_struct_sheet_range.id 
_struct_sheet_range.beg_label_comp_id 
_struct_sheet_range.beg_label_asym_id 
_struct_sheet_range.beg_label_seq_id 
_struct_sheet_range.pdbx_beg_PDB_ins_code 
_struct_sheet_range.end_label_comp_id 
_struct_sheet_range.end_label_asym_id 
_struct_sheet_range.end_label_seq_id 
_struct_sheet_range.pdbx_end_PDB_ins_code 
_struct_sheet_range.beg_auth_comp_id 
_struct_sheet_range.beg_auth_asym_id 
_struct_sheet_range.beg_auth_seq_id 
_struct_sheet_range.end_auth_comp_id 
_struct_sheet_range.end_auth_asym_id 
_struct_sheet_range.end_auth_seq_id 
AA1 1  THR A 64  ? LYS A 70  ? THR A 60  LYS A 66  
AA1 2  THR A 53  ? SER A 59  ? THR A 49  SER A 55  
AA1 3  ALA A 44  ? GLU A 50  ? ALA A 40  GLU A 46  
AA1 4  GLY A 9   ? GLU A 17  ? GLY A 5   GLU A 13  
AA1 5  VAL A 132 ? ARG A 140 ? VAL A 128 ARG A 136 
AA1 6  LEU A 123 ? ALA A 129 ? LEU A 119 ALA A 125 
AA1 7  THR A 111 ? LEU A 117 ? THR A 107 LEU A 113 
AA1 8  LYS A 96  ? LEU A 103 ? LYS A 92  LEU A 99  
AA1 9  PRO A 84  ? SER A 93  ? PRO A 80  SER A 89  
AA1 10 PHE A 75  ? GLN A 78  ? PHE A 71  GLN A 74  
# 
loop_
_pdbx_struct_sheet_hbond.sheet_id 
_pdbx_struct_sheet_hbond.range_id_1 
_pdbx_struct_sheet_hbond.range_id_2 
_pdbx_struct_sheet_hbond.range_1_label_atom_id 
_pdbx_struct_sheet_hbond.range_1_label_comp_id 
_pdbx_struct_sheet_hbond.range_1_label_asym_id 
_pdbx_struct_sheet_hbond.range_1_label_seq_id 
_pdbx_struct_sheet_hbond.range_1_PDB_ins_code 
_pdbx_struct_sheet_hbond.range_1_auth_atom_id 
_pdbx_struct_sheet_hbond.range_1_auth_comp_id 
_pdbx_struct_sheet_hbond.range_1_auth_asym_id 
_pdbx_struct_sheet_hbond.range_1_auth_seq_id 
_pdbx_struct_sheet_hbond.range_2_label_atom_id 
_pdbx_struct_sheet_hbond.range_2_label_comp_id 
_pdbx_struct_sheet_hbond.range_2_label_asym_id 
_pdbx_struct_sheet_hbond.range_2_label_seq_id 
_pdbx_struct_sheet_hbond.range_2_PDB_ins_code 
_pdbx_struct_sheet_hbond.range_2_auth_atom_id 
_pdbx_struct_sheet_hbond.range_2_auth_comp_id 
_pdbx_struct_sheet_hbond.range_2_auth_asym_id 
_pdbx_struct_sheet_hbond.range_2_auth_seq_id 
AA1 1 2  O PHE A 69  ? O PHE A 65  N PHE A 54  ? N PHE A 50  
AA1 2 3  O TYR A 55  ? O TYR A 51  N LYS A 48  ? N LYS A 44  
AA1 3 4  O VAL A 45  ? O VAL A 41  N TRP A 11  ? N TRP A 7   
AA1 4 5  N ILE A 14  ? N ILE A 10  O VAL A 137 ? O VAL A 133 
AA1 5 6  O GLN A 136 ? O GLN A 132 N LEU A 125 ? N LEU A 121 
AA1 6 7  O ILE A 124 ? O ILE A 120 N GLU A 116 ? N GLU A 112 
AA1 7 8  O TRP A 113 ? O TRP A 109 N CYS A 99  ? N CYS A 95  
AA1 8 9  O LYS A 102 ? O LYS A 98  N LYS A 86  ? N LYS A 82  
AA1 9 10 O SER A 87  ? O SER A 83  N PHE A 75  ? N PHE A 71  
# 
_pdbx_entry_details.entry_id                   9GW0 
_pdbx_entry_details.has_ligand_of_interest     Y 
_pdbx_entry_details.compound_details           ? 
_pdbx_entry_details.source_details             ? 
_pdbx_entry_details.nonpolymer_details         ? 
_pdbx_entry_details.sequence_details           ? 
_pdbx_entry_details.has_protein_modification   Y 
# 
loop_
_pdbx_validate_torsion.id 
_pdbx_validate_torsion.PDB_model_num 
_pdbx_validate_torsion.auth_comp_id 
_pdbx_validate_torsion.auth_asym_id 
_pdbx_validate_torsion.auth_seq_id 
_pdbx_validate_torsion.PDB_ins_code 
_pdbx_validate_torsion.label_alt_id 
_pdbx_validate_torsion.phi 
_pdbx_validate_torsion.psi 
1 1 THR A 56  ? ? -114.61 -162.52 
2 1 SER A 89  ? ? -164.66 -159.36 
3 1 ASP A 126 ? ? 37.99   -112.83 
# 
loop_
_pdbx_unobs_or_zero_occ_residues.id 
_pdbx_unobs_or_zero_occ_residues.PDB_model_num 
_pdbx_unobs_or_zero_occ_residues.polymer_flag 
_pdbx_unobs_or_zero_occ_residues.occupancy_flag 
_pdbx_unobs_or_zero_occ_residues.auth_asym_id 
_pdbx_unobs_or_zero_occ_residues.auth_comp_id 
_pdbx_unobs_or_zero_occ_residues.auth_seq_id 
_pdbx_unobs_or_zero_occ_residues.PDB_ins_code 
_pdbx_unobs_or_zero_occ_residues.label_asym_id 
_pdbx_unobs_or_zero_occ_residues.label_comp_id 
_pdbx_unobs_or_zero_occ_residues.label_seq_id 
1 1 Y 1 A GLY -3 ? A GLY 1 
2 1 Y 1 A SER -2 ? A SER 2 
3 1 Y 1 A HIS -1 ? A HIS 3 
# 
loop_
_chem_comp_atom.comp_id 
_chem_comp_atom.atom_id 
_chem_comp_atom.type_symbol 
_chem_comp_atom.pdbx_aromatic_flag 
_chem_comp_atom.pdbx_stereo_config 
_chem_comp_atom.pdbx_ordinal 
A1IQ1 NAG  N N N 1   
A1IQ1 CAB  C Y N 2   
A1IQ1 CAD  C Y N 3   
A1IQ1 CAC  C Y N 4   
A1IQ1 CAA  C Y N 5   
A1IQ1 CAF  C Y N 6   
A1IQ1 CAE  C Y N 7   
A1IQ1 CAL  C N N 8   
A1IQ1 CAM  C N N 9   
A1IQ1 CAN  C N N 10  
A1IQ1 CAO  C N N 11  
A1IQ1 OAP  O N N 12  
A1IQ1 OAQ  O N N 13  
A1IQ1 CAJ  C N N 14  
A1IQ1 H1   H N N 15  
A1IQ1 H3   H N N 16  
A1IQ1 H4   H N N 17  
A1IQ1 H5   H N N 18  
A1IQ1 H6   H N N 19  
A1IQ1 H7   H N N 20  
A1IQ1 H8   H N N 21  
A1IQ1 H9   H N N 22  
A1IQ1 H10  H N N 23  
A1IQ1 H11  H N N 24  
A1IQ1 H12  H N N 25  
A1IQ1 H13  H N N 26  
A1IQ1 C1   C N N 27  
A1IQ1 O1   O N N 28  
A1IQ1 C3   C N N 29  
A1IQ1 H2   H N N 30  
A1IQ1 H14  H N N 31  
A1IQ1 H15  H N N 32  
ALA   N    N N N 33  
ALA   CA   C N S 34  
ALA   C    C N N 35  
ALA   O    O N N 36  
ALA   CB   C N N 37  
ALA   OXT  O N N 38  
ALA   H    H N N 39  
ALA   H2   H N N 40  
ALA   HA   H N N 41  
ALA   HB1  H N N 42  
ALA   HB2  H N N 43  
ALA   HB3  H N N 44  
ALA   HXT  H N N 45  
ARG   N    N N N 46  
ARG   CA   C N S 47  
ARG   C    C N N 48  
ARG   O    O N N 49  
ARG   CB   C N N 50  
ARG   CG   C N N 51  
ARG   CD   C N N 52  
ARG   NE   N N N 53  
ARG   CZ   C N N 54  
ARG   NH1  N N N 55  
ARG   NH2  N N N 56  
ARG   OXT  O N N 57  
ARG   H    H N N 58  
ARG   H2   H N N 59  
ARG   HA   H N N 60  
ARG   HB2  H N N 61  
ARG   HB3  H N N 62  
ARG   HG2  H N N 63  
ARG   HG3  H N N 64  
ARG   HD2  H N N 65  
ARG   HD3  H N N 66  
ARG   HE   H N N 67  
ARG   HH11 H N N 68  
ARG   HH12 H N N 69  
ARG   HH21 H N N 70  
ARG   HH22 H N N 71  
ARG   HXT  H N N 72  
ASN   N    N N N 73  
ASN   CA   C N S 74  
ASN   C    C N N 75  
ASN   O    O N N 76  
ASN   CB   C N N 77  
ASN   CG   C N N 78  
ASN   OD1  O N N 79  
ASN   ND2  N N N 80  
ASN   OXT  O N N 81  
ASN   H    H N N 82  
ASN   H2   H N N 83  
ASN   HA   H N N 84  
ASN   HB2  H N N 85  
ASN   HB3  H N N 86  
ASN   HD21 H N N 87  
ASN   HD22 H N N 88  
ASN   HXT  H N N 89  
ASP   N    N N N 90  
ASP   CA   C N S 91  
ASP   C    C N N 92  
ASP   O    O N N 93  
ASP   CB   C N N 94  
ASP   CG   C N N 95  
ASP   OD1  O N N 96  
ASP   OD2  O N N 97  
ASP   OXT  O N N 98  
ASP   H    H N N 99  
ASP   H2   H N N 100 
ASP   HA   H N N 101 
ASP   HB2  H N N 102 
ASP   HB3  H N N 103 
ASP   HD2  H N N 104 
ASP   HXT  H N N 105 
CYS   N    N N N 106 
CYS   CA   C N R 107 
CYS   C    C N N 108 
CYS   O    O N N 109 
CYS   CB   C N N 110 
CYS   SG   S N N 111 
CYS   OXT  O N N 112 
CYS   H    H N N 113 
CYS   H2   H N N 114 
CYS   HA   H N N 115 
CYS   HB2  H N N 116 
CYS   HB3  H N N 117 
CYS   HG   H N N 118 
CYS   HXT  H N N 119 
GLN   N    N N N 120 
GLN   CA   C N S 121 
GLN   C    C N N 122 
GLN   O    O N N 123 
GLN   CB   C N N 124 
GLN   CG   C N N 125 
GLN   CD   C N N 126 
GLN   OE1  O N N 127 
GLN   NE2  N N N 128 
GLN   OXT  O N N 129 
GLN   H    H N N 130 
GLN   H2   H N N 131 
GLN   HA   H N N 132 
GLN   HB2  H N N 133 
GLN   HB3  H N N 134 
GLN   HG2  H N N 135 
GLN   HG3  H N N 136 
GLN   HE21 H N N 137 
GLN   HE22 H N N 138 
GLN   HXT  H N N 139 
GLU   N    N N N 140 
GLU   CA   C N S 141 
GLU   C    C N N 142 
GLU   O    O N N 143 
GLU   CB   C N N 144 
GLU   CG   C N N 145 
GLU   CD   C N N 146 
GLU   OE1  O N N 147 
GLU   OE2  O N N 148 
GLU   OXT  O N N 149 
GLU   H    H N N 150 
GLU   H2   H N N 151 
GLU   HA   H N N 152 
GLU   HB2  H N N 153 
GLU   HB3  H N N 154 
GLU   HG2  H N N 155 
GLU   HG3  H N N 156 
GLU   HE2  H N N 157 
GLU   HXT  H N N 158 
GLY   N    N N N 159 
GLY   CA   C N N 160 
GLY   C    C N N 161 
GLY   O    O N N 162 
GLY   OXT  O N N 163 
GLY   H    H N N 164 
GLY   H2   H N N 165 
GLY   HA2  H N N 166 
GLY   HA3  H N N 167 
GLY   HXT  H N N 168 
HIS   N    N N N 169 
HIS   CA   C N S 170 
HIS   C    C N N 171 
HIS   O    O N N 172 
HIS   CB   C N N 173 
HIS   CG   C Y N 174 
HIS   ND1  N Y N 175 
HIS   CD2  C Y N 176 
HIS   CE1  C Y N 177 
HIS   NE2  N Y N 178 
HIS   OXT  O N N 179 
HIS   H    H N N 180 
HIS   H2   H N N 181 
HIS   HA   H N N 182 
HIS   HB2  H N N 183 
HIS   HB3  H N N 184 
HIS   HD1  H N N 185 
HIS   HD2  H N N 186 
HIS   HE1  H N N 187 
HIS   HE2  H N N 188 
HIS   HXT  H N N 189 
HOH   O    O N N 190 
HOH   H1   H N N 191 
HOH   H2   H N N 192 
ILE   N    N N N 193 
ILE   CA   C N S 194 
ILE   C    C N N 195 
ILE   O    O N N 196 
ILE   CB   C N S 197 
ILE   CG1  C N N 198 
ILE   CG2  C N N 199 
ILE   CD1  C N N 200 
ILE   OXT  O N N 201 
ILE   H    H N N 202 
ILE   H2   H N N 203 
ILE   HA   H N N 204 
ILE   HB   H N N 205 
ILE   HG12 H N N 206 
ILE   HG13 H N N 207 
ILE   HG21 H N N 208 
ILE   HG22 H N N 209 
ILE   HG23 H N N 210 
ILE   HD11 H N N 211 
ILE   HD12 H N N 212 
ILE   HD13 H N N 213 
ILE   HXT  H N N 214 
LEU   N    N N N 215 
LEU   CA   C N S 216 
LEU   C    C N N 217 
LEU   O    O N N 218 
LEU   CB   C N N 219 
LEU   CG   C N N 220 
LEU   CD1  C N N 221 
LEU   CD2  C N N 222 
LEU   OXT  O N N 223 
LEU   H    H N N 224 
LEU   H2   H N N 225 
LEU   HA   H N N 226 
LEU   HB2  H N N 227 
LEU   HB3  H N N 228 
LEU   HG   H N N 229 
LEU   HD11 H N N 230 
LEU   HD12 H N N 231 
LEU   HD13 H N N 232 
LEU   HD21 H N N 233 
LEU   HD22 H N N 234 
LEU   HD23 H N N 235 
LEU   HXT  H N N 236 
LYS   N    N N N 237 
LYS   CA   C N S 238 
LYS   C    C N N 239 
LYS   O    O N N 240 
LYS   CB   C N N 241 
LYS   CG   C N N 242 
LYS   CD   C N N 243 
LYS   CE   C N N 244 
LYS   NZ   N N N 245 
LYS   OXT  O N N 246 
LYS   H    H N N 247 
LYS   H2   H N N 248 
LYS   HA   H N N 249 
LYS   HB2  H N N 250 
LYS   HB3  H N N 251 
LYS   HG2  H N N 252 
LYS   HG3  H N N 253 
LYS   HD2  H N N 254 
LYS   HD3  H N N 255 
LYS   HE2  H N N 256 
LYS   HE3  H N N 257 
LYS   HZ1  H N N 258 
LYS   HZ2  H N N 259 
LYS   HZ3  H N N 260 
LYS   HXT  H N N 261 
MET   N    N N N 262 
MET   CA   C N S 263 
MET   C    C N N 264 
MET   O    O N N 265 
MET   CB   C N N 266 
MET   CG   C N N 267 
MET   SD   S N N 268 
MET   CE   C N N 269 
MET   OXT  O N N 270 
MET   H    H N N 271 
MET   H2   H N N 272 
MET   HA   H N N 273 
MET   HB2  H N N 274 
MET   HB3  H N N 275 
MET   HG2  H N N 276 
MET   HG3  H N N 277 
MET   HE1  H N N 278 
MET   HE2  H N N 279 
MET   HE3  H N N 280 
MET   HXT  H N N 281 
PHE   N    N N N 282 
PHE   CA   C N S 283 
PHE   C    C N N 284 
PHE   O    O N N 285 
PHE   CB   C N N 286 
PHE   CG   C Y N 287 
PHE   CD1  C Y N 288 
PHE   CD2  C Y N 289 
PHE   CE1  C Y N 290 
PHE   CE2  C Y N 291 
PHE   CZ   C Y N 292 
PHE   OXT  O N N 293 
PHE   H    H N N 294 
PHE   H2   H N N 295 
PHE   HA   H N N 296 
PHE   HB2  H N N 297 
PHE   HB3  H N N 298 
PHE   HD1  H N N 299 
PHE   HD2  H N N 300 
PHE   HE1  H N N 301 
PHE   HE2  H N N 302 
PHE   HZ   H N N 303 
PHE   HXT  H N N 304 
PRO   N    N N N 305 
PRO   CA   C N S 306 
PRO   C    C N N 307 
PRO   O    O N N 308 
PRO   CB   C N N 309 
PRO   CG   C N N 310 
PRO   CD   C N N 311 
PRO   OXT  O N N 312 
PRO   H    H N N 313 
PRO   HA   H N N 314 
PRO   HB2  H N N 315 
PRO   HB3  H N N 316 
PRO   HG2  H N N 317 
PRO   HG3  H N N 318 
PRO   HD2  H N N 319 
PRO   HD3  H N N 320 
PRO   HXT  H N N 321 
SER   N    N N N 322 
SER   CA   C N S 323 
SER   C    C N N 324 
SER   O    O N N 325 
SER   CB   C N N 326 
SER   OG   O N N 327 
SER   OXT  O N N 328 
SER   H    H N N 329 
SER   H2   H N N 330 
SER   HA   H N N 331 
SER   HB2  H N N 332 
SER   HB3  H N N 333 
SER   HG   H N N 334 
SER   HXT  H N N 335 
THR   N    N N N 336 
THR   CA   C N S 337 
THR   C    C N N 338 
THR   O    O N N 339 
THR   CB   C N R 340 
THR   OG1  O N N 341 
THR   CG2  C N N 342 
THR   OXT  O N N 343 
THR   H    H N N 344 
THR   H2   H N N 345 
THR   HA   H N N 346 
THR   HB   H N N 347 
THR   HG1  H N N 348 
THR   HG21 H N N 349 
THR   HG22 H N N 350 
THR   HG23 H N N 351 
THR   HXT  H N N 352 
TRP   N    N N N 353 
TRP   CA   C N S 354 
TRP   C    C N N 355 
TRP   O    O N N 356 
TRP   CB   C N N 357 
TRP   CG   C Y N 358 
TRP   CD1  C Y N 359 
TRP   CD2  C Y N 360 
TRP   NE1  N Y N 361 
TRP   CE2  C Y N 362 
TRP   CE3  C Y N 363 
TRP   CZ2  C Y N 364 
TRP   CZ3  C Y N 365 
TRP   CH2  C Y N 366 
TRP   OXT  O N N 367 
TRP   H    H N N 368 
TRP   H2   H N N 369 
TRP   HA   H N N 370 
TRP   HB2  H N N 371 
TRP   HB3  H N N 372 
TRP   HD1  H N N 373 
TRP   HE1  H N N 374 
TRP   HE3  H N N 375 
TRP   HZ2  H N N 376 
TRP   HZ3  H N N 377 
TRP   HH2  H N N 378 
TRP   HXT  H N N 379 
TYR   N    N N N 380 
TYR   CA   C N S 381 
TYR   C    C N N 382 
TYR   O    O N N 383 
TYR   CB   C N N 384 
TYR   CG   C Y N 385 
TYR   CD1  C Y N 386 
TYR   CD2  C Y N 387 
TYR   CE1  C Y N 388 
TYR   CE2  C Y N 389 
TYR   CZ   C Y N 390 
TYR   OH   O N N 391 
TYR   OXT  O N N 392 
TYR   H    H N N 393 
TYR   H2   H N N 394 
TYR   HA   H N N 395 
TYR   HB2  H N N 396 
TYR   HB3  H N N 397 
TYR   HD1  H N N 398 
TYR   HD2  H N N 399 
TYR   HE1  H N N 400 
TYR   HE2  H N N 401 
TYR   HH   H N N 402 
TYR   HXT  H N N 403 
VAL   N    N N N 404 
VAL   CA   C N S 405 
VAL   C    C N N 406 
VAL   O    O N N 407 
VAL   CB   C N N 408 
VAL   CG1  C N N 409 
VAL   CG2  C N N 410 
VAL   OXT  O N N 411 
VAL   H    H N N 412 
VAL   H2   H N N 413 
VAL   HA   H N N 414 
VAL   HB   H N N 415 
VAL   HG11 H N N 416 
VAL   HG12 H N N 417 
VAL   HG13 H N N 418 
VAL   HG21 H N N 419 
VAL   HG22 H N N 420 
VAL   HG23 H N N 421 
VAL   HXT  H N N 422 
# 
loop_
_chem_comp_bond.comp_id 
_chem_comp_bond.atom_id_1 
_chem_comp_bond.atom_id_2 
_chem_comp_bond.value_order 
_chem_comp_bond.pdbx_aromatic_flag 
_chem_comp_bond.pdbx_stereo_config 
_chem_comp_bond.pdbx_ordinal 
A1IQ1 OAP CAO  doub N N 1   
A1IQ1 CAN CAM  sing N N 2   
A1IQ1 CAO CAM  sing N N 3   
A1IQ1 CAO OAQ  sing N N 4   
A1IQ1 CAM CAL  doub N Z 5   
A1IQ1 OAQ CAJ  sing N N 6   
A1IQ1 CAL CAE  sing N N 7   
A1IQ1 CAC CAE  doub Y N 8   
A1IQ1 CAC CAD  sing Y N 9   
A1IQ1 CAE CAF  sing Y N 10  
A1IQ1 CAD CAB  doub Y N 11  
A1IQ1 CAF CAA  doub Y N 12  
A1IQ1 CAB CAA  sing Y N 13  
A1IQ1 CAB NAG  sing N N 14  
A1IQ1 NAG H1   sing N N 15  
A1IQ1 CAD H3   sing N N 16  
A1IQ1 CAC H4   sing N N 17  
A1IQ1 CAA H5   sing N N 18  
A1IQ1 CAF H6   sing N N 19  
A1IQ1 CAL H7   sing N N 20  
A1IQ1 CAN H8   sing N N 21  
A1IQ1 CAN H9   sing N N 22  
A1IQ1 CAN H10  sing N N 23  
A1IQ1 CAJ H11  sing N N 24  
A1IQ1 CAJ H12  sing N N 25  
A1IQ1 CAJ H13  sing N N 26  
A1IQ1 NAG C1   sing N N 27  
A1IQ1 C1  O1   doub N N 28  
A1IQ1 C1  C3   sing N N 29  
A1IQ1 C3  H2   sing N N 30  
A1IQ1 C3  H14  sing N N 31  
A1IQ1 C3  H15  sing N N 32  
ALA   N   CA   sing N N 33  
ALA   N   H    sing N N 34  
ALA   N   H2   sing N N 35  
ALA   CA  C    sing N N 36  
ALA   CA  CB   sing N N 37  
ALA   CA  HA   sing N N 38  
ALA   C   O    doub N N 39  
ALA   C   OXT  sing N N 40  
ALA   CB  HB1  sing N N 41  
ALA   CB  HB2  sing N N 42  
ALA   CB  HB3  sing N N 43  
ALA   OXT HXT  sing N N 44  
ARG   N   CA   sing N N 45  
ARG   N   H    sing N N 46  
ARG   N   H2   sing N N 47  
ARG   CA  C    sing N N 48  
ARG   CA  CB   sing N N 49  
ARG   CA  HA   sing N N 50  
ARG   C   O    doub N N 51  
ARG   C   OXT  sing N N 52  
ARG   CB  CG   sing N N 53  
ARG   CB  HB2  sing N N 54  
ARG   CB  HB3  sing N N 55  
ARG   CG  CD   sing N N 56  
ARG   CG  HG2  sing N N 57  
ARG   CG  HG3  sing N N 58  
ARG   CD  NE   sing N N 59  
ARG   CD  HD2  sing N N 60  
ARG   CD  HD3  sing N N 61  
ARG   NE  CZ   sing N N 62  
ARG   NE  HE   sing N N 63  
ARG   CZ  NH1  sing N N 64  
ARG   CZ  NH2  doub N N 65  
ARG   NH1 HH11 sing N N 66  
ARG   NH1 HH12 sing N N 67  
ARG   NH2 HH21 sing N N 68  
ARG   NH2 HH22 sing N N 69  
ARG   OXT HXT  sing N N 70  
ASN   N   CA   sing N N 71  
ASN   N   H    sing N N 72  
ASN   N   H2   sing N N 73  
ASN   CA  C    sing N N 74  
ASN   CA  CB   sing N N 75  
ASN   CA  HA   sing N N 76  
ASN   C   O    doub N N 77  
ASN   C   OXT  sing N N 78  
ASN   CB  CG   sing N N 79  
ASN   CB  HB2  sing N N 80  
ASN   CB  HB3  sing N N 81  
ASN   CG  OD1  doub N N 82  
ASN   CG  ND2  sing N N 83  
ASN   ND2 HD21 sing N N 84  
ASN   ND2 HD22 sing N N 85  
ASN   OXT HXT  sing N N 86  
ASP   N   CA   sing N N 87  
ASP   N   H    sing N N 88  
ASP   N   H2   sing N N 89  
ASP   CA  C    sing N N 90  
ASP   CA  CB   sing N N 91  
ASP   CA  HA   sing N N 92  
ASP   C   O    doub N N 93  
ASP   C   OXT  sing N N 94  
ASP   CB  CG   sing N N 95  
ASP   CB  HB2  sing N N 96  
ASP   CB  HB3  sing N N 97  
ASP   CG  OD1  doub N N 98  
ASP   CG  OD2  sing N N 99  
ASP   OD2 HD2  sing N N 100 
ASP   OXT HXT  sing N N 101 
CYS   N   CA   sing N N 102 
CYS   N   H    sing N N 103 
CYS   N   H2   sing N N 104 
CYS   CA  C    sing N N 105 
CYS   CA  CB   sing N N 106 
CYS   CA  HA   sing N N 107 
CYS   C   O    doub N N 108 
CYS   C   OXT  sing N N 109 
CYS   CB  SG   sing N N 110 
CYS   CB  HB2  sing N N 111 
CYS   CB  HB3  sing N N 112 
CYS   SG  HG   sing N N 113 
CYS   OXT HXT  sing N N 114 
GLN   N   CA   sing N N 115 
GLN   N   H    sing N N 116 
GLN   N   H2   sing N N 117 
GLN   CA  C    sing N N 118 
GLN   CA  CB   sing N N 119 
GLN   CA  HA   sing N N 120 
GLN   C   O    doub N N 121 
GLN   C   OXT  sing N N 122 
GLN   CB  CG   sing N N 123 
GLN   CB  HB2  sing N N 124 
GLN   CB  HB3  sing N N 125 
GLN   CG  CD   sing N N 126 
GLN   CG  HG2  sing N N 127 
GLN   CG  HG3  sing N N 128 
GLN   CD  OE1  doub N N 129 
GLN   CD  NE2  sing N N 130 
GLN   NE2 HE21 sing N N 131 
GLN   NE2 HE22 sing N N 132 
GLN   OXT HXT  sing N N 133 
GLU   N   CA   sing N N 134 
GLU   N   H    sing N N 135 
GLU   N   H2   sing N N 136 
GLU   CA  C    sing N N 137 
GLU   CA  CB   sing N N 138 
GLU   CA  HA   sing N N 139 
GLU   C   O    doub N N 140 
GLU   C   OXT  sing N N 141 
GLU   CB  CG   sing N N 142 
GLU   CB  HB2  sing N N 143 
GLU   CB  HB3  sing N N 144 
GLU   CG  CD   sing N N 145 
GLU   CG  HG2  sing N N 146 
GLU   CG  HG3  sing N N 147 
GLU   CD  OE1  doub N N 148 
GLU   CD  OE2  sing N N 149 
GLU   OE2 HE2  sing N N 150 
GLU   OXT HXT  sing N N 151 
GLY   N   CA   sing N N 152 
GLY   N   H    sing N N 153 
GLY   N   H2   sing N N 154 
GLY   CA  C    sing N N 155 
GLY   CA  HA2  sing N N 156 
GLY   CA  HA3  sing N N 157 
GLY   C   O    doub N N 158 
GLY   C   OXT  sing N N 159 
GLY   OXT HXT  sing N N 160 
HIS   N   CA   sing N N 161 
HIS   N   H    sing N N 162 
HIS   N   H2   sing N N 163 
HIS   CA  C    sing N N 164 
HIS   CA  CB   sing N N 165 
HIS   CA  HA   sing N N 166 
HIS   C   O    doub N N 167 
HIS   C   OXT  sing N N 168 
HIS   CB  CG   sing N N 169 
HIS   CB  HB2  sing N N 170 
HIS   CB  HB3  sing N N 171 
HIS   CG  ND1  sing Y N 172 
HIS   CG  CD2  doub Y N 173 
HIS   ND1 CE1  doub Y N 174 
HIS   ND1 HD1  sing N N 175 
HIS   CD2 NE2  sing Y N 176 
HIS   CD2 HD2  sing N N 177 
HIS   CE1 NE2  sing Y N 178 
HIS   CE1 HE1  sing N N 179 
HIS   NE2 HE2  sing N N 180 
HIS   OXT HXT  sing N N 181 
HOH   O   H1   sing N N 182 
HOH   O   H2   sing N N 183 
ILE   N   CA   sing N N 184 
ILE   N   H    sing N N 185 
ILE   N   H2   sing N N 186 
ILE   CA  C    sing N N 187 
ILE   CA  CB   sing N N 188 
ILE   CA  HA   sing N N 189 
ILE   C   O    doub N N 190 
ILE   C   OXT  sing N N 191 
ILE   CB  CG1  sing N N 192 
ILE   CB  CG2  sing N N 193 
ILE   CB  HB   sing N N 194 
ILE   CG1 CD1  sing N N 195 
ILE   CG1 HG12 sing N N 196 
ILE   CG1 HG13 sing N N 197 
ILE   CG2 HG21 sing N N 198 
ILE   CG2 HG22 sing N N 199 
ILE   CG2 HG23 sing N N 200 
ILE   CD1 HD11 sing N N 201 
ILE   CD1 HD12 sing N N 202 
ILE   CD1 HD13 sing N N 203 
ILE   OXT HXT  sing N N 204 
LEU   N   CA   sing N N 205 
LEU   N   H    sing N N 206 
LEU   N   H2   sing N N 207 
LEU   CA  C    sing N N 208 
LEU   CA  CB   sing N N 209 
LEU   CA  HA   sing N N 210 
LEU   C   O    doub N N 211 
LEU   C   OXT  sing N N 212 
LEU   CB  CG   sing N N 213 
LEU   CB  HB2  sing N N 214 
LEU   CB  HB3  sing N N 215 
LEU   CG  CD1  sing N N 216 
LEU   CG  CD2  sing N N 217 
LEU   CG  HG   sing N N 218 
LEU   CD1 HD11 sing N N 219 
LEU   CD1 HD12 sing N N 220 
LEU   CD1 HD13 sing N N 221 
LEU   CD2 HD21 sing N N 222 
LEU   CD2 HD22 sing N N 223 
LEU   CD2 HD23 sing N N 224 
LEU   OXT HXT  sing N N 225 
LYS   N   CA   sing N N 226 
LYS   N   H    sing N N 227 
LYS   N   H2   sing N N 228 
LYS   CA  C    sing N N 229 
LYS   CA  CB   sing N N 230 
LYS   CA  HA   sing N N 231 
LYS   C   O    doub N N 232 
LYS   C   OXT  sing N N 233 
LYS   CB  CG   sing N N 234 
LYS   CB  HB2  sing N N 235 
LYS   CB  HB3  sing N N 236 
LYS   CG  CD   sing N N 237 
LYS   CG  HG2  sing N N 238 
LYS   CG  HG3  sing N N 239 
LYS   CD  CE   sing N N 240 
LYS   CD  HD2  sing N N 241 
LYS   CD  HD3  sing N N 242 
LYS   CE  NZ   sing N N 243 
LYS   CE  HE2  sing N N 244 
LYS   CE  HE3  sing N N 245 
LYS   NZ  HZ1  sing N N 246 
LYS   NZ  HZ2  sing N N 247 
LYS   NZ  HZ3  sing N N 248 
LYS   OXT HXT  sing N N 249 
MET   N   CA   sing N N 250 
MET   N   H    sing N N 251 
MET   N   H2   sing N N 252 
MET   CA  C    sing N N 253 
MET   CA  CB   sing N N 254 
MET   CA  HA   sing N N 255 
MET   C   O    doub N N 256 
MET   C   OXT  sing N N 257 
MET   CB  CG   sing N N 258 
MET   CB  HB2  sing N N 259 
MET   CB  HB3  sing N N 260 
MET   CG  SD   sing N N 261 
MET   CG  HG2  sing N N 262 
MET   CG  HG3  sing N N 263 
MET   SD  CE   sing N N 264 
MET   CE  HE1  sing N N 265 
MET   CE  HE2  sing N N 266 
MET   CE  HE3  sing N N 267 
MET   OXT HXT  sing N N 268 
PHE   N   CA   sing N N 269 
PHE   N   H    sing N N 270 
PHE   N   H2   sing N N 271 
PHE   CA  C    sing N N 272 
PHE   CA  CB   sing N N 273 
PHE   CA  HA   sing N N 274 
PHE   C   O    doub N N 275 
PHE   C   OXT  sing N N 276 
PHE   CB  CG   sing N N 277 
PHE   CB  HB2  sing N N 278 
PHE   CB  HB3  sing N N 279 
PHE   CG  CD1  doub Y N 280 
PHE   CG  CD2  sing Y N 281 
PHE   CD1 CE1  sing Y N 282 
PHE   CD1 HD1  sing N N 283 
PHE   CD2 CE2  doub Y N 284 
PHE   CD2 HD2  sing N N 285 
PHE   CE1 CZ   doub Y N 286 
PHE   CE1 HE1  sing N N 287 
PHE   CE2 CZ   sing Y N 288 
PHE   CE2 HE2  sing N N 289 
PHE   CZ  HZ   sing N N 290 
PHE   OXT HXT  sing N N 291 
PRO   N   CA   sing N N 292 
PRO   N   CD   sing N N 293 
PRO   N   H    sing N N 294 
PRO   CA  C    sing N N 295 
PRO   CA  CB   sing N N 296 
PRO   CA  HA   sing N N 297 
PRO   C   O    doub N N 298 
PRO   C   OXT  sing N N 299 
PRO   CB  CG   sing N N 300 
PRO   CB  HB2  sing N N 301 
PRO   CB  HB3  sing N N 302 
PRO   CG  CD   sing N N 303 
PRO   CG  HG2  sing N N 304 
PRO   CG  HG3  sing N N 305 
PRO   CD  HD2  sing N N 306 
PRO   CD  HD3  sing N N 307 
PRO   OXT HXT  sing N N 308 
SER   N   CA   sing N N 309 
SER   N   H    sing N N 310 
SER   N   H2   sing N N 311 
SER   CA  C    sing N N 312 
SER   CA  CB   sing N N 313 
SER   CA  HA   sing N N 314 
SER   C   O    doub N N 315 
SER   C   OXT  sing N N 316 
SER   CB  OG   sing N N 317 
SER   CB  HB2  sing N N 318 
SER   CB  HB3  sing N N 319 
SER   OG  HG   sing N N 320 
SER   OXT HXT  sing N N 321 
THR   N   CA   sing N N 322 
THR   N   H    sing N N 323 
THR   N   H2   sing N N 324 
THR   CA  C    sing N N 325 
THR   CA  CB   sing N N 326 
THR   CA  HA   sing N N 327 
THR   C   O    doub N N 328 
THR   C   OXT  sing N N 329 
THR   CB  OG1  sing N N 330 
THR   CB  CG2  sing N N 331 
THR   CB  HB   sing N N 332 
THR   OG1 HG1  sing N N 333 
THR   CG2 HG21 sing N N 334 
THR   CG2 HG22 sing N N 335 
THR   CG2 HG23 sing N N 336 
THR   OXT HXT  sing N N 337 
TRP   N   CA   sing N N 338 
TRP   N   H    sing N N 339 
TRP   N   H2   sing N N 340 
TRP   CA  C    sing N N 341 
TRP   CA  CB   sing N N 342 
TRP   CA  HA   sing N N 343 
TRP   C   O    doub N N 344 
TRP   C   OXT  sing N N 345 
TRP   CB  CG   sing N N 346 
TRP   CB  HB2  sing N N 347 
TRP   CB  HB3  sing N N 348 
TRP   CG  CD1  doub Y N 349 
TRP   CG  CD2  sing Y N 350 
TRP   CD1 NE1  sing Y N 351 
TRP   CD1 HD1  sing N N 352 
TRP   CD2 CE2  doub Y N 353 
TRP   CD2 CE3  sing Y N 354 
TRP   NE1 CE2  sing Y N 355 
TRP   NE1 HE1  sing N N 356 
TRP   CE2 CZ2  sing Y N 357 
TRP   CE3 CZ3  doub Y N 358 
TRP   CE3 HE3  sing N N 359 
TRP   CZ2 CH2  doub Y N 360 
TRP   CZ2 HZ2  sing N N 361 
TRP   CZ3 CH2  sing Y N 362 
TRP   CZ3 HZ3  sing N N 363 
TRP   CH2 HH2  sing N N 364 
TRP   OXT HXT  sing N N 365 
TYR   N   CA   sing N N 366 
TYR   N   H    sing N N 367 
TYR   N   H2   sing N N 368 
TYR   CA  C    sing N N 369 
TYR   CA  CB   sing N N 370 
TYR   CA  HA   sing N N 371 
TYR   C   O    doub N N 372 
TYR   C   OXT  sing N N 373 
TYR   CB  CG   sing N N 374 
TYR   CB  HB2  sing N N 375 
TYR   CB  HB3  sing N N 376 
TYR   CG  CD1  doub Y N 377 
TYR   CG  CD2  sing Y N 378 
TYR   CD1 CE1  sing Y N 379 
TYR   CD1 HD1  sing N N 380 
TYR   CD2 CE2  doub Y N 381 
TYR   CD2 HD2  sing N N 382 
TYR   CE1 CZ   doub Y N 383 
TYR   CE1 HE1  sing N N 384 
TYR   CE2 CZ   sing Y N 385 
TYR   CE2 HE2  sing N N 386 
TYR   CZ  OH   sing N N 387 
TYR   OH  HH   sing N N 388 
TYR   OXT HXT  sing N N 389 
VAL   N   CA   sing N N 390 
VAL   N   H    sing N N 391 
VAL   N   H2   sing N N 392 
VAL   CA  C    sing N N 393 
VAL   CA  CB   sing N N 394 
VAL   CA  HA   sing N N 395 
VAL   C   O    doub N N 396 
VAL   C   OXT  sing N N 397 
VAL   CB  CG1  sing N N 398 
VAL   CB  CG2  sing N N 399 
VAL   CB  HB   sing N N 400 
VAL   CG1 HG11 sing N N 401 
VAL   CG1 HG12 sing N N 402 
VAL   CG1 HG13 sing N N 403 
VAL   CG2 HG21 sing N N 404 
VAL   CG2 HG22 sing N N 405 
VAL   CG2 HG23 sing N N 406 
VAL   OXT HXT  sing N N 407 
# 
_pdbx_audit_support.funding_organization   'Not funded' 
_pdbx_audit_support.country                Italy 
_pdbx_audit_support.grant_number           ? 
_pdbx_audit_support.ordinal                1 
# 
_pdbx_initial_refinement_model.id               1 
_pdbx_initial_refinement_model.entity_id_list   ? 
_pdbx_initial_refinement_model.type             'experimental model' 
_pdbx_initial_refinement_model.source_name      PDB 
_pdbx_initial_refinement_model.accession_code   6Z2U 
_pdbx_initial_refinement_model.details          ? 
# 
_atom_sites.entry_id                    9GW0 
_atom_sites.Cartn_transf_matrix[1][1]   ? 
_atom_sites.Cartn_transf_matrix[1][2]   ? 
_atom_sites.Cartn_transf_matrix[1][3]   ? 
_atom_sites.Cartn_transf_matrix[2][1]   ? 
_atom_sites.Cartn_transf_matrix[2][2]   ? 
_atom_sites.Cartn_transf_matrix[2][3]   ? 
_atom_sites.Cartn_transf_matrix[3][1]   ? 
_atom_sites.Cartn_transf_matrix[3][2]   ? 
_atom_sites.Cartn_transf_matrix[3][3]   ? 
_atom_sites.Cartn_transf_vector[1]      ? 
_atom_sites.Cartn_transf_vector[2]      ? 
_atom_sites.Cartn_transf_vector[3]      ? 
_atom_sites.Cartn_transform_axes        ? 
_atom_sites.fract_transf_matrix[1][1]   0.01710949 
_atom_sites.fract_transf_matrix[1][2]   -0.01000835 
_atom_sites.fract_transf_matrix[1][3]   -0.00238801 
_atom_sites.fract_transf_matrix[2][1]   0.01242917 
_atom_sites.fract_transf_matrix[2][2]   -0.00235198 
_atom_sites.fract_transf_matrix[2][3]   0.01544620 
_atom_sites.fract_transf_matrix[3][1]   -0.00455475 
_atom_sites.fract_transf_matrix[3][2]   -0.00835731 
_atom_sites.fract_transf_matrix[3][3]   0.00239253 
_atom_sites.fract_transf_vector[1]      0.273102 
_atom_sites.fract_transf_vector[2]      -0.477979 
_atom_sites.fract_transf_vector[3]      -0.117231 
_atom_sites.solution_primary            ? 
_atom_sites.solution_secondary          ? 
_atom_sites.solution_hydrogens          ? 
_atom_sites.special_details             ? 
# 
loop_
_atom_type.symbol 
C 
N 
O 
S 
# 
loop_
_atom_site.group_PDB 
_atom_site.id 
_atom_site.type_symbol 
_atom_site.label_atom_id 
_atom_site.label_alt_id 
_atom_site.label_comp_id 
_atom_site.label_asym_id 
_atom_site.label_entity_id 
_atom_site.label_seq_id 
_atom_site.pdbx_PDB_ins_code 
_atom_site.Cartn_x 
_atom_site.Cartn_y 
_atom_site.Cartn_z 
_atom_site.occupancy 
_atom_site.B_iso_or_equiv 
_atom_site.pdbx_formal_charge 
_atom_site.auth_seq_id 
_atom_site.auth_comp_id 
_atom_site.auth_asym_id 
_atom_site.auth_atom_id 
_atom_site.pdbx_PDB_model_num 
ATOM   1    N N   . MET   A 1 4   ? 17.436  12.688  8.414   1.00 91.18  ? 0   MET   A N   1 
ATOM   2    C CA  . MET   A 1 4   ? 16.804  12.458  9.742   1.00 113.63 ? 0   MET   A CA  1 
ATOM   3    C C   . MET   A 1 4   ? 15.738  11.370  9.632   1.00 123.89 ? 0   MET   A C   1 
ATOM   4    O O   . MET   A 1 4   ? 15.073  11.281  8.598   1.00 118.61 ? 0   MET   A O   1 
ATOM   5    C CB  . MET   A 1 4   ? 16.139  13.743  10.243  1.00 117.90 ? 0   MET   A CB  1 
ATOM   6    C CG  . MET   A 1 4   ? 17.089  14.655  10.981  1.00 127.91 ? 0   MET   A CG  1 
ATOM   7    S SD  . MET   A 1 4   ? 16.203  15.911  11.938  1.00 140.15 ? 0   MET   A SD  1 
ATOM   8    C CE  . MET   A 1 4   ? 17.259  16.027  13.385  1.00 144.51 ? 0   MET   A CE  1 
ATOM   9    N N   . PRO   A 1 5   ? 15.541  10.536  10.692  1.00 129.29 ? 1   PRO   A N   1 
ATOM   10   C CA  . PRO   A 1 5   ? 14.498  9.496   10.727  1.00 122.32 ? 1   PRO   A CA  1 
ATOM   11   C C   . PRO   A 1 5   ? 13.103  9.955   10.284  1.00 109.06 ? 1   PRO   A C   1 
ATOM   12   O O   . PRO   A 1 5   ? 12.425  10.719  10.972  1.00 111.54 ? 1   PRO   A O   1 
ATOM   13   C CB  . PRO   A 1 5   ? 14.525  8.981   12.180  1.00 122.68 ? 1   PRO   A CB  1 
ATOM   14   C CG  . PRO   A 1 5   ? 15.339  10.021  12.936  1.00 130.01 ? 1   PRO   A CG  1 
ATOM   15   C CD  . PRO   A 1 5   ? 16.345  10.535  11.927  1.00 124.04 ? 1   PRO   A CD  1 
ATOM   16   N N   . ASN   A 1 6   ? 12.675  9.436   9.129   1.00 95.24  ? 2   ASN   A N   1 
ATOM   17   C CA  . ASN   A 1 6   ? 11.358  9.682   8.561   1.00 81.54  ? 2   ASN   A CA  1 
ATOM   18   C C   . ASN   A 1 6   ? 10.924  8.371   7.906   1.00 74.63  ? 2   ASN   A C   1 
ATOM   19   O O   . ASN   A 1 6   ? 11.482  7.316   8.203   1.00 78.57  ? 2   ASN   A O   1 
ATOM   20   C CB  . ASN   A 1 6   ? 11.316  10.909  7.638   1.00 75.46  ? 2   ASN   A CB  1 
ATOM   21   C CG  . ASN   A 1 6   ? 12.199  10.817  6.403   1.00 83.03  ? 2   ASN   A CG  1 
ATOM   22   O OD1 . ASN   A 1 6   ? 12.676  9.741   6.027   1.00 84.16  ? 2   ASN   A OD1 1 
ATOM   23   N ND2 . ASN   A 1 6   ? 12.392  11.940  5.729   1.00 64.82  ? 2   ASN   A ND2 1 
ATOM   24   N N   . PHE   A 1 7   ? 9.959   8.444   6.984   1.00 70.21  ? 3   PHE   A N   1 
ATOM   25   C CA  . PHE   A 1 7   ? 9.503   7.273   6.250   1.00 66.99  ? 3   PHE   A CA  1 
ATOM   26   C C   . PHE   A 1 7   ? 10.611  6.614   5.432   1.00 61.71  ? 3   PHE   A C   1 
ATOM   27   O O   . PHE   A 1 7   ? 10.460  5.475   5.023   1.00 74.80  ? 3   PHE   A O   1 
ATOM   28   C CB  . PHE   A 1 7   ? 8.385   7.633   5.278   1.00 62.19  ? 3   PHE   A CB  1 
ATOM   29   C CG  . PHE   A 1 7   ? 7.029   7.786   5.922   1.00 69.01  ? 3   PHE   A CG  1 
ATOM   30   C CD1 . PHE   A 1 7   ? 6.628   9.010   6.438   1.00 66.92  ? 3   PHE   A CD1 1 
ATOM   31   C CD2 . PHE   A 1 7   ? 6.148   6.716   5.988   1.00 55.85  ? 3   PHE   A CD2 1 
ATOM   32   C CE1 . PHE   A 1 7   ? 5.375   9.159   7.009   1.00 68.48  ? 3   PHE   A CE1 1 
ATOM   33   C CE2 . PHE   A 1 7   ? 4.903   6.869   6.571   1.00 57.12  ? 3   PHE   A CE2 1 
ATOM   34   C CZ  . PHE   A 1 7   ? 4.512   8.090   7.060   1.00 60.90  ? 3   PHE   A CZ  1 
ATOM   35   N N   . SER   A 1 8   ? 11.705  7.317   5.164   1.00 61.05  ? 4   SER   A N   1 
ATOM   36   C CA  . SER   A 1 8   ? 12.707  6.780   4.258   1.00 64.06  ? 4   SER   A CA  1 
ATOM   37   C C   . SER   A 1 8   ? 13.259  5.471   4.798   1.00 63.90  ? 4   SER   A C   1 
ATOM   38   O O   . SER   A 1 8   ? 13.416  5.319   6.002   1.00 76.96  ? 4   SER   A O   1 
ATOM   39   C CB  . SER   A 1 8   ? 13.820  7.761   4.012   1.00 59.47  ? 4   SER   A CB  1 
ATOM   40   O OG  . SER   A 1 8   ? 13.372  8.794   3.154   1.00 82.70  ? 4   SER   A OG  1 
ATOM   41   N N   . GLY   A 1 9   ? 13.539  4.530   3.893   1.00 73.05  ? 5   GLY   A N   1 
ATOM   42   C CA  . GLY   A 1 9   ? 14.323  3.358   4.244   1.00 70.77  ? 5   GLY   A CA  1 
ATOM   43   C C   . GLY   A 1 9   ? 13.909  2.076   3.519   1.00 71.17  ? 5   GLY   A C   1 
ATOM   44   O O   . GLY   A 1 9   ? 13.270  2.088   2.457   1.00 67.40  ? 5   GLY   A O   1 
ATOM   45   N N   . ASN   A 1 10  ? 14.329  0.961   4.119   1.00 61.63  ? 6   ASN   A N   1 
ATOM   46   C CA  . ASN   A 1 10  ? 14.111  -0.346  3.554   1.00 61.26  ? 6   ASN   A CA  1 
ATOM   47   C C   . ASN   A 1 10  ? 13.348  -1.121  4.603   1.00 65.77  ? 6   ASN   A C   1 
ATOM   48   O O   . ASN   A 1 10  ? 13.866  -1.321  5.701   1.00 73.36  ? 6   ASN   A O   1 
ATOM   49   C CB  . ASN   A 1 10  ? 15.424  -1.077  3.230   1.00 67.63  ? 6   ASN   A CB  1 
ATOM   50   C CG  . ASN   A 1 10  ? 16.270  -0.358  2.197   1.00 72.70  ? 6   ASN   A CG  1 
ATOM   51   O OD1 . ASN   A 1 10  ? 15.946  -0.316  1.012   1.00 65.34  ? 6   ASN   A OD1 1 
ATOM   52   N ND2 . ASN   A 1 10  ? 17.352  0.248   2.653   1.00 81.96  ? 6   ASN   A ND2 1 
ATOM   53   N N   . TRP   A 1 11  ? 12.139  -1.554  4.224   1.00 59.11  ? 7   TRP   A N   1 
ATOM   54   C CA  . TRP   A 1 11  ? 11.222  -2.226  5.126   1.00 60.16  ? 7   TRP   A CA  1 
ATOM   55   C C   . TRP   A 1 11  ? 10.966  -3.647  4.648   1.00 60.08  ? 7   TRP   A C   1 
ATOM   56   O O   . TRP   A 1 11  ? 10.903  -3.882  3.440   1.00 66.05  ? 7   TRP   A O   1 
ATOM   57   C CB  . TRP   A 1 11  ? 9.906   -1.443  5.170   1.00 59.34  ? 7   TRP   A CB  1 
ATOM   58   C CG  . TRP   A 1 11  ? 10.096  -0.012  5.552   1.00 60.70  ? 7   TRP   A CG  1 
ATOM   59   C CD1 . TRP   A 1 11  ? 10.354  1.044   4.723   1.00 62.55  ? 7   TRP   A CD1 1 
ATOM   60   C CD2 . TRP   A 1 11  ? 10.088  0.512   6.888   1.00 59.51  ? 7   TRP   A CD2 1 
ATOM   61   N NE1 . TRP   A 1 11  ? 10.489  2.194   5.454   1.00 62.42  ? 7   TRP   A NE1 1 
ATOM   62   C CE2 . TRP   A 1 11  ? 10.329  1.899   6.784   1.00 60.19  ? 7   TRP   A CE2 1 
ATOM   63   C CE3 . TRP   A 1 11  ? 9.886   -0.052  8.152   1.00 57.84  ? 7   TRP   A CE3 1 
ATOM   64   C CZ2 . TRP   A 1 11  ? 10.364  2.728   7.906   1.00 59.42  ? 7   TRP   A CZ2 1 
ATOM   65   C CZ3 . TRP   A 1 11  ? 9.919   0.769   9.259   1.00 56.91  ? 7   TRP   A CZ3 1 
ATOM   66   C CH2 . TRP   A 1 11  ? 10.129  2.145   9.134   1.00 57.12  ? 7   TRP   A CH2 1 
ATOM   67   N N   . LYS   A 1 12  ? 10.749  -4.550  5.616   1.00 64.50  ? 8   LYS   A N   1 
ATOM   68   C CA  . LYS   A 1 12  ? 10.445  -5.963  5.424   1.00 55.30  ? 8   LYS   A CA  1 
ATOM   69   C C   . LYS   A 1 12  ? 9.237   -6.298  6.298   1.00 62.13  ? 8   LYS   A C   1 
ATOM   70   O O   . LYS   A 1 12  ? 9.247   -6.020  7.507   1.00 70.48  ? 8   LYS   A O   1 
ATOM   71   C CB  . LYS   A 1 12  ? 11.653  -6.802  5.858   1.00 51.59  ? 8   LYS   A CB  1 
ATOM   72   N N   . ILE   A 1 13  ? 8.199   -6.882  5.676   1.00 58.96  ? 9   ILE   A N   1 
ATOM   73   C CA  . ILE   A 1 13  ? 6.928   -7.155  6.336   1.00 56.79  ? 9   ILE   A CA  1 
ATOM   74   C C   . ILE   A 1 13  ? 7.151   -8.093  7.518   1.00 60.77  ? 9   ILE   A C   1 
ATOM   75   O O   . ILE   A 1 13  ? 7.962   -9.004  7.430   1.00 61.89  ? 9   ILE   A O   1 
ATOM   76   C CB  . ILE   A 1 13  ? 5.924   -7.747  5.330   1.00 54.81  ? 9   ILE   A CB  1 
ATOM   77   C CG1 . ILE   A 1 13  ? 4.512   -7.847  5.902   1.00 48.02  ? 9   ILE   A CG1 1 
ATOM   78   C CG2 . ILE   A 1 13  ? 6.373   -9.096  4.776   1.00 49.59  ? 9   ILE   A CG2 1 
ATOM   79   C CD1 . ILE   A 1 13  ? 3.451   -7.865  4.799   1.00 49.02  ? 9   ILE   A CD1 1 
ATOM   80   N N   . ILE   A 1 14  ? 6.412   -7.901  8.614   1.00 64.58  ? 10  ILE   A N   1 
ATOM   81   C CA  . ILE   A 1 14  ? 6.467   -8.905  9.665   1.00 59.25  ? 10  ILE   A CA  1 
ATOM   82   C C   . ILE   A 1 14  ? 5.092   -9.507  9.970   1.00 66.70  ? 10  ILE   A C   1 
ATOM   83   O O   . ILE   A 1 14  ? 5.006   -10.506 10.676  1.00 64.33  ? 10  ILE   A O   1 
ATOM   84   C CB  . ILE   A 1 14  ? 7.174   -8.396  10.936  1.00 59.79  ? 10  ILE   A CB  1 
ATOM   85   C CG1 . ILE   A 1 14  ? 6.480   -7.197  11.573  1.00 58.25  ? 10  ILE   A CG1 1 
ATOM   86   C CG2 . ILE   A 1 14  ? 8.659   -8.150  10.704  1.00 53.88  ? 10  ILE   A CG2 1 
ATOM   87   C CD1 . ILE   A 1 14  ? 6.754   -7.131  13.065  1.00 65.15  ? 10  ILE   A CD1 1 
ATOM   88   N N   . ARG   A 1 15  ? 4.022   -8.927  9.426   1.00 67.73  ? 11  ARG   A N   1 
ATOM   89   C CA  . ARG   A 1 15  ? 2.676   -9.374  9.733   1.00 68.11  ? 11  ARG   A CA  1 
ATOM   90   C C   . ARG   A 1 15  ? 1.740   -8.866  8.644   1.00 71.72  ? 11  ARG   A C   1 
ATOM   91   O O   . ARG   A 1 15  ? 1.931   -7.774  8.110   1.00 79.51  ? 11  ARG   A O   1 
ATOM   92   C CB  . ARG   A 1 15  ? 2.232   -8.791  11.075  1.00 62.41  ? 11  ARG   A CB  1 
ATOM   93   C CG  . ARG   A 1 15  ? 0.951   -9.401  11.622  1.00 84.65  ? 11  ARG   A CG  1 
ATOM   94   C CD  . ARG   A 1 15  ? 0.534   -8.671  12.895  1.00 89.38  ? 11  ARG   A CD  1 
ATOM   95   N NE  . ARG   A 1 15  ? 1.747   -8.372  13.648  1.00 88.56  ? 11  ARG   A NE  1 
ATOM   96   C CZ  . ARG   A 1 15  ? 1.946   -7.281  14.381  1.00 93.58  ? 11  ARG   A CZ  1 
ATOM   97   N NH1 . ARG   A 1 15  ? 0.988   -6.366  14.476  1.00 88.12  ? 11  ARG   A NH1 1 
ATOM   98   N NH2 . ARG   A 1 15  ? 3.109   -7.113  14.999  1.00 84.93  ? 11  ARG   A NH2 1 
ATOM   99   N N   . SER   A 1 16  ? 0.707   -9.656  8.345   1.00 70.23  ? 12  SER   A N   1 
ATOM   100  C CA  . SER   A 1 16  ? -0.184  -9.348  7.246   1.00 62.39  ? 12  SER   A CA  1 
ATOM   101  C C   . SER   A 1 16  ? -1.550  -9.918  7.564   1.00 62.69  ? 12  SER   A C   1 
ATOM   102  O O   . SER   A 1 16  ? -1.766  -11.103 7.342   1.00 72.13  ? 12  SER   A O   1 
ATOM   103  C CB  . SER   A 1 16  ? 0.356   -9.883  5.930   1.00 63.67  ? 12  SER   A CB  1 
ATOM   104  O OG  . SER   A 1 16  ? -0.575  -9.683  4.871   1.00 63.48  ? 12  SER   A OG  1 
ATOM   105  N N   . GLU   A 1 17  ? -2.446  -9.061  8.071   1.00 61.06  ? 13  GLU   A N   1 
ATOM   106  C CA  . GLU   A 1 17  ? -3.787  -9.450  8.494   1.00 61.50  ? 13  GLU   A CA  1 
ATOM   107  C C   . GLU   A 1 17  ? -4.825  -9.007  7.451   1.00 58.87  ? 13  GLU   A C   1 
ATOM   108  O O   . GLU   A 1 17  ? -4.768  -7.894  6.949   1.00 72.92  ? 13  GLU   A O   1 
ATOM   109  C CB  . GLU   A 1 17  ? -4.001  -8.912  9.911   1.00 67.56  ? 13  GLU   A CB  1 
ATOM   110  C CG  . GLU   A 1 17  ? -5.342  -8.216  10.133  1.00 76.64  ? 13  GLU   A CG  1 
ATOM   111  N N   . ASN   A 1 18  ? -5.737  -9.902  7.073   1.00 53.89  ? 14  ASN   A N   1 
ATOM   112  C CA  . ASN   A 1 18  ? -6.880  -9.643  6.194   1.00 56.81  ? 14  ASN   A CA  1 
ATOM   113  C C   . ASN   A 1 18  ? -6.566  -9.578  4.696   1.00 55.35  ? 14  ASN   A C   1 
ATOM   114  O O   . ASN   A 1 18  ? -7.429  -9.163  3.913   1.00 55.28  ? 14  ASN   A O   1 
ATOM   115  C CB  . ASN   A 1 18  ? -7.789  -8.495  6.645   1.00 64.05  ? 14  ASN   A CB  1 
ATOM   116  C CG  . ASN   A 1 18  ? -8.538  -8.841  7.913   1.00 83.11  ? 14  ASN   A CG  1 
ATOM   117  O OD1 . ASN   A 1 18  ? -9.083  -9.939  8.024   1.00 89.44  ? 14  ASN   A OD1 1 
ATOM   118  N ND2 . ASN   A 1 18  ? -8.537  -7.934  8.881   1.00 80.09  ? 14  ASN   A ND2 1 
ATOM   119  N N   . PHE   A 1 19  ? -5.376  -10.029 4.277   1.00 51.56  ? 15  PHE   A N   1 
ATOM   120  C CA  . PHE   A 1 19  ? -5.024  -9.894  2.873   1.00 52.44  ? 15  PHE   A CA  1 
ATOM   121  C C   . PHE   A 1 19  ? -6.011  -10.643 1.967   1.00 57.56  ? 15  PHE   A C   1 
ATOM   122  O O   . PHE   A 1 19  ? -6.506  -10.109 0.963   1.00 59.31  ? 15  PHE   A O   1 
ATOM   123  C CB  . PHE   A 1 19  ? -3.543  -10.209 2.655   1.00 57.94  ? 15  PHE   A CB  1 
ATOM   124  C CG  . PHE   A 1 19  ? -3.064  -9.853  1.275   1.00 67.82  ? 15  PHE   A CG  1 
ATOM   125  C CD1 . PHE   A 1 19  ? -3.210  -8.563  0.785   1.00 64.26  ? 15  PHE   A CD1 1 
ATOM   126  C CD2 . PHE   A 1 19  ? -2.510  -10.814 0.444   1.00 72.03  ? 15  PHE   A CD2 1 
ATOM   127  C CE1 . PHE   A 1 19  ? -2.788  -8.243  -0.498  1.00 73.45  ? 15  PHE   A CE1 1 
ATOM   128  C CE2 . PHE   A 1 19  ? -2.074  -10.487 -0.835  1.00 70.76  ? 15  PHE   A CE2 1 
ATOM   129  C CZ  . PHE   A 1 19  ? -2.217  -9.201  -1.309  1.00 71.83  ? 15  PHE   A CZ  1 
ATOM   130  N N   . GLU   A 1 20  ? -6.311  -11.886 2.354   1.00 53.26  ? 16  GLU   A N   1 
ATOM   131  C CA  . GLU   A 1 20  ? -7.116  -12.803 1.571   1.00 57.96  ? 16  GLU   A CA  1 
ATOM   132  C C   . GLU   A 1 20  ? -8.527  -12.244 1.392   1.00 61.93  ? 16  GLU   A C   1 
ATOM   133  O O   . GLU   A 1 20  ? -9.131  -12.376 0.320   1.00 65.02  ? 16  GLU   A O   1 
ATOM   134  C CB  . GLU   A 1 20  ? -7.091  -14.137 2.315   1.00 62.72  ? 16  GLU   A CB  1 
ATOM   135  C CG  . GLU   A 1 20  ? -7.744  -15.288 1.574   1.00 74.07  ? 16  GLU   A CG  1 
ATOM   136  C CD  . GLU   A 1 20  ? -7.838  -16.583 2.369   1.00 77.79  ? 16  GLU   A CD  1 
ATOM   137  O OE1 . GLU   A 1 20  ? -7.234  -16.658 3.486   1.00 90.78  ? 16  GLU   A OE1 1 
ATOM   138  O OE2 . GLU   A 1 20  ? -8.502  -17.522 1.862   1.00 78.13  ? 16  GLU   A OE2 1 
ATOM   139  N N   . GLU   A 1 21  ? -9.036  -11.615 2.461   1.00 59.41  ? 17  GLU   A N   1 
ATOM   140  C CA  . GLU   A 1 21  ? -10.403 -11.136 2.503   1.00 59.17  ? 17  GLU   A CA  1 
ATOM   141  C C   . GLU   A 1 21  ? -10.543 -9.953  1.544   1.00 68.05  ? 17  GLU   A C   1 
ATOM   142  O O   . GLU   A 1 21  ? -11.544 -9.862  0.826   1.00 65.31  ? 17  GLU   A O   1 
ATOM   143  C CB  . GLU   A 1 21  ? -10.792 -10.775 3.937   1.00 68.99  ? 17  GLU   A CB  1 
ATOM   144  C CG  . GLU   A 1 21  ? -10.871 -11.961 4.894   1.00 73.99  ? 17  GLU   A CG  1 
ATOM   145  C CD  . GLU   A 1 21  ? -9.566  -12.516 5.468   1.00 90.50  ? 17  GLU   A CD  1 
ATOM   146  O OE1 . GLU   A 1 21  ? -8.451  -12.030 5.080   1.00 77.83  ? 17  GLU   A OE1 1 
ATOM   147  O OE2 . GLU   A 1 21  ? -9.655  -13.460 6.296   1.00 90.15  ? 17  GLU   A OE2 1 
ATOM   148  N N   . LEU   A 1 22  ? -9.511  -9.085  1.525   1.00 63.94  ? 18  LEU   A N   1 
ATOM   149  C CA  . LEU   A 1 22  ? -9.402  -7.958  0.604   1.00 60.12  ? 18  LEU   A CA  1 
ATOM   150  C C   . LEU   A 1 22  ? -9.447  -8.448  -0.848  1.00 60.98  ? 18  LEU   A C   1 
ATOM   151  O O   . LEU   A 1 22  ? -10.307 -8.016  -1.608  1.00 67.13  ? 18  LEU   A O   1 
ATOM   152  C CB  . LEU   A 1 22  ? -8.120  -7.171  0.909   1.00 57.92  ? 18  LEU   A CB  1 
ATOM   153  C CG  . LEU   A 1 22  ? -7.908  -5.867  0.123   1.00 67.95  ? 18  LEU   A CG  1 
ATOM   154  C CD1 . LEU   A 1 22  ? -8.609  -4.687  0.775   1.00 65.47  ? 18  LEU   A CD1 1 
ATOM   155  C CD2 . LEU   A 1 22  ? -6.429  -5.545  -0.004  1.00 57.88  ? 18  LEU   A CD2 1 
ATOM   156  N N   . LEU   A 1 23  ? -8.553  -9.371  -1.226  1.00 58.80  ? 19  LEU   A N   1 
ATOM   157  C CA  . LEU   A 1 23  ? -8.524  -9.881  -2.590  1.00 63.67  ? 19  LEU   A CA  1 
ATOM   158  C C   . LEU   A 1 23  ? -9.870  -10.488 -2.953  1.00 68.34  ? 19  LEU   A C   1 
ATOM   159  O O   . LEU   A 1 23  ? -10.263 -10.496 -4.125  1.00 65.37  ? 19  LEU   A O   1 
ATOM   160  C CB  . LEU   A 1 23  ? -7.425  -10.936 -2.739  1.00 63.94  ? 19  LEU   A CB  1 
ATOM   161  C CG  . LEU   A 1 23  ? -6.017  -10.420 -2.457  1.00 73.40  ? 19  LEU   A CG  1 
ATOM   162  C CD1 . LEU   A 1 23  ? -5.027  -11.560 -2.468  1.00 84.08  ? 19  LEU   A CD1 1 
ATOM   163  C CD2 . LEU   A 1 23  ? -5.597  -9.357  -3.460  1.00 72.72  ? 19  LEU   A CD2 1 
ATOM   164  N N   . LYS   A 1 24  ? -10.556 -11.026 -1.940  1.00 70.03  ? 20  LYS   A N   1 
ATOM   165  C CA  . LYS   A 1 24  ? -11.857 -11.629 -2.182  1.00 74.44  ? 20  LYS   A CA  1 
ATOM   166  C C   . LYS   A 1 24  ? -12.875 -10.566 -2.613  1.00 76.51  ? 20  LYS   A C   1 
ATOM   167  O O   . LYS   A 1 24  ? -13.646 -10.793 -3.542  1.00 70.39  ? 20  LYS   A O   1 
ATOM   168  C CB  . LYS   A 1 24  ? -12.322 -12.437 -0.969  1.00 70.93  ? 20  LYS   A CB  1 
ATOM   169  C CG  . LYS   A 1 24  ? -13.503 -13.358 -1.234  1.00 64.81  ? 20  LYS   A CG  1 
ATOM   170  C CD  . LYS   A 1 24  ? -13.984 -13.961 0.055   1.00 73.31  ? 20  LYS   A CD  1 
ATOM   171  C CE  . LYS   A 1 24  ? -15.221 -14.824 -0.061  1.00 77.58  ? 20  LYS   A CE  1 
ATOM   172  N NZ  . LYS   A 1 24  ? -15.758 -15.127 1.287   1.00 80.11  ? 20  LYS   A NZ  1 
ATOM   173  N N   . VAL   A 1 25  ? -12.860 -9.403  -1.943  1.00 73.84  ? 21  VAL   A N   1 
ATOM   174  C CA  . VAL   A 1 25  ? -13.770 -8.321  -2.275  1.00 69.08  ? 21  VAL   A CA  1 
ATOM   175  C C   . VAL   A 1 25  ? -13.509 -7.872  -3.709  1.00 71.71  ? 21  VAL   A C   1 
ATOM   176  O O   . VAL   A 1 25  ? -14.419 -7.395  -4.379  1.00 80.21  ? 21  VAL   A O   1 
ATOM   177  C CB  . VAL   A 1 25  ? -13.642 -7.140  -1.294  1.00 70.80  ? 21  VAL   A CB  1 
ATOM   178  C CG1 . VAL   A 1 25  ? -14.536 -5.993  -1.725  1.00 78.43  ? 21  VAL   A CG1 1 
ATOM   179  C CG2 . VAL   A 1 25  ? -13.969 -7.537  0.134   1.00 68.70  ? 21  VAL   A CG2 1 
ATOM   180  N N   . LEU   A 1 26  ? -12.262 -8.053  -4.161  1.00 66.49  ? 22  LEU   A N   1 
ATOM   181  C CA  . LEU   A 1 26  ? -11.818 -7.647  -5.483  1.00 71.91  ? 22  LEU   A CA  1 
ATOM   182  C C   . LEU   A 1 26  ? -12.017 -8.797  -6.476  1.00 76.80  ? 22  LEU   A C   1 
ATOM   183  O O   . LEU   A 1 26  ? -11.614 -8.713  -7.634  1.00 91.57  ? 22  LEU   A O   1 
ATOM   184  C CB  . LEU   A 1 26  ? -10.345 -7.214  -5.395  1.00 78.25  ? 22  LEU   A CB  1 
ATOM   185  C CG  . LEU   A 1 26  ? -9.934  -6.388  -4.168  1.00 81.66  ? 22  LEU   A CG  1 
ATOM   186  C CD1 . LEU   A 1 26  ? -8.434  -6.168  -4.120  1.00 90.78  ? 22  LEU   A CD1 1 
ATOM   187  C CD2 . LEU   A 1 26  ? -10.613 -5.033  -4.129  1.00 84.30  ? 22  LEU   A CD2 1 
ATOM   188  N N   . GLY   A 1 27  ? -12.639 -9.889  -6.033  1.00 72.42  ? 23  GLY   A N   1 
ATOM   189  C CA  . GLY   A 1 27  ? -13.030 -10.927 -6.974  1.00 66.71  ? 23  GLY   A CA  1 
ATOM   190  C C   . GLY   A 1 27  ? -11.870 -11.783 -7.484  1.00 68.02  ? 23  GLY   A C   1 
ATOM   191  O O   . GLY   A 1 27  ? -12.026 -12.466 -8.491  1.00 82.25  ? 23  GLY   A O   1 
ATOM   192  N N   . VAL   A 1 28  ? -10.727 -11.772 -6.785  1.00 64.25  ? 24  VAL   A N   1 
ATOM   193  C CA  . VAL   A 1 28  ? -9.676  -12.754 -7.001  1.00 61.14  ? 24  VAL   A CA  1 
ATOM   194  C C   . VAL   A 1 28  ? -10.180 -14.122 -6.546  1.00 62.18  ? 24  VAL   A C   1 
ATOM   195  O O   . VAL   A 1 28  ? -10.592 -14.277 -5.395  1.00 74.62  ? 24  VAL   A O   1 
ATOM   196  C CB  . VAL   A 1 28  ? -8.432  -12.386 -6.182  1.00 63.68  ? 24  VAL   A CB  1 
ATOM   197  C CG1 . VAL   A 1 28  ? -7.311  -13.397 -6.354  1.00 65.33  ? 24  VAL   A CG1 1 
ATOM   198  C CG2 . VAL   A 1 28  ? -7.957  -10.987 -6.486  1.00 66.52  ? 24  VAL   A CG2 1 
ATOM   199  N N   . ASN   A 1 29  ? -10.097 -15.131 -7.421  1.00 67.53  ? 25  ASN   A N   1 
ATOM   200  C CA  . ASN   A 1 29  ? -10.484 -16.495 -7.067  1.00 66.33  ? 25  ASN   A CA  1 
ATOM   201  C C   . ASN   A 1 29  ? -9.544  -17.073 -6.000  1.00 69.45  ? 25  ASN   A C   1 
ATOM   202  O O   . ASN   A 1 29  ? -8.434  -16.568 -5.745  1.00 66.65  ? 25  ASN   A O   1 
ATOM   203  C CB  . ASN   A 1 29  ? -10.634 -17.397 -8.301  1.00 72.62  ? 25  ASN   A CB  1 
ATOM   204  C CG  . ASN   A 1 29  ? -9.315  -17.936 -8.838  1.00 91.43  ? 25  ASN   A CG  1 
ATOM   205  O OD1 . ASN   A 1 29  ? -8.475  -18.467 -8.110  1.00 89.21  ? 25  ASN   A OD1 1 
ATOM   206  N ND2 . ASN   A 1 29  ? -9.114  -17.830 -10.139 1.00 106.27 ? 25  ASN   A ND2 1 
ATOM   207  N N   . VAL   A 1 30  ? -9.998  -18.189 -5.419  1.00 66.63  ? 26  VAL   A N   1 
ATOM   208  C CA  . VAL   A 1 30  ? -9.418  -18.808 -4.239  1.00 66.04  ? 26  VAL   A CA  1 
ATOM   209  C C   . VAL   A 1 30  ? -7.969  -19.245 -4.447  1.00 71.35  ? 26  VAL   A C   1 
ATOM   210  O O   . VAL   A 1 30  ? -7.117  -18.968 -3.595  1.00 69.16  ? 26  VAL   A O   1 
ATOM   211  C CB  . VAL   A 1 30  ? -10.252 -20.005 -3.781  1.00 65.80  ? 26  VAL   A CB  1 
ATOM   212  C CG1 . VAL   A 1 30  ? -9.878  -20.333 -2.347  1.00 62.74  ? 26  VAL   A CG1 1 
ATOM   213  C CG2 . VAL   A 1 30  ? -11.742 -19.717 -3.921  1.00 77.56  ? 26  VAL   A CG2 1 
ATOM   214  N N   . MET   A 1 31  ? -7.707  -20.000 -5.523  1.00 63.66  ? 27  MET   A N   1 
ATOM   215  C CA  . MET   A 1 31  ? -6.354  -20.483 -5.750  1.00 68.48  ? 27  MET   A CA  1 
ATOM   216  C C   . MET   A 1 31  ? -5.382  -19.290 -5.852  1.00 70.48  ? 27  MET   A C   1 
ATOM   217  O O   . MET   A 1 31  ? -4.337  -19.266 -5.185  1.00 61.73  ? 27  MET   A O   1 
ATOM   218  C CB  . MET   A 1 31  ? -6.259  -21.434 -6.954  1.00 70.48  ? 27  MET   A CB  1 
ATOM   219  C CG  . MET   A 1 31  ? -4.852  -22.006 -7.148  1.00 87.76  ? 27  MET   A CG  1 
ATOM   220  S SD  . MET   A 1 31  ? -4.035  -21.869 -8.793  1.00 114.57 ? 27  MET   A SD  1 
ATOM   221  C CE  . MET   A 1 31  ? -3.926  -20.104 -9.061  1.00 76.89  ? 27  MET   A CE  1 
ATOM   222  N N   . LEU   A 1 32  ? -5.751  -18.259 -6.623  1.00 61.76  ? 28  LEU   A N   1 
ATOM   223  C CA  . LEU   A 1 32  ? -4.866  -17.108 -6.719  1.00 64.32  ? 28  LEU   A CA  1 
ATOM   224  C C   . LEU   A 1 32  ? -4.770  -16.386 -5.383  1.00 64.82  ? 28  LEU   A C   1 
ATOM   225  O O   . LEU   A 1 32  ? -3.675  -15.964 -5.003  1.00 67.20  ? 28  LEU   A O   1 
ATOM   226  C CB  . LEU   A 1 32  ? -5.305  -16.135 -7.813  1.00 65.16  ? 28  LEU   A CB  1 
ATOM   227  C CG  . LEU   A 1 32  ? -5.371  -16.678 -9.241  1.00 72.32  ? 28  LEU   A CG  1 
ATOM   228  C CD1 . LEU   A 1 32  ? -6.149  -15.710 -10.130 1.00 78.20  ? 28  LEU   A CD1 1 
ATOM   229  C CD2 . LEU   A 1 32  ? -3.982  -16.876 -9.801  1.00 64.51  ? 28  LEU   A CD2 1 
ATOM   230  N N   . ARG   A 1 33  ? -5.901  -16.234 -4.675  1.00 62.02  ? 29  ARG   A N   1 
ATOM   231  C CA  . ARG   A 1 33  ? -5.818  -15.541 -3.396  1.00 56.06  ? 29  ARG   A CA  1 
ATOM   232  C C   . ARG   A 1 33  ? -4.791  -16.249 -2.525  1.00 55.63  ? 29  ARG   A C   1 
ATOM   233  O O   . ARG   A 1 33  ? -4.002  -15.583 -1.855  1.00 59.14  ? 29  ARG   A O   1 
ATOM   234  C CB  . ARG   A 1 33  ? -7.121  -15.498 -2.599  1.00 56.50  ? 29  ARG   A CB  1 
ATOM   235  C CG  . ARG   A 1 33  ? -8.350  -15.027 -3.358  1.00 61.94  ? 29  ARG   A CG  1 
ATOM   236  C CD  . ARG   A 1 33  ? -9.366  -14.606 -2.305  1.00 72.33  ? 29  ARG   A CD  1 
ATOM   237  N NE  . ARG   A 1 33  ? -10.128 -15.638 -1.595  1.00 72.09  ? 29  ARG   A NE  1 
ATOM   238  C CZ  . ARG   A 1 33  ? -11.224 -16.225 -2.080  1.00 74.78  ? 29  ARG   A CZ  1 
ATOM   239  N NH1 . ARG   A 1 33  ? -11.660 -15.918 -3.288  1.00 64.19  ? 29  ARG   A NH1 1 
ATOM   240  N NH2 . ARG   A 1 33  ? -11.859 -17.144 -1.377  1.00 77.25  ? 29  ARG   A NH2 1 
ATOM   241  N N   . LYS   A 1 34  ? -4.798  -17.595 -2.567  1.00 59.57  ? 30  LYS   A N   1 
ATOM   242  C CA  . LYS   A 1 34  ? -3.922  -18.404 -1.711  1.00 70.23  ? 30  LYS   A CA  1 
ATOM   243  C C   . LYS   A 1 34  ? -2.446  -18.185 -2.070  1.00 66.39  ? 30  LYS   A C   1 
ATOM   244  O O   . LYS   A 1 34  ? -1.562  -18.200 -1.208  1.00 66.53  ? 30  LYS   A O   1 
ATOM   245  C CB  . LYS   A 1 34  ? -4.315  -19.890 -1.705  1.00 58.17  ? 30  LYS   A CB  1 
ATOM   246  C CG  . LYS   A 1 34  ? -5.634  -20.255 -1.022  1.00 59.76  ? 30  LYS   A CG  1 
ATOM   247  C CD  . LYS   A 1 34  ? -5.795  -19.724 0.396   1.00 55.31  ? 30  LYS   A CD  1 
ATOM   248  C CE  . LYS   A 1 34  ? -6.912  -20.414 1.127   1.00 54.06  ? 30  LYS   A CE  1 
ATOM   249  N NZ  . LYS   A 1 34  ? -7.118  -19.820 2.466   1.00 59.04  ? 30  LYS   A NZ  1 
ATOM   250  N N   . ILE   A 1 35  ? -2.206  -17.936 -3.360  1.00 62.72  ? 31  ILE   A N   1 
ATOM   251  C CA  . ILE   A 1 35  ? -0.863  -17.756 -3.871  1.00 59.62  ? 31  ILE   A CA  1 
ATOM   252  C C   . ILE   A 1 35  ? -0.391  -16.342 -3.530  1.00 60.09  ? 31  ILE   A C   1 
ATOM   253  O O   . ILE   A 1 35  ? 0.778   -16.123 -3.196  1.00 53.43  ? 31  ILE   A O   1 
ATOM   254  C CB  . ILE   A 1 35  ? -0.881  -18.108 -5.369  1.00 63.26  ? 31  ILE   A CB  1 
ATOM   255  C CG1 . ILE   A 1 35  ? -0.866  -19.627 -5.552  1.00 62.35  ? 31  ILE   A CG1 1 
ATOM   256  C CG2 . ILE   A 1 35  ? 0.269   -17.477 -6.104  1.00 69.58  ? 31  ILE   A CG2 1 
ATOM   257  C CD1 . ILE   A 1 35  ? -1.139  -20.098 -6.963  1.00 73.77  ? 31  ILE   A CD1 1 
ATOM   258  N N   . ALA   A 1 36  ? -1.330  -15.391 -3.578  1.00 54.87  ? 32  ALA   A N   1 
ATOM   259  C CA  . ALA   A 1 36  ? -1.036  -14.017 -3.210  1.00 52.39  ? 32  ALA   A CA  1 
ATOM   260  C C   . ALA   A 1 36  ? -0.711  -13.919 -1.719  1.00 55.30  ? 32  ALA   A C   1 
ATOM   261  O O   . ALA   A 1 36  ? 0.180   -13.174 -1.303  1.00 56.68  ? 32  ALA   A O   1 
ATOM   262  C CB  . ALA   A 1 36  ? -2.191  -13.135 -3.577  1.00 51.78  ? 32  ALA   A CB  1 
ATOM   263  N N   . VAL   A 1 37  ? -1.424  -14.692 -0.908  1.00 54.87  ? 33  VAL   A N   1 
ATOM   264  C CA  . VAL   A 1 37  ? -1.069  -14.688 0.494   1.00 58.76  ? 33  VAL   A CA  1 
ATOM   265  C C   . VAL   A 1 37  ? 0.358   -15.217 0.653   1.00 64.64  ? 33  VAL   A C   1 
ATOM   266  O O   . VAL   A 1 37  ? 1.102   -14.704 1.485   1.00 71.30  ? 33  VAL   A O   1 
ATOM   267  C CB  . VAL   A 1 37  ? -2.083  -15.408 1.407   1.00 59.45  ? 33  VAL   A CB  1 
ATOM   268  C CG1 . VAL   A 1 37  ? -1.470  -15.655 2.786   1.00 49.96  ? 33  VAL   A CG1 1 
ATOM   269  C CG2 . VAL   A 1 37  ? -3.391  -14.621 1.547   1.00 53.08  ? 33  VAL   A CG2 1 
ATOM   270  N N   . ALA   A 1 38  ? 0.740   -16.233 -0.126  1.00 59.36  ? 34  ALA   A N   1 
ATOM   271  C CA  . ALA   A 1 38  ? 2.071   -16.808 0.037   1.00 57.21  ? 34  ALA   A CA  1 
ATOM   272  C C   . ALA   A 1 38  ? 3.106   -15.774 -0.387  1.00 58.63  ? 34  ALA   A C   1 
ATOM   273  O O   . ALA   A 1 38  ? 4.079   -15.528 0.320   1.00 69.79  ? 34  ALA   A O   1 
ATOM   274  C CB  . ALA   A 1 38  ? 2.218   -18.069 -0.783  1.00 52.33  ? 34  ALA   A CB  1 
ATOM   275  N N   . ALA   A 1 39  ? 2.847   -15.115 -1.519  1.00 56.66  ? 35  ALA   A N   1 
ATOM   276  C CA  . ALA   A 1 39  ? 3.801   -14.154 -2.045  1.00 58.62  ? 35  ALA   A CA  1 
ATOM   277  C C   . ALA   A 1 39  ? 3.985   -12.963 -1.093  1.00 64.18  ? 35  ALA   A C   1 
ATOM   278  O O   . ALA   A 1 39  ? 5.088   -12.423 -0.993  1.00 71.80  ? 35  ALA   A O   1 
ATOM   279  C CB  . ALA   A 1 39  ? 3.371   -13.728 -3.423  1.00 50.39  ? 35  ALA   A CB  1 
ATOM   280  N N   . ALA   A 1 40  ? 2.917   -12.596 -0.366  1.00 62.90  ? 36  ALA   A N   1 
ATOM   281  C CA  . ALA   A 1 40  ? 2.881   -11.428 0.503   1.00 63.47  ? 36  ALA   A CA  1 
ATOM   282  C C   . ALA   A 1 40  ? 3.838   -11.519 1.696   1.00 62.30  ? 36  ALA   A C   1 
ATOM   283  O O   . ALA   A 1 40  ? 4.051   -10.533 2.383   1.00 72.69  ? 36  ALA   A O   1 
ATOM   284  C CB  . ALA   A 1 40  ? 1.473   -11.173 0.982   1.00 63.27  ? 36  ALA   A CB  1 
ATOM   285  N N   . SER   A 1 41  ? 4.422   -12.678 1.975   1.00 66.25  ? 37  SER   A N   1 
ATOM   286  C CA  . SER   A 1 41  ? 5.279   -12.725 3.151   1.00 68.64  ? 37  SER   A CA  1 
ATOM   287  C C   . SER   A 1 41  ? 6.707   -12.335 2.786   1.00 63.01  ? 37  SER   A C   1 
ATOM   288  O O   . SER   A 1 41  ? 7.570   -12.260 3.655   1.00 62.14  ? 37  SER   A O   1 
ATOM   289  C CB  . SER   A 1 41  ? 5.220   -14.059 3.836   1.00 85.81  ? 37  SER   A CB  1 
ATOM   290  O OG  . SER   A 1 41  ? 5.971   -15.014 3.108   1.00 80.02  ? 37  SER   A OG  1 
ATOM   291  N N   . LYS   A 1 42  ? 6.925   -12.037 1.500   1.00 61.55  ? 38  LYS   A N   1 
ATOM   292  C CA  . LYS   A 1 42  ? 8.196   -11.494 1.040   1.00 70.66  ? 38  LYS   A CA  1 
ATOM   293  C C   . LYS   A 1 42  ? 8.038   -10.034 0.563   1.00 69.35  ? 38  LYS   A C   1 
ATOM   294  O O   . LYS   A 1 42  ? 8.929   -9.503  -0.103  1.00 71.01  ? 38  LYS   A O   1 
ATOM   295  C CB  . LYS   A 1 42  ? 8.820   -12.443 0.001   1.00 78.58  ? 38  LYS   A CB  1 
ATOM   296  C CG  . LYS   A 1 42  ? 9.030   -13.894 0.440   1.00 70.12  ? 38  LYS   A CG  1 
ATOM   297  N N   . TYR   A 1 43  ? 6.924   -9.369  0.913   1.00 56.02  ? 39  TYR   A N   1 
ATOM   298  C CA  . TYR   A 1 43  ? 6.783   -7.942  0.671   1.00 60.12  ? 39  TYR   A CA  1 
ATOM   299  C C   . TYR   A 1 43  ? 7.902   -7.180  1.357   1.00 60.78  ? 39  TYR   A C   1 
ATOM   300  O O   . TYR   A 1 43  ? 8.048   -7.260  2.570   1.00 65.38  ? 39  TYR   A O   1 
ATOM   301  C CB  . TYR   A 1 43  ? 5.497   -7.347  1.247   1.00 53.96  ? 39  TYR   A CB  1 
ATOM   302  C CG  . TYR   A 1 43  ? 4.365   -7.385  0.262   1.00 57.22  ? 39  TYR   A CG  1 
ATOM   303  C CD1 . TYR   A 1 43  ? 4.552   -6.981  -1.041  1.00 68.11  ? 39  TYR   A CD1 1 
ATOM   304  C CD2 . TYR   A 1 43  ? 3.120   -7.852  0.619   1.00 67.86  ? 39  TYR   A CD2 1 
ATOM   305  C CE1 . TYR   A 1 43  ? 3.526   -7.017  -1.964  1.00 68.61  ? 39  TYR   A CE1 1 
ATOM   306  C CE2 . TYR   A 1 43  ? 2.081   -7.908  -0.293  1.00 69.67  ? 39  TYR   A CE2 1 
ATOM   307  C CZ  . TYR   A 1 43  ? 2.287   -7.485  -1.587  1.00 64.49  ? 39  TYR   A CZ  1 
ATOM   308  O OH  . TYR   A 1 43  ? 1.266   -7.524  -2.481  1.00 68.91  ? 39  TYR   A OH  1 
ATOM   309  N N   . ALA   A 1 44  ? 8.657   -6.450  0.534   1.00 55.77  ? 40  ALA   A N   1 
ATOM   310  C CA  . ALA   A 1 44  ? 9.641   -5.471  0.943   1.00 61.44  ? 40  ALA   A CA  1 
ATOM   311  C C   . ALA   A 1 44  ? 9.216   -4.115  0.376   1.00 59.20  ? 40  ALA   A C   1 
ATOM   312  O O   . ALA   A 1 44  ? 8.588   -4.052  -0.677  1.00 65.60  ? 40  ALA   A O   1 
ATOM   313  C CB  . ALA   A 1 44  ? 11.026  -5.888  0.469   1.00 48.05  ? 40  ALA   A CB  1 
ATOM   314  N N   . VAL   A 1 45  ? 9.566   -3.030  1.079   1.00 55.93  ? 41  VAL   A N   1 
ATOM   315  C CA  . VAL   A 1 45  ? 9.239   -1.691  0.619   1.00 58.25  ? 41  VAL   A CA  1 
ATOM   316  C C   . VAL   A 1 45  ? 10.481  -0.834  0.791   1.00 56.50  ? 41  VAL   A C   1 
ATOM   317  O O   . VAL   A 1 45  ? 11.141  -0.860  1.833   1.00 65.03  ? 41  VAL   A O   1 
ATOM   318  C CB  . VAL   A 1 45  ? 8.066   -1.076  1.404   1.00 59.62  ? 41  VAL   A CB  1 
ATOM   319  C CG1 . VAL   A 1 45  ? 7.745   0.307   0.879   1.00 65.00  ? 41  VAL   A CG1 1 
ATOM   320  C CG2 . VAL   A 1 45  ? 6.821   -1.950  1.340   1.00 63.14  ? 41  VAL   A CG2 1 
ATOM   321  N N   . GLU   A 1 46  ? 10.785  -0.068  -0.247  1.00 61.52  ? 42  GLU   A N   1 
ATOM   322  C CA  . GLU   A 1 46  ? 11.889  0.877   -0.183  1.00 71.41  ? 42  GLU   A CA  1 
ATOM   323  C C   . GLU   A 1 46  ? 11.269  2.266   -0.324  1.00 65.17  ? 42  GLU   A C   1 
ATOM   324  O O   . GLU   A 1 46  ? 10.501  2.510   -1.262  1.00 61.10  ? 42  GLU   A O   1 
ATOM   325  C CB  . GLU   A 1 46  ? 13.003  0.489   -1.180  1.00 61.70  ? 42  GLU   A CB  1 
ATOM   326  C CG  . GLU   A 1 46  ? 14.174  1.465   -1.230  1.00 81.21  ? 42  GLU   A CG  1 
ATOM   327  C CD  . GLU   A 1 46  ? 15.064  1.457   -2.468  1.00 100.84 ? 42  GLU   A CD  1 
ATOM   328  O OE1 . GLU   A 1 46  ? 14.546  1.242   -3.594  1.00 118.25 ? 42  GLU   A OE1 1 
ATOM   329  O OE2 . GLU   A 1 46  ? 16.284  1.673   -2.313  1.00 99.92  ? 42  GLU   A OE2 1 
ATOM   330  N N   . ILE   A 1 47  ? 11.566  3.157   0.632   1.00 64.79  ? 43  ILE   A N   1 
ATOM   331  C CA  . ILE   A 1 47  ? 10.982  4.490   0.566   1.00 64.11  ? 43  ILE   A CA  1 
ATOM   332  C C   . ILE   A 1 47  ? 12.098  5.526   0.548   1.00 64.15  ? 43  ILE   A C   1 
ATOM   333  O O   . ILE   A 1 47  ? 12.928  5.532   1.458   1.00 71.10  ? 43  ILE   A O   1 
ATOM   334  C CB  . ILE   A 1 47  ? 10.043  4.714   1.761   1.00 55.76  ? 43  ILE   A CB  1 
ATOM   335  C CG1 . ILE   A 1 47  ? 8.881   3.725   1.721   1.00 53.73  ? 43  ILE   A CG1 1 
ATOM   336  C CG2 . ILE   A 1 47  ? 9.545   6.153   1.813   1.00 56.14  ? 43  ILE   A CG2 1 
ATOM   337  C CD1 . ILE   A 1 47  ? 7.781   4.059   2.717   1.00 50.22  ? 43  ILE   A CD1 1 
ATOM   338  N N   . LYS   A 1 48  ? 12.097  6.404   -0.468  1.00 58.94  ? 44  LYS   A N   1 
ATOM   339  C CA  . LYS   A 1 48  ? 12.873  7.641   -0.371  1.00 64.17  ? 44  LYS   A CA  1 
ATOM   340  C C   . LYS   A 1 48  ? 11.929  8.846   -0.229  1.00 63.32  ? 44  LYS   A C   1 
ATOM   341  O O   . LYS   A 1 48  ? 11.064  9.079   -1.084  1.00 64.19  ? 44  LYS   A O   1 
ATOM   342  C CB  . LYS   A 1 48  ? 13.967  7.730   -1.449  1.00 55.01  ? 44  LYS   A CB  1 
ATOM   343  N N   . GLN   A 1 49  ? 12.075  9.588   0.883   1.00 59.51  ? 45  GLN   A N   1 
ATOM   344  C CA  . GLN   A 1 49  ? 11.193  10.700  1.209   1.00 61.04  ? 45  GLN   A CA  1 
ATOM   345  C C   . GLN   A 1 49  ? 11.983  12.008  1.350   1.00 67.61  ? 45  GLN   A C   1 
ATOM   346  O O   . GLN   A 1 49  ? 12.870  12.110  2.197   1.00 65.59  ? 45  GLN   A O   1 
ATOM   347  C CB  . GLN   A 1 49  ? 10.442  10.442  2.524   1.00 54.20  ? 45  GLN   A CB  1 
ATOM   348  C CG  . GLN   A 1 49  ? 9.672   11.681  2.975   1.00 58.27  ? 45  GLN   A CG  1 
ATOM   349  C CD  . GLN   A 1 49  ? 9.041   11.632  4.348   1.00 65.50  ? 45  GLN   A CD  1 
ATOM   350  O OE1 . GLN   A 1 49  ? 9.293   10.743  5.154   1.00 71.93  ? 45  GLN   A OE1 1 
ATOM   351  N NE2 . GLN   A 1 49  ? 8.195   12.607  4.631   1.00 59.45  ? 45  GLN   A NE2 1 
ATOM   352  N N   . GLU   A 1 50  ? 11.632  13.032  0.558   1.00 64.30  ? 46  GLU   A N   1 
ATOM   353  C CA  . GLU   A 1 50  ? 12.183  14.370  0.753   1.00 69.19  ? 46  GLU   A CA  1 
ATOM   354  C C   . GLU   A 1 50  ? 11.021  15.366  0.796   1.00 63.80  ? 46  GLU   A C   1 
ATOM   355  O O   . GLU   A 1 50  ? 10.359  15.601  -0.216  1.00 60.84  ? 46  GLU   A O   1 
ATOM   356  C CB  . GLU   A 1 50  ? 13.285  14.711  -0.270  1.00 61.36  ? 46  GLU   A CB  1 
ATOM   357  N N   . GLY   A 1 51  ? 10.730  15.888  1.995   1.00 65.05  ? 47  GLY   A N   1 
ATOM   358  C CA  . GLY   A 1 51  ? 9.634   16.837  2.168   1.00 71.01  ? 47  GLY   A CA  1 
ATOM   359  C C   . GLY   A 1 51  ? 8.272   16.219  1.857   1.00 76.05  ? 47  GLY   A C   1 
ATOM   360  O O   . GLY   A 1 51  ? 7.885   15.264  2.521   1.00 85.61  ? 47  GLY   A O   1 
ATOM   361  N N   . ASP   A 1 52  ? 7.587   16.739  0.827   1.00 78.95  ? 48  ASP   A N   1 
ATOM   362  C CA  . ASP   A 1 52  ? 6.232   16.362  0.442   1.00 73.24  ? 48  ASP   A CA  1 
ATOM   363  C C   . ASP   A 1 52  ? 6.289   15.189  -0.541  1.00 69.13  ? 48  ASP   A C   1 
ATOM   364  O O   . ASP   A 1 52  ? 5.258   14.721  -1.027  1.00 74.15  ? 48  ASP   A O   1 
ATOM   365  C CB  . ASP   A 1 52  ? 5.605   17.526  -0.344  1.00 80.75  ? 48  ASP   A CB  1 
ATOM   366  C CG  . ASP   A 1 52  ? 4.403   18.199  0.302   1.00 104.28 ? 48  ASP   A CG  1 
ATOM   367  O OD1 . ASP   A 1 52  ? 4.233   18.053  1.539   1.00 118.62 ? 48  ASP   A OD1 1 
ATOM   368  O OD2 . ASP   A 1 52  ? 3.624   18.868  -0.441  1.00 100.95 ? 48  ASP   A OD2 1 
ATOM   369  N N   . THR   A 1 53  ? 7.510   14.773  -0.898  1.00 61.87  ? 49  THR   A N   1 
ATOM   370  C CA  . THR   A 1 53  ? 7.786   14.027  -2.123  1.00 66.24  ? 49  THR   A CA  1 
ATOM   371  C C   . THR   A 1 53  ? 8.297   12.616  -1.806  1.00 65.45  ? 49  THR   A C   1 
ATOM   372  O O   . THR   A 1 53  ? 9.238   12.424  -1.027  1.00 63.88  ? 49  THR   A O   1 
ATOM   373  C CB  . THR   A 1 53  ? 8.790   14.768  -3.027  1.00 71.07  ? 49  THR   A CB  1 
ATOM   374  O OG1 . THR   A 1 53  ? 8.165   15.943  -3.538  1.00 79.88  ? 49  THR   A OG1 1 
ATOM   375  C CG2 . THR   A 1 53  ? 9.239   13.953  -4.219  1.00 66.65  ? 49  THR   A CG2 1 
ATOM   376  N N   . PHE   A 1 54  ? 7.689   11.637  -2.483  1.00 56.28  ? 50  PHE   A N   1 
ATOM   377  C CA  . PHE   A 1 54  ? 7.799   10.247  -2.103  1.00 56.88  ? 50  PHE   A CA  1 
ATOM   378  C C   . PHE   A 1 54  ? 8.168   9.390   -3.309  1.00 56.79  ? 50  PHE   A C   1 
ATOM   379  O O   . PHE   A 1 54  ? 7.472   9.413   -4.344  1.00 55.28  ? 50  PHE   A O   1 
ATOM   380  C CB  . PHE   A 1 54  ? 6.472   9.808   -1.476  1.00 55.28  ? 50  PHE   A CB  1 
ATOM   381  C CG  . PHE   A 1 54  ? 6.366   10.136  -0.005  1.00 58.68  ? 50  PHE   A CG  1 
ATOM   382  C CD1 . PHE   A 1 54  ? 6.951   9.319   0.949   1.00 54.73  ? 50  PHE   A CD1 1 
ATOM   383  C CD2 . PHE   A 1 54  ? 5.685   11.265  0.431   1.00 55.55  ? 50  PHE   A CD2 1 
ATOM   384  C CE1 . PHE   A 1 54  ? 6.843   9.604   2.302   1.00 61.02  ? 50  PHE   A CE1 1 
ATOM   385  C CE2 . PHE   A 1 54  ? 5.627   11.577  1.783   1.00 54.57  ? 50  PHE   A CE2 1 
ATOM   386  C CZ  . PHE   A 1 54  ? 6.200   10.752  2.720   1.00 57.89  ? 50  PHE   A CZ  1 
ATOM   387  N N   . TYR   A 1 55  ? 9.251   8.608   -3.123  1.00 55.28  ? 51  TYR   A N   1 
ATOM   388  C CA  . TYR   A 1 55  ? 9.547   7.470   -3.992  1.00 65.86  ? 51  TYR   A CA  1 
ATOM   389  C C   . TYR   A 1 55  ? 9.414   6.136   -3.254  1.00 58.34  ? 51  TYR   A C   1 
ATOM   390  O O   . TYR   A 1 55  ? 10.062  5.886   -2.230  1.00 70.32  ? 51  TYR   A O   1 
ATOM   391  C CB  . TYR   A 1 55  ? 10.970  7.519   -4.554  1.00 71.14  ? 51  TYR   A CB  1 
ATOM   392  C CG  . TYR   A 1 55  ? 11.453  6.206   -5.137  1.00 82.14  ? 51  TYR   A CG  1 
ATOM   393  C CD1 . TYR   A 1 55  ? 11.063  5.794   -6.412  1.00 81.06  ? 51  TYR   A CD1 1 
ATOM   394  C CD2 . TYR   A 1 55  ? 12.286  5.359   -4.406  1.00 77.79  ? 51  TYR   A CD2 1 
ATOM   395  C CE1 . TYR   A 1 55  ? 11.515  4.598   -6.950  1.00 81.65  ? 51  TYR   A CE1 1 
ATOM   396  C CE2 . TYR   A 1 55  ? 12.739  4.156   -4.925  1.00 70.73  ? 51  TYR   A CE2 1 
ATOM   397  C CZ  . TYR   A 1 55  ? 12.366  3.783   -6.209  1.00 85.44  ? 51  TYR   A CZ  1 
ATOM   398  O OH  . TYR   A 1 55  ? 12.828  2.606   -6.736  1.00 88.95  ? 51  TYR   A OH  1 
ATOM   399  N N   . ILE   A 1 56  ? 8.629   5.233   -3.843  1.00 58.28  ? 52  ILE   A N   1 
ATOM   400  C CA  . ILE   A 1 56  ? 8.274   4.007   -3.164  1.00 57.22  ? 52  ILE   A CA  1 
ATOM   401  C C   . ILE   A 1 56  ? 8.324   2.858   -4.155  1.00 63.53  ? 52  ILE   A C   1 
ATOM   402  O O   . ILE   A 1 56  ? 7.582   2.883   -5.144  1.00 65.04  ? 52  ILE   A O   1 
ATOM   403  C CB  . ILE   A 1 56  ? 6.881   4.134   -2.532  1.00 61.41  ? 52  ILE   A CB  1 
ATOM   404  C CG1 . ILE   A 1 56  ? 6.906   5.137   -1.374  1.00 61.93  ? 52  ILE   A CG1 1 
ATOM   405  C CG2 . ILE   A 1 56  ? 6.430   2.766   -2.060  1.00 60.25  ? 52  ILE   A CG2 1 
ATOM   406  C CD1 . ILE   A 1 56  ? 5.554   5.439   -0.791  1.00 65.44  ? 52  ILE   A CD1 1 
ATOM   407  N N   . LYS   A 1 57  ? 9.179   1.867   -3.823  1.00 60.83  ? 53  LYS   A N   1 
ATOM   408  C CA  . LYS   A 1 57  ? 9.320   0.589   -4.502  1.00 58.81  ? 53  LYS   A CA  1 
ATOM   409  C C   . LYS   A 1 57  ? 8.783   -0.506  -3.589  1.00 60.98  ? 53  LYS   A C   1 
ATOM   410  O O   . LYS   A 1 57  ? 9.337   -0.750  -2.517  1.00 67.10  ? 53  LYS   A O   1 
ATOM   411  C CB  . LYS   A 1 57  ? 10.798  0.321   -4.797  1.00 63.56  ? 53  LYS   A CB  1 
ATOM   412  C CG  . LYS   A 1 57  ? 11.102  -0.836  -5.746  1.00 71.00  ? 53  LYS   A CG  1 
ATOM   413  C CD  . LYS   A 1 57  ? 12.612  -1.042  -5.967  1.00 79.19  ? 53  LYS   A CD  1 
ATOM   414  N N   . VAL   A 1 58  ? 7.704   -1.161  -4.037  1.00 55.67  ? 54  VAL   A N   1 
ATOM   415  C CA  . VAL   A 1 58  ? 7.129   -2.323  -3.380  1.00 55.99  ? 54  VAL   A CA  1 
ATOM   416  C C   . VAL   A 1 58  ? 7.425   -3.552  -4.220  1.00 58.37  ? 54  VAL   A C   1 
ATOM   417  O O   . VAL   A 1 58  ? 7.116   -3.577  -5.411  1.00 73.90  ? 54  VAL   A O   1 
ATOM   418  C CB  . VAL   A 1 58  ? 5.602   -2.178  -3.249  1.00 53.60  ? 54  VAL   A CB  1 
ATOM   419  C CG1 . VAL   A 1 58  ? 5.030   -3.382  -2.537  1.00 54.66  ? 54  VAL   A CG1 1 
ATOM   420  C CG2 . VAL   A 1 58  ? 5.265   -0.921  -2.478  1.00 60.96  ? 54  VAL   A CG2 1 
ATOM   421  N N   . SER   A 1 59  ? 7.941   -4.599  -3.581  1.00 59.62  ? 55  SER   A N   1 
ATOM   422  C CA  . SER   A 1 59  ? 8.231   -5.807  -4.337  1.00 64.57  ? 55  SER   A CA  1 
ATOM   423  C C   . SER   A 1 59  ? 8.050   -7.062  -3.493  1.00 68.97  ? 55  SER   A C   1 
ATOM   424  O O   . SER   A 1 59  ? 8.094   -7.013  -2.264  1.00 69.50  ? 55  SER   A O   1 
ATOM   425  C CB  . SER   A 1 59  ? 9.603   -5.766  -4.923  1.00 67.98  ? 55  SER   A CB  1 
ATOM   426  O OG  . SER   A 1 59  ? 10.536  -5.496  -3.916  1.00 65.86  ? 55  SER   A OG  1 
ATOM   427  N N   . THR   A 1 60  ? 7.810   -8.167  -4.207  1.00 59.74  ? 56  THR   A N   1 
ATOM   428  C CA  . THR   A 1 60  ? 7.908   -9.516  -3.694  1.00 60.89  ? 56  THR   A CA  1 
ATOM   429  C C   . THR   A 1 60  ? 9.053   -10.232 -4.423  1.00 58.80  ? 56  THR   A C   1 
ATOM   430  O O   . THR   A 1 60  ? 9.896   -9.605  -5.048  1.00 63.75  ? 56  THR   A O   1 
ATOM   431  C CB  . THR   A 1 60  ? 6.561   -10.224 -3.876  1.00 63.23  ? 56  THR   A CB  1 
ATOM   432  O OG1 . THR   A 1 60  ? 6.338   -10.121 -5.278  1.00 68.12  ? 56  THR   A OG1 1 
ATOM   433  C CG2 . THR   A 1 60  ? 5.420   -9.534  -3.158  1.00 75.92  ? 56  THR   A CG2 1 
ATOM   434  N N   . THR   A 1 61  ? 9.062   -11.558 -4.349  1.00 56.54  ? 57  THR   A N   1 
ATOM   435  C CA  . THR   A 1 61  ? 10.024  -12.383 -5.053  1.00 68.80  ? 57  THR   A CA  1 
ATOM   436  C C   . THR   A 1 61  ? 9.989   -12.167 -6.571  1.00 63.11  ? 57  THR   A C   1 
ATOM   437  O O   . THR   A 1 61  ? 11.053  -12.025 -7.167  1.00 61.78  ? 57  THR   A O   1 
ATOM   438  C CB  . THR   A 1 61  ? 9.938   -13.835 -4.562  1.00 77.10  ? 57  THR   A CB  1 
ATOM   439  O OG1 . THR   A 1 61  ? 10.217  -13.738 -3.163  1.00 78.91  ? 57  THR   A OG1 1 
ATOM   440  C CG2 . THR   A 1 61  ? 10.952  -14.757 -5.210  1.00 72.39  ? 57  THR   A CG2 1 
ATOM   441  N N   . VAL   A 1 62  ? 8.816   -12.154 -7.211  1.00 53.47  ? 58  VAL   A N   1 
ATOM   442  C CA  . VAL   A 1 62  ? 8.839   -12.069 -8.667  1.00 53.52  ? 58  VAL   A CA  1 
ATOM   443  C C   . VAL   A 1 62  ? 8.340   -10.738 -9.235  1.00 64.56  ? 58  VAL   A C   1 
ATOM   444  O O   . VAL   A 1 62  ? 8.406   -10.520 -10.451 1.00 65.11  ? 58  VAL   A O   1 
ATOM   445  C CB  . VAL   A 1 62  ? 8.163   -13.268 -9.344  1.00 55.85  ? 58  VAL   A CB  1 
ATOM   446  C CG1 . VAL   A 1 62  ? 8.784   -14.573 -8.852  1.00 52.70  ? 58  VAL   A CG1 1 
ATOM   447  C CG2 . VAL   A 1 62  ? 6.645   -13.249 -9.203  1.00 42.45  ? 58  VAL   A CG2 1 
ATOM   448  N N   . TYR   A 1 63  ? 7.925   -9.801  -8.377  1.00 67.26  ? 59  TYR   A N   1 
ATOM   449  C CA  . TYR   A 1 63  ? 7.268   -8.622  -8.926  1.00 58.63  ? 59  TYR   A CA  1 
ATOM   450  C C   . TYR   A 1 63  ? 7.737   -7.361  -8.211  1.00 64.23  ? 59  TYR   A C   1 
ATOM   451  O O   . TYR   A 1 63  ? 8.073   -7.390  -7.028  1.00 70.78  ? 59  TYR   A O   1 
ATOM   452  C CB  . TYR   A 1 63  ? 5.756   -8.803  -8.816  1.00 55.76  ? 59  TYR   A CB  1 
ATOM   453  C CG  . TYR   A 1 63  ? 5.016   -7.999  -9.837  1.00 62.12  ? 59  TYR   A CG  1 
ATOM   454  C CD1 . TYR   A 1 63  ? 4.826   -8.483  -11.120 1.00 57.98  ? 59  TYR   A CD1 1 
ATOM   455  C CD2 . TYR   A 1 63  ? 4.549   -6.734  -9.529  1.00 63.14  ? 59  TYR   A CD2 1 
ATOM   456  C CE1 . TYR   A 1 63  ? 4.155   -7.733  -12.075 1.00 62.36  ? 59  TYR   A CE1 1 
ATOM   457  C CE2 . TYR   A 1 63  ? 3.885   -5.967  -10.472 1.00 62.02  ? 59  TYR   A CE2 1 
ATOM   458  C CZ  . TYR   A 1 63  ? 3.694   -6.466  -11.752 1.00 68.63  ? 59  TYR   A CZ  1 
ATOM   459  O OH  . TYR   A 1 63  ? 3.043   -5.705  -12.681 1.00 80.12  ? 59  TYR   A OH  1 
ATOM   460  N N   . THR   A 1 64  ? 7.767   -6.246  -8.934  1.00 62.08  ? 60  THR   A N   1 
ATOM   461  C CA  . THR   A 1 64  ? 8.172   -5.004  -8.300  1.00 59.78  ? 60  THR   A CA  1 
ATOM   462  C C   . THR   A 1 64  ? 7.434   -3.837  -8.938  1.00 61.18  ? 60  THR   A C   1 
ATOM   463  O O   . THR   A 1 64  ? 7.216   -3.860  -10.148 1.00 64.23  ? 60  THR   A O   1 
ATOM   464  C CB  . THR   A 1 64  ? 9.688   -4.829  -8.345  1.00 57.91  ? 60  THR   A CB  1 
ATOM   465  O OG1 . THR   A 1 64  ? 9.906   -3.679  -7.536  1.00 79.24  ? 60  THR   A OG1 1 
ATOM   466  C CG2 . THR   A 1 64  ? 10.242  -4.606  -9.734  1.00 54.75  ? 60  THR   A CG2 1 
ATOM   467  N N   . THR   A 1 65  ? 6.997   -2.871  -8.114  1.00 59.39  ? 61  THR   A N   1 
ATOM   468  C CA  . THR   A 1 65  ? 6.443   -1.619  -8.628  1.00 68.74  ? 61  THR   A CA  1 
ATOM   469  C C   . THR   A 1 65  ? 6.952   -0.412  -7.856  1.00 70.39  ? 61  THR   A C   1 
ATOM   470  O O   . THR   A 1 65  ? 7.283   -0.503  -6.670  1.00 70.93  ? 61  THR   A O   1 
ATOM   471  C CB  . THR   A 1 65  ? 4.929   -1.626  -8.862  1.00 71.11  ? 61  THR   A CB  1 
ATOM   472  O OG1 . THR   A 1 65  ? 4.392   -2.341  -7.765  1.00 65.10  ? 61  THR   A OG1 1 
ATOM   473  C CG2 . THR   A 1 65  ? 4.540   -2.310  -10.168 1.00 80.63  ? 61  THR   A CG2 1 
ATOM   474  N N   . GLU   A 1 66  ? 7.060   0.693   -8.601  1.00 66.83  ? 62  GLU   A N   1 
ATOM   475  C CA  . GLU   A 1 66  ? 7.541   1.964   -8.098  1.00 65.34  ? 62  GLU   A CA  1 
ATOM   476  C C   . GLU   A 1 66  ? 6.420   2.984   -8.216  1.00 68.38  ? 62  GLU   A C   1 
ATOM   477  O O   . GLU   A 1 66  ? 5.710   3.008   -9.214  1.00 62.17  ? 62  GLU   A O   1 
ATOM   478  C CB  . GLU   A 1 66  ? 8.680   2.459   -8.971  1.00 64.59  ? 62  GLU   A CB  1 
ATOM   479  C CG  . GLU   A 1 66  ? 9.909   1.577   -8.897  1.00 88.87  ? 62  GLU   A CG  1 
ATOM   480  C CD  . GLU   A 1 66  ? 11.050  2.043   -9.790  1.00 99.45  ? 62  GLU   A CD  1 
ATOM   481  O OE1 . GLU   A 1 66  ? 10.799  2.297   -10.993 1.00 100.48 ? 62  GLU   A OE1 1 
ATOM   482  O OE2 . GLU   A 1 66  ? 12.185  2.163   -9.276  1.00 100.32 ? 62  GLU   A OE2 1 
ATOM   483  N N   . ILE   A 1 67  ? 6.262   3.816   -7.185  1.00 72.49  ? 63  ILE   A N   1 
ATOM   484  C CA  . ILE   A 1 67  ? 5.447   5.004   -7.353  1.00 69.94  ? 63  ILE   A CA  1 
ATOM   485  C C   . ILE   A 1 67  ? 6.241   6.211   -6.893  1.00 72.73  ? 63  ILE   A C   1 
ATOM   486  O O   . ILE   A 1 67  ? 7.119   6.122   -6.035  1.00 83.27  ? 63  ILE   A O   1 
ATOM   487  C CB  . ILE   A 1 67  ? 4.085   4.920   -6.648  1.00 70.76  ? 63  ILE   A CB  1 
ATOM   488  C CG1 . ILE   A 1 67  ? 4.236   4.627   -5.157  1.00 75.62  ? 63  ILE   A CG1 1 
ATOM   489  C CG2 . ILE   A 1 67  ? 3.192   3.909   -7.349  1.00 82.95  ? 63  ILE   A CG2 1 
ATOM   490  C CD1 . ILE   A 1 67  ? 2.936   4.316   -4.470  1.00 89.24  ? 63  ILE   A CD1 1 
ATOM   491  N N   . ASN   A 1 68  ? 5.910   7.328   -7.530  1.00 73.34  ? 64  ASN   A N   1 
ATOM   492  C CA  . ASN   A 1 68  ? 6.435   8.631   -7.196  1.00 67.14  ? 64  ASN   A CA  1 
ATOM   493  C C   . ASN   A 1 68  ? 5.212   9.500   -6.969  1.00 64.19  ? 64  ASN   A C   1 
ATOM   494  O O   . ASN   A 1 68  ? 4.298   9.474   -7.789  1.00 61.13  ? 64  ASN   A O   1 
ATOM   495  C CB  . ASN   A 1 68  ? 7.334   9.143   -8.328  1.00 71.37  ? 64  ASN   A CB  1 
ATOM   496  C CG  . ASN   A 1 68  ? 8.658   8.408   -8.404  1.00 81.27  ? 64  ASN   A CG  1 
ATOM   497  O OD1 . ASN   A 1 68  ? 9.663   8.841   -7.827  1.00 71.77  ? 64  ASN   A OD1 1 
ATOM   498  N ND2 . ASN   A 1 68  ? 8.654   7.268   -9.078  1.00 75.88  ? 64  ASN   A ND2 1 
ATOM   499  N N   . PHE   A 1 69  ? 5.144   10.177  -5.820  1.00 61.79  ? 65  PHE   A N   1 
ATOM   500  C CA  . PHE   A 1 69  ? 4.060   11.133  -5.662  1.00 58.41  ? 65  PHE   A CA  1 
ATOM   501  C C   . PHE   A 1 69  ? 4.528   12.286  -4.791  1.00 58.77  ? 65  PHE   A C   1 
ATOM   502  O O   . PHE   A 1 69  ? 5.569   12.218  -4.134  1.00 62.25  ? 65  PHE   A O   1 
ATOM   503  C CB  . PHE   A 1 69  ? 2.774   10.479  -5.148  1.00 62.87  ? 65  PHE   A CB  1 
ATOM   504  C CG  . PHE   A 1 69  ? 2.904   9.903   -3.757  1.00 75.42  ? 65  PHE   A CG  1 
ATOM   505  C CD1 . PHE   A 1 69  ? 2.705   10.698  -2.633  1.00 62.96  ? 65  PHE   A CD1 1 
ATOM   506  C CD2 . PHE   A 1 69  ? 3.245   8.570   -3.567  1.00 63.30  ? 65  PHE   A CD2 1 
ATOM   507  C CE1 . PHE   A 1 69  ? 2.845   10.179  -1.354  1.00 64.02  ? 65  PHE   A CE1 1 
ATOM   508  C CE2 . PHE   A 1 69  ? 3.392   8.055   -2.286  1.00 69.25  ? 65  PHE   A CE2 1 
ATOM   509  C CZ  . PHE   A 1 69  ? 3.200   8.863   -1.181  1.00 68.70  ? 65  PHE   A CZ  1 
ATOM   510  N N   . LYS   A 1 70  ? 3.771   13.372  -4.882  1.00 60.04  ? 66  LYS   A N   1 
ATOM   511  C CA  . LYS   A 1 70  ? 3.866   14.472  -3.952  1.00 62.50  ? 66  LYS   A CA  1 
ATOM   512  C C   . LYS   A 1 70  ? 2.518   14.515  -3.262  1.00 65.77  ? 66  LYS   A C   1 
ATOM   513  O O   . LYS   A 1 70  ? 1.467   14.392  -3.932  1.00 55.70  ? 66  LYS   A O   1 
ATOM   514  C CB  . LYS   A 1 70  ? 4.066   15.773  -4.734  1.00 74.23  ? 66  LYS   A CB  1 
ATOM   515  C CG  . LYS   A 1 70  ? 4.839   16.886  -4.037  1.00 80.76  ? 66  LYS   A CG  1 
ATOM   516  C CD  . LYS   A 1 70  ? 5.134   18.059  -4.966  1.00 86.77  ? 66  LYS   A CD  1 
ATOM   517  C CE  . LYS   A 1 70  ? 5.453   19.351  -4.244  1.00 84.20  ? 66  LYS   A CE  1 
ATOM   518  N NZ  . LYS   A 1 70  ? 4.446   19.641  -3.197  1.00 91.00  ? 66  LYS   A NZ  1 
ATOM   519  N N   . VAL   A 1 71  ? 2.580   14.666  -1.926  1.00 58.81  ? 67  VAL   A N   1 
ATOM   520  C CA  . VAL   A 1 71  ? 1.355   14.816  -1.151  1.00 54.92  ? 67  VAL   A CA  1 
ATOM   521  C C   . VAL   A 1 71  ? 0.584   15.986  -1.753  1.00 59.84  ? 67  VAL   A C   1 
ATOM   522  O O   . VAL   A 1 71  ? 1.175   17.002  -2.102  1.00 64.28  ? 67  VAL   A O   1 
ATOM   523  C CB  . VAL   A 1 71  ? 1.664   15.073  0.330   1.00 64.21  ? 67  VAL   A CB  1 
ATOM   524  C CG1 . VAL   A 1 71  ? 0.403   15.478  1.116   1.00 47.97  ? 67  VAL   A CG1 1 
ATOM   525  C CG2 . VAL   A 1 71  ? 2.449   13.905  0.958   1.00 55.32  ? 67  VAL   A CG2 1 
ATOM   526  N N   . GLY   A 1 72  ? -0.732  15.861  -1.885  1.00 55.55  ? 68  GLY   A N   1 
ATOM   527  C CA  . GLY   A 1 72  ? -1.451  16.998  -2.429  1.00 56.21  ? 68  GLY   A CA  1 
ATOM   528  C C   . GLY   A 1 72  ? -1.643  16.869  -3.938  1.00 64.75  ? 68  GLY   A C   1 
ATOM   529  O O   . GLY   A 1 72  ? -2.614  17.398  -4.471  1.00 65.23  ? 68  GLY   A O   1 
ATOM   530  N N   . GLU   A 1 73  ? -0.735  16.168  -4.637  1.00 71.64  ? 69  GLU   A N   1 
ATOM   531  C CA  . GLU   A 1 73  ? -0.847  16.152  -6.093  1.00 72.21  ? 69  GLU   A CA  1 
ATOM   532  C C   . GLU   A 1 73  ? -1.353  14.810  -6.606  1.00 74.88  ? 69  GLU   A C   1 
ATOM   533  O O   . GLU   A 1 73  ? -0.870  13.753  -6.192  1.00 88.75  ? 69  GLU   A O   1 
ATOM   534  C CB  . GLU   A 1 73  ? 0.445   16.545  -6.793  1.00 76.08  ? 69  GLU   A CB  1 
ATOM   535  C CG  . GLU   A 1 73  ? 0.799   18.013  -6.647  1.00 96.08  ? 69  GLU   A CG  1 
ATOM   536  C CD  . GLU   A 1 73  ? 2.126   18.345  -7.309  1.00 110.41 ? 69  GLU   A CD  1 
ATOM   537  O OE1 . GLU   A 1 73  ? 2.576   17.530  -8.180  1.00 104.06 ? 69  GLU   A OE1 1 
ATOM   538  O OE2 . GLU   A 1 73  ? 2.720   19.392  -6.932  1.00 102.65 ? 69  GLU   A OE2 1 
ATOM   539  N N   . GLU   A 1 74  ? -2.330  14.898  -7.518  1.00 68.84  ? 70  GLU   A N   1 
ATOM   540  C CA  . GLU   A 1 74  ? -2.947  13.753  -8.159  1.00 68.53  ? 70  GLU   A CA  1 
ATOM   541  C C   . GLU   A 1 74  ? -1.899  13.013  -8.982  1.00 66.80  ? 70  GLU   A C   1 
ATOM   542  O O   . GLU   A 1 74  ? -1.015  13.630  -9.562  1.00 69.13  ? 70  GLU   A O   1 
ATOM   543  C CB  . GLU   A 1 74  ? -4.149  14.217  -8.978  1.00 77.12  ? 70  GLU   A CB  1 
ATOM   544  C CG  . GLU   A 1 74  ? -4.701  13.152  -9.905  1.00 94.47  ? 70  GLU   A CG  1 
ATOM   545  C CD  . GLU   A 1 74  ? -6.215  13.019  -9.891  1.00 109.12 ? 70  GLU   A CD  1 
ATOM   546  O OE1 . GLU   A 1 74  ? -6.775  12.525  -10.899 1.00 110.83 ? 70  GLU   A OE1 1 
ATOM   547  O OE2 . GLU   A 1 74  ? -6.832  13.375  -8.855  1.00 108.52 ? 70  GLU   A OE2 1 
ATOM   548  N N   . PHE   A 1 75  ? -1.973  11.679  -8.969  1.00 68.12  ? 71  PHE   A N   1 
ATOM   549  C CA  . PHE   A 1 75  ? -1.043  10.826  -9.697  1.00 70.47  ? 71  PHE   A CA  1 
ATOM   550  C C   . PHE   A 1 75  ? -1.787  9.543   -10.057 1.00 71.35  ? 71  PHE   A C   1 
ATOM   551  O O   . PHE   A 1 75  ? -2.811  9.250   -9.443  1.00 73.13  ? 71  PHE   A O   1 
ATOM   552  C CB  . PHE   A 1 75  ? 0.237   10.591  -8.882  1.00 65.00  ? 71  PHE   A CB  1 
ATOM   553  C CG  . PHE   A 1 75  ? 0.074   9.660   -7.709  1.00 67.13  ? 71  PHE   A CG  1 
ATOM   554  C CD1 . PHE   A 1 75  ? -0.414  10.129  -6.486  1.00 64.42  ? 71  PHE   A CD1 1 
ATOM   555  C CD2 . PHE   A 1 75  ? 0.388   8.309   -7.826  1.00 60.36  ? 71  PHE   A CD2 1 
ATOM   556  C CE1 . PHE   A 1 75  ? -0.584  9.278   -5.398  1.00 61.02  ? 71  PHE   A CE1 1 
ATOM   557  C CE2 . PHE   A 1 75  ? 0.233   7.458   -6.735  1.00 68.86  ? 71  PHE   A CE2 1 
ATOM   558  C CZ  . PHE   A 1 75  ? -0.253  7.942   -5.523  1.00 66.32  ? 71  PHE   A CZ  1 
ATOM   559  N N   . GLU   A 1 76  ? -1.303  8.815   -11.073 1.00 76.57  ? 72  GLU   A N   1 
ATOM   560  C CA  . GLU   A 1 76  ? -1.941  7.569   -11.489 1.00 81.44  ? 72  GLU   A CA  1 
ATOM   561  C C   . GLU   A 1 76  ? -1.157  6.369   -10.940 1.00 79.32  ? 72  GLU   A C   1 
ATOM   562  O O   . GLU   A 1 76  ? 0.075   6.389   -10.851 1.00 74.29  ? 72  GLU   A O   1 
ATOM   563  C CB  . GLU   A 1 76  ? -2.192  7.535   -13.004 1.00 66.62  ? 72  GLU   A CB  1 
ATOM   564  N N   . GLU   A 1 77  ? -1.899  5.335   -10.530 1.00 76.16  ? 73  GLU   A N   1 
ATOM   565  C CA  . GLU   A 1 77  ? -1.313  4.105   -10.019 1.00 81.51  ? 73  GLU   A CA  1 
ATOM   566  C C   . GLU   A 1 77  ? -2.296  2.966   -10.302 1.00 82.42  ? 73  GLU   A C   1 
ATOM   567  O O   . GLU   A 1 77  ? -3.292  3.163   -10.989 1.00 77.37  ? 73  GLU   A O   1 
ATOM   568  C CB  . GLU   A 1 77  ? -0.915  4.263   -8.539  1.00 75.95  ? 73  GLU   A CB  1 
ATOM   569  C CG  . GLU   A 1 77  ? -2.089  4.355   -7.551  1.00 77.28  ? 73  GLU   A CG  1 
ATOM   570  C CD  . GLU   A 1 77  ? -1.797  4.271   -6.050  1.00 78.61  ? 73  GLU   A CD  1 
ATOM   571  O OE1 . GLU   A 1 77  ? -0.717  3.768   -5.670  1.00 81.92  ? 73  GLU   A OE1 1 
ATOM   572  O OE2 . GLU   A 1 77  ? -2.658  4.699   -5.239  1.00 73.65  ? 73  GLU   A OE2 1 
ATOM   573  N N   . GLN   A 1 78  ? -2.015  1.777   -9.762  1.00 87.28  ? 74  GLN   A N   1 
ATOM   574  C CA  . GLN   A 1 78  ? -2.924  0.646   -9.869  1.00 89.41  ? 74  GLN   A CA  1 
ATOM   575  C C   . GLN   A 1 78  ? -3.554  0.387   -8.496  1.00 88.59  ? 74  GLN   A C   1 
ATOM   576  O O   . GLN   A 1 78  ? -2.984  0.789   -7.479  1.00 86.94  ? 74  GLN   A O   1 
ATOM   577  C CB  . GLN   A 1 78  ? -2.181  -0.561  -10.462 1.00 93.78  ? 74  GLN   A CB  1 
ATOM   578  C CG  . GLN   A 1 78  ? -0.687  -0.610  -10.141 1.00 90.72  ? 74  GLN   A CG  1 
ATOM   579  N N   . THR   A 1 79  ? -4.744  -0.240  -8.470  1.00 78.89  ? 75  THR   A N   1 
ATOM   580  C CA  . THR   A 1 79  ? -5.308  -0.756  -7.231  1.00 76.59  ? 75  THR   A CA  1 
ATOM   581  C C   . THR   A 1 79  ? -4.599  -2.062  -6.901  1.00 88.37  ? 75  THR   A C   1 
ATOM   582  O O   . THR   A 1 79  ? -3.814  -2.542  -7.718  1.00 89.65  ? 75  THR   A O   1 
ATOM   583  C CB  . THR   A 1 79  ? -6.792  -1.120  -7.354  1.00 80.79  ? 75  THR   A CB  1 
ATOM   584  O OG1 . THR   A 1 79  ? -6.925  -2.149  -8.338  1.00 80.77  ? 75  THR   A OG1 1 
ATOM   585  C CG2 . THR   A 1 79  ? -7.690  0.060   -7.654  1.00 83.85  ? 75  THR   A CG2 1 
ATOM   586  N N   . VAL   A 1 80  ? -4.919  -2.655  -5.740  1.00 80.85  ? 76  VAL   A N   1 
ATOM   587  C CA  . VAL   A 1 80  ? -4.264  -3.890  -5.329  1.00 87.43  ? 76  VAL   A CA  1 
ATOM   588  C C   . VAL   A 1 80  ? -4.500  -5.002  -6.361  1.00 92.42  ? 76  VAL   A C   1 
ATOM   589  O O   . VAL   A 1 80  ? -3.625  -5.847  -6.579  1.00 84.95  ? 76  VAL   A O   1 
ATOM   590  C CB  . VAL   A 1 80  ? -4.659  -4.338  -3.907  1.00 85.00  ? 76  VAL   A CB  1 
ATOM   591  C CG1 . VAL   A 1 80  ? -3.847  -5.556  -3.487  1.00 77.10  ? 76  VAL   A CG1 1 
ATOM   592  C CG2 . VAL   A 1 80  ? -4.528  -3.220  -2.876  1.00 73.22  ? 76  VAL   A CG2 1 
ATOM   593  N N   . ASP   A 1 81  ? -5.687  -4.992  -6.985  1.00 90.93  ? 77  ASP   A N   1 
ATOM   594  C CA  . ASP   A 1 81  ? -6.056  -5.986  -7.981  1.00 102.18 ? 77  ASP   A CA  1 
ATOM   595  C C   . ASP   A 1 81  ? -5.673  -5.478  -9.376  1.00 106.53 ? 77  ASP   A C   1 
ATOM   596  O O   . ASP   A 1 81  ? -6.099  -6.025  -10.394 1.00 110.21 ? 77  ASP   A O   1 
ATOM   597  C CB  . ASP   A 1 81  ? -7.519  -6.426  -7.825  1.00 102.66 ? 77  ASP   A CB  1 
ATOM   598  C CG  . ASP   A 1 81  ? -8.526  -5.432  -8.385  1.00 111.86 ? 77  ASP   A CG  1 
ATOM   599  O OD1 . ASP   A 1 81  ? -8.469  -4.251  -7.986  1.00 112.03 ? 77  ASP   A OD1 1 
ATOM   600  O OD2 . ASP   A 1 81  ? -9.343  -5.838  -9.240  1.00 110.25 ? 77  ASP   A OD2 1 
ATOM   601  N N   . GLY   A 1 82  ? -4.874  -4.408  -9.415  1.00 93.77  ? 78  GLY   A N   1 
ATOM   602  C CA  . GLY   A 1 82  ? -4.125  -4.072  -10.613 1.00 88.34  ? 78  GLY   A CA  1 
ATOM   603  C C   . GLY   A 1 82  ? -4.945  -3.346  -11.678 1.00 91.11  ? 78  GLY   A C   1 
ATOM   604  O O   . GLY   A 1 82  ? -4.598  -3.402  -12.851 1.00 85.04  ? 78  GLY   A O   1 
ATOM   605  N N   . ARG   A 1 83  ? -5.996  -2.631  -11.259 1.00 96.05  ? 79  ARG   A N   1 
ATOM   606  C CA  . ARG   A 1 83  ? -6.768  -1.765  -12.143 1.00 93.65  ? 79  ARG   A CA  1 
ATOM   607  C C   . ARG   A 1 83  ? -6.227  -0.328  -12.061 1.00 99.87  ? 79  ARG   A C   1 
ATOM   608  O O   . ARG   A 1 83  ? -5.968  0.165   -10.960 1.00 100.88 ? 79  ARG   A O   1 
ATOM   609  C CB  . ARG   A 1 83  ? -8.249  -1.865  -11.757 1.00 92.61  ? 79  ARG   A CB  1 
ATOM   610  C CG  . ARG   A 1 83  ? -8.814  -3.281  -11.722 0.70 86.67  ? 79  ARG   A CG  1 
ATOM   611  C CD  . ARG   A 1 83  ? -10.329 -3.340  -11.623 0.70 85.35  ? 79  ARG   A CD  1 
ATOM   612  N NE  . ARG   A 1 83  ? -10.955 -2.470  -12.620 0.70 90.86  ? 79  ARG   A NE  1 
ATOM   613  C CZ  . ARG   A 1 83  ? -12.241 -2.119  -12.656 0.70 85.31  ? 79  ARG   A CZ  1 
ATOM   614  N NH1 . ARG   A 1 83  ? -13.092 -2.565  -11.744 0.70 74.15  ? 79  ARG   A NH1 1 
ATOM   615  N NH2 . ARG   A 1 83  ? -12.667 -1.321  -13.620 0.70 81.66  ? 79  ARG   A NH2 1 
ATOM   616  N N   . PRO   A 1 84  ? -5.985  0.394   -13.190 1.00 104.14 ? 80  PRO   A N   1 
ATOM   617  C CA  . PRO   A 1 84  ? -5.479  1.769   -13.125 1.00 101.18 ? 80  PRO   A CA  1 
ATOM   618  C C   . PRO   A 1 84  ? -6.482  2.757   -12.528 1.00 96.56  ? 80  PRO   A C   1 
ATOM   619  O O   . PRO   A 1 84  ? -7.663  2.755   -12.878 1.00 103.67 ? 80  PRO   A O   1 
ATOM   620  C CB  . PRO   A 1 84  ? -5.043  2.103   -14.568 1.00 93.89  ? 80  PRO   A CB  1 
ATOM   621  C CG  . PRO   A 1 84  ? -4.983  0.750   -15.267 1.00 92.25  ? 80  PRO   A CG  1 
ATOM   622  C CD  . PRO   A 1 84  ? -6.065  -0.074  -14.585 1.00 103.03 ? 80  PRO   A CD  1 
ATOM   623  N N   . CYS   A 1 85  ? -5.979  3.586   -11.605 1.00 85.83  ? 81  CYS   A N   1 
ATOM   624  C CA  . CYS   A 1 85  ? -6.782  4.529   -10.845 1.00 81.72  ? 81  CYS   A CA  1 
ATOM   625  C C   . CYS   A 1 85  ? -6.011  5.837   -10.660 1.00 83.96  ? 81  CYS   A C   1 
ATOM   626  O O   . CYS   A 1 85  ? -4.776  5.859   -10.756 1.00 88.13  ? 81  CYS   A O   1 
ATOM   627  C CB  . CYS   A 1 85  ? -7.163  3.926   -9.496  1.00 89.04  ? 81  CYS   A CB  1 
ATOM   628  S SG  . CYS   A 1 85  ? -5.745  3.594   -8.408  1.00 82.81  ? 81  CYS   A SG  1 
ATOM   629  N N   . LYS   A 1 86  ? -6.755  6.933   -10.431 1.00 82.64  ? 82  LYS   A N   1 
ATOM   630  C CA  . LYS   A 1 86  ? -6.167  8.209   -10.031 1.00 82.60  ? 82  LYS   A CA  1 
ATOM   631  C C   . LYS   A 1 86  ? -6.142  8.275   -8.500  1.00 71.98  ? 82  LYS   A C   1 
ATOM   632  O O   . LYS   A 1 86  ? -7.108  7.878   -7.848  1.00 74.07  ? 82  LYS   A O   1 
ATOM   633  C CB  . LYS   A 1 86  ? -6.908  9.384   -10.688 1.00 77.70  ? 82  LYS   A CB  1 
ATOM   634  N N   . SER   A 1 87  ? -5.035  8.776   -7.940  1.00 67.82  ? 83  SER   A N   1 
ATOM   635  C CA  . SER   A 1 87  ? -4.769  8.697   -6.506  1.00 66.38  ? 83  SER   A CA  1 
ATOM   636  C C   . SER   A 1 87  ? -4.336  10.038  -5.931  1.00 64.05  ? 83  SER   A C   1 
ATOM   637  O O   . SER   A 1 87  ? -3.621  10.792  -6.570  1.00 70.62  ? 83  SER   A O   1 
ATOM   638  C CB  . SER   A 1 87  ? -3.744  7.650   -6.203  1.00 58.62  ? 83  SER   A CB  1 
ATOM   639  O OG  . SER   A 1 87  ? -4.391  6.420   -5.902  1.00 58.82  ? 83  SER   A OG  1 
ATOM   640  N N   . LEU   A 1 88  ? -4.756  10.320  -4.698  1.00 68.99  ? 84  LEU   A N   1 
ATOM   641  C CA  . LEU   A 1 88  ? -4.438  11.594  -4.072  1.00 62.61  ? 84  LEU   A CA  1 
ATOM   642  C C   . LEU   A 1 88  ? -4.158  11.380  -2.592  1.00 59.41  ? 84  LEU   A C   1 
ATOM   643  O O   . LEU   A 1 88  ? -5.012  10.884  -1.858  1.00 60.12  ? 84  LEU   A O   1 
ATOM   644  C CB  . LEU   A 1 88  ? -5.644  12.517  -4.247  1.00 63.57  ? 84  LEU   A CB  1 
ATOM   645  C CG  . LEU   A 1 88  ? -5.456  13.921  -3.689  1.00 76.47  ? 84  LEU   A CG  1 
ATOM   646  C CD1 . LEU   A 1 88  ? -4.331  14.649  -4.434  1.00 66.68  ? 84  LEU   A CD1 1 
ATOM   647  C CD2 . LEU   A 1 88  ? -6.777  14.680  -3.745  1.00 65.67  ? 84  LEU   A CD2 1 
ATOM   648  N N   . VAL   A 1 89  ? -2.973  11.804  -2.153  1.00 56.50  ? 85  VAL   A N   1 
ATOM   649  C CA  . VAL   A 1 89  ? -2.508  11.475  -0.820  1.00 48.98  ? 85  VAL   A CA  1 
ATOM   650  C C   . VAL   A 1 89  ? -2.606  12.729  0.043   1.00 55.52  ? 85  VAL   A C   1 
ATOM   651  O O   . VAL   A 1 89  ? -2.212  13.798  -0.418  1.00 61.05  ? 85  VAL   A O   1 
ATOM   652  C CB  . VAL   A 1 89  ? -1.052  10.975  -0.892  1.00 50.25  ? 85  VAL   A CB  1 
ATOM   653  C CG1 . VAL   A 1 89  ? -0.411  10.883  0.487   1.00 46.23  ? 85  VAL   A CG1 1 
ATOM   654  C CG2 . VAL   A 1 89  ? -0.953  9.647   -1.624  1.00 50.73  ? 85  VAL   A CG2 1 
ATOM   655  N N   . LYS   A 1 90  ? -3.066  12.598  1.301   1.00 50.22  ? 86  LYS   A N   1 
ATOM   656  C CA  . LYS   A 1 90  ? -3.033  13.752  2.187   1.00 52.64  ? 86  LYS   A CA  1 
ATOM   657  C C   . LYS   A 1 90  ? -2.435  13.353  3.528   1.00 57.29  ? 86  LYS   A C   1 
ATOM   658  O O   . LYS   A 1 90  ? -2.484  12.186  3.889   1.00 61.33  ? 86  LYS   A O   1 
ATOM   659  C CB  . LYS   A 1 90  ? -4.420  14.377  2.313   1.00 55.57  ? 86  LYS   A CB  1 
ATOM   660  C CG  . LYS   A 1 90  ? -4.953  14.951  1.001   1.00 54.88  ? 86  LYS   A CG  1 
ATOM   661  C CD  . LYS   A 1 90  ? -6.377  15.408  1.059   1.00 61.26  ? 86  LYS   A CD  1 
ATOM   662  C CE  . LYS   A 1 90  ? -6.899  15.842  -0.289  1.00 61.03  ? 86  LYS   A CE  1 
ATOM   663  N NZ  . LYS   A 1 90  ? -8.083  16.717  -0.121  1.00 72.98  ? 86  LYS   A NZ  1 
ATOM   664  N N   . TRP   A 1 91  ? -1.818  14.306  4.239   1.00 50.47  ? 87  TRP   A N   1 
ATOM   665  C CA  . TRP   A 1 91  ? -1.401  13.959  5.587   1.00 55.02  ? 87  TRP   A CA  1 
ATOM   666  C C   . TRP   A 1 91  ? -2.627  13.887  6.486   1.00 58.37  ? 87  TRP   A C   1 
ATOM   667  O O   . TRP   A 1 91  ? -3.639  14.542  6.219   1.00 64.81  ? 87  TRP   A O   1 
ATOM   668  C CB  . TRP   A 1 91  ? -0.426  14.985  6.153   1.00 55.29  ? 87  TRP   A CB  1 
ATOM   669  C CG  . TRP   A 1 91  ? 0.811   15.191  5.340   1.00 62.12  ? 87  TRP   A CG  1 
ATOM   670  C CD1 . TRP   A 1 91  ? 1.064   16.204  4.469   1.00 55.38  ? 87  TRP   A CD1 1 
ATOM   671  C CD2 . TRP   A 1 91  ? 1.999   14.386  5.377   1.00 60.13  ? 87  TRP   A CD2 1 
ATOM   672  N NE1 . TRP   A 1 91  ? 2.322   16.082  3.956   1.00 61.77  ? 87  TRP   A NE1 1 
ATOM   673  C CE2 . TRP   A 1 91  ? 2.924   14.982  4.502   1.00 64.72  ? 87  TRP   A CE2 1 
ATOM   674  C CE3 . TRP   A 1 91  ? 2.368   13.235  6.072   1.00 60.56  ? 87  TRP   A CE3 1 
ATOM   675  C CZ2 . TRP   A 1 91  ? 4.194   14.453  4.287   1.00 65.08  ? 87  TRP   A CZ2 1 
ATOM   676  C CZ3 . TRP   A 1 91  ? 3.618   12.706  5.843   1.00 69.61  ? 87  TRP   A CZ3 1 
ATOM   677  C CH2 . TRP   A 1 91  ? 4.519   13.306  4.966   1.00 57.53  ? 87  TRP   A CH2 1 
ATOM   678  N N   . GLU   A 1 92  ? -2.475  13.137  7.580   1.00 65.15  ? 88  GLU   A N   1 
ATOM   679  C CA  . GLU   A 1 92  ? -3.522  12.905  8.554   1.00 64.91  ? 88  GLU   A CA  1 
ATOM   680  C C   . GLU   A 1 92  ? -2.986  13.310  9.925   1.00 64.34  ? 88  GLU   A C   1 
ATOM   681  O O   . GLU   A 1 92  ? -3.736  13.750  10.794  1.00 71.08  ? 88  GLU   A O   1 
ATOM   682  C CB  . GLU   A 1 92  ? -3.950  11.442  8.461   1.00 70.78  ? 88  GLU   A CB  1 
ATOM   683  C CG  . GLU   A 1 92  ? -5.285  11.138  9.109   1.00 90.08  ? 88  GLU   A CG  1 
ATOM   684  C CD  . GLU   A 1 92  ? -5.466  9.667   9.451   1.00 105.51 ? 88  GLU   A CD  1 
ATOM   685  O OE1 . GLU   A 1 92  ? -4.776  9.187   10.379  1.00 95.16  ? 88  GLU   A OE1 1 
ATOM   686  O OE2 . GLU   A 1 92  ? -6.285  8.997   8.779   1.00 116.45 ? 88  GLU   A OE2 1 
ATOM   687  N N   . SER   A 1 93  ? -1.676  13.165  10.106  1.00 62.20  ? 89  SER   A N   1 
ATOM   688  C CA  . SER   A 1 93  ? -0.958  13.751  11.231  1.00 61.24  ? 89  SER   A CA  1 
ATOM   689  C C   . SER   A 1 93  ? 0.515   13.690  10.872  1.00 70.60  ? 89  SER   A C   1 
ATOM   690  O O   . SER   A 1 93  ? 0.847   13.478  9.701   1.00 67.84  ? 89  SER   A O   1 
ATOM   691  C CB  . SER   A 1 93  ? -1.157  12.961  12.481  1.00 64.48  ? 89  SER   A CB  1 
ATOM   692  O OG  . SER   A 1 93  ? -0.640  11.647  12.281  1.00 73.85  ? 89  SER   A OG  1 
ATOM   693  N N   . GLU   A 1 94  ? 1.380   13.767  11.893  1.00 68.41  ? 90  GLU   A N   1 
ATOM   694  C CA  . GLU   A 1 94  ? 2.783   13.978  11.597  1.00 66.43  ? 90  GLU   A CA  1 
ATOM   695  C C   . GLU   A 1 94  ? 3.306   12.813  10.762  1.00 71.41  ? 90  GLU   A C   1 
ATOM   696  O O   . GLU   A 1 94  ? 4.130   12.994  9.850   1.00 67.20  ? 90  GLU   A O   1 
ATOM   697  C CB  . GLU   A 1 94  ? 3.594   14.180  12.875  1.00 81.63  ? 90  GLU   A CB  1 
ATOM   698  C CG  . GLU   A 1 94  ? 5.103   14.200  12.624  1.00 79.25  ? 90  GLU   A CG  1 
ATOM   699  C CD  . GLU   A 1 94  ? 5.916   14.558  13.855  1.00 91.62  ? 90  GLU   A CD  1 
ATOM   700  O OE1 . GLU   A 1 94  ? 5.333   14.571  14.959  1.00 102.39 ? 90  GLU   A OE1 1 
ATOM   701  O OE2 . GLU   A 1 94  ? 7.119   14.855  13.705  1.00 94.59  ? 90  GLU   A OE2 1 
ATOM   702  N N   . ASN   A 1 95  ? 2.830   11.606  11.084  1.00 71.26  ? 91  ASN   A N   1 
ATOM   703  C CA  . ASN   A 1 95  ? 3.467   10.457  10.462  1.00 77.10  ? 91  ASN   A CA  1 
ATOM   704  C C   . ASN   A 1 95  ? 2.420   9.509   9.890   1.00 65.66  ? 91  ASN   A C   1 
ATOM   705  O O   . ASN   A 1 95  ? 2.640   8.309   9.840   1.00 66.99  ? 91  ASN   A O   1 
ATOM   706  C CB  . ASN   A 1 95  ? 4.536   9.821   11.364  1.00 87.22  ? 91  ASN   A CB  1 
ATOM   707  C CG  . ASN   A 1 95  ? 5.846   10.593  11.445  1.00 92.09  ? 91  ASN   A CG  1 
ATOM   708  O OD1 . ASN   A 1 95  ? 6.444   11.002  10.438  1.00 82.71  ? 91  ASN   A OD1 1 
ATOM   709  N ND2 . ASN   A 1 95  ? 6.324   10.764  12.665  1.00 90.33  ? 91  ASN   A ND2 1 
ATOM   710  N N   . LYS   A 1 96  ? 1.285   10.063  9.449   1.00 60.17  ? 92  LYS   A N   1 
ATOM   711  C CA  . LYS   A 1 96  ? 0.331   9.257   8.719   1.00 57.74  ? 92  LYS   A CA  1 
ATOM   712  C C   . LYS   A 1 96  ? -0.134  9.989   7.466   1.00 50.16  ? 92  LYS   A C   1 
ATOM   713  O O   . LYS   A 1 96  ? -0.539  11.141  7.518   1.00 55.83  ? 92  LYS   A O   1 
ATOM   714  C CB  . LYS   A 1 96  ? -0.816  8.818   9.639   1.00 57.75  ? 92  LYS   A CB  1 
ATOM   715  C CG  . LYS   A 1 96  ? -1.756  7.786   9.025   1.00 65.28  ? 92  LYS   A CG  1 
ATOM   716  C CD  . LYS   A 1 96  ? -2.618  7.010   10.003  1.00 70.77  ? 92  LYS   A CD  1 
ATOM   717  C CE  . LYS   A 1 96  ? -3.621  6.135   9.274   1.00 82.32  ? 92  LYS   A CE  1 
ATOM   718  N NZ  . LYS   A 1 96  ? -4.340  5.190   10.165  1.00 82.70  ? 92  LYS   A NZ  1 
ATOM   719  N N   . MET   A 1 97  ? -0.104  9.291   6.340   1.00 52.05  ? 93  MET   A N   1 
ATOM   720  C CA  . MET   A 1 97  ? -0.769  9.791   5.149   1.00 57.67  ? 93  MET   A CA  1 
ATOM   721  C C   . MET   A 1 97  ? -1.861  8.816   4.703   1.00 59.63  ? 93  MET   A C   1 
ATOM   722  O O   . MET   A 1 97  ? -1.814  7.615   4.996   1.00 60.26  ? 93  MET   A O   1 
ATOM   723  C CB  . MET   A 1 97  ? 0.237   10.005  4.024   1.00 57.13  ? 93  MET   A CB  1 
ATOM   724  C CG  . MET   A 1 97  ? 0.846   8.708   3.534   1.00 69.56  ? 93  MET   A CG  1 
ATOM   725  S SD  . MET   A 1 97  ? 2.428   8.959   2.677   1.00 73.68  ? 93  MET   A SD  1 
ATOM   726  C CE  . MET   A 1 97  ? 2.917   10.498  3.445   1.00 64.20  ? 93  MET   A CE  1 
ATOM   727  N N   . VAL   A 1 98  ? -2.881  9.347   4.021   1.00 54.94  ? 94  VAL   A N   1 
ATOM   728  C CA  . VAL   A 1 98  ? -4.007  8.532   3.588   1.00 58.59  ? 94  VAL   A CA  1 
ATOM   729  C C   . VAL   A 1 98  ? -4.256  8.849   2.121   1.00 57.78  ? 94  VAL   A C   1 
ATOM   730  O O   . VAL   A 1 98  ? -4.199  10.009  1.711   1.00 69.12  ? 94  VAL   A O   1 
ATOM   731  C CB  . VAL   A 1 98  ? -5.282  8.757   4.433   1.00 62.59  ? 94  VAL   A CB  1 
ATOM   732  C CG1 . VAL   A 1 98  ? -4.968  9.133   5.878   1.00 66.66  ? 94  VAL   A CG1 1 
ATOM   733  C CG2 . VAL   A 1 98  ? -6.201  9.804   3.830   1.00 66.04  ? 94  VAL   A CG2 1 
ATOM   734  N N   . CYS   A 1 99  ? -4.518  7.814   1.335   1.00 59.38  ? 95  CYS   A N   1 
ATOM   735  C CA  . CYS   A 1 99  ? -4.612  7.999   -0.100  1.00 62.48  ? 95  CYS   A CA  1 
ATOM   736  C C   . CYS   A 1 99  ? -5.963  7.490   -0.563  1.00 63.40  ? 95  CYS   A C   1 
ATOM   737  O O   . CYS   A 1 99  ? -6.334  6.368   -0.250  1.00 72.71  ? 95  CYS   A O   1 
ATOM   738  C CB  . CYS   A 1 99  ? -3.527  7.200   -0.808  1.00 60.96  ? 95  CYS   A CB  1 
ATOM   739  S SG  . CYS   A 1 99  ? -3.748  7.154   -2.607  1.00 66.16  ? 95  CYS   A SG  1 
ATOM   740  N N   . GLU   A 1 100 ? -6.679  8.330   -1.300  1.00 61.98  ? 96  GLU   A N   1 
ATOM   741  C CA  . GLU   A 1 100 ? -8.001  7.990   -1.790  1.00 65.57  ? 96  GLU   A CA  1 
ATOM   742  C C   . GLU   A 1 100 ? -7.849  7.701   -3.278  1.00 65.22  ? 96  GLU   A C   1 
ATOM   743  O O   . GLU   A 1 100 ? -7.097  8.400   -3.957  1.00 72.50  ? 96  GLU   A O   1 
ATOM   744  C CB  . GLU   A 1 100 ? -8.965  9.147   -1.487  1.00 57.96  ? 96  GLU   A CB  1 
ATOM   745  N N   . GLN   A 1 101 ? -8.546  6.670   -3.777  1.00 65.03  ? 97  GLN   A N   1 
ATOM   746  C CA  . GLN   A 1 101 ? -8.434  6.300   -5.181  1.00 70.29  ? 97  GLN   A CA  1 
ATOM   747  C C   . GLN   A 1 101 ? -9.789  6.395   -5.870  1.00 69.22  ? 97  GLN   A C   1 
ATOM   748  O O   . GLN   A 1 101 ? -10.816 6.115   -5.267  1.00 69.91  ? 97  GLN   A O   1 
ATOM   749  C CB  . GLN   A 1 101 ? -7.846  4.892   -5.354  1.00 67.52  ? 97  GLN   A CB  1 
ATOM   750  C CG  . GLN   A 1 101 ? -6.398  4.781   -4.877  1.00 67.27  ? 97  GLN   A CG  1 
ATOM   751  C CD  . GLN   A 1 101 ? -5.946  3.359   -4.651  1.00 69.04  ? 97  GLN   A CD  1 
ATOM   752  O OE1 . GLN   A 1 101 ? -6.761  2.458   -4.486  1.00 69.23  ? 97  GLN   A OE1 1 
ATOM   753  N NE2 . GLN   A 1 101 ? -4.636  3.146   -4.638  1.00 71.40  ? 97  GLN   A NE2 1 
ATOM   754  N N   . LYS   A 1 102 ? -9.763  6.786   -7.147  1.00 87.39  ? 98  LYS   A N   1 
ATOM   755  C CA  . LYS   A 1 102 ? -10.889 6.615   -8.058  1.00 85.93  ? 98  LYS   A CA  1 
ATOM   756  C C   . LYS   A 1 102 ? -10.359 5.972   -9.344  1.00 84.98  ? 98  LYS   A C   1 
ATOM   757  O O   . LYS   A 1 102 ? -9.267  6.316   -9.817  1.00 80.57  ? 98  LYS   A O   1 
ATOM   758  C CB  . LYS   A 1 102 ? -11.646 7.939   -8.261  1.00 78.74  ? 98  LYS   A CB  1 
ATOM   759  N N   . LEU   A 1 103 ? -11.136 5.019   -9.881  1.00 79.85  ? 99  LEU   A N   1 
ATOM   760  C CA  . LEU   A 1 103 ? -10.815 4.261   -11.090 1.00 90.33  ? 99  LEU   A CA  1 
ATOM   761  C C   . LEU   A 1 103 ? -10.795 5.136   -12.346 1.00 88.51  ? 99  LEU   A C   1 
ATOM   762  O O   . LEU   A 1 103 ? -11.587 6.069   -12.478 1.00 101.34 ? 99  LEU   A O   1 
ATOM   763  C CB  . LEU   A 1 103 ? -11.842 3.135   -11.236 1.00 82.40  ? 99  LEU   A CB  1 
ATOM   764  C CG  . LEU   A 1 103 ? -11.643 1.967   -10.272 1.00 84.30  ? 99  LEU   A CG  1 
ATOM   765  C CD1 . LEU   A 1 103 ? -12.946 1.225   -10.040 1.00 70.69  ? 99  LEU   A CD1 1 
ATOM   766  C CD2 . LEU   A 1 103 ? -10.546 1.021   -10.766 1.00 81.35  ? 99  LEU   A CD2 1 
ATOM   767  N N   . LEU   A 1 104 ? -9.879  4.820   -13.271 1.00 95.50  ? 100 LEU   A N   1 
ATOM   768  C CA  . LEU   A 1 104 ? -9.818  5.461   -14.580 1.00 107.69 ? 100 LEU   A CA  1 
ATOM   769  C C   . LEU   A 1 104 ? -11.041 5.051   -15.409 1.00 106.54 ? 100 LEU   A C   1 
ATOM   770  O O   . LEU   A 1 104 ? -11.891 5.880   -15.725 1.00 111.73 ? 100 LEU   A O   1 
ATOM   771  C CB  . LEU   A 1 104 ? -8.508  5.082   -15.291 1.00 102.56 ? 100 LEU   A CB  1 
ATOM   772  C CG  . LEU   A 1 104 ? -7.234  5.843   -14.903 1.00 104.58 ? 100 LEU   A CG  1 
ATOM   773  C CD1 . LEU   A 1 104 ? -6.295  5.984   -16.103 1.00 94.04  ? 100 LEU   A CD1 1 
ATOM   774  C CD2 . LEU   A 1 104 ? -7.524  7.213   -14.292 1.00 88.39  ? 100 LEU   A CD2 1 
ATOM   775  N N   . LYS   A 1 105 ? -11.110 3.763   -15.770 1.00 104.24 ? 101 LYS   A N   1 
ATOM   776  C CA  . LYS   A 1 105 ? -12.256 3.184   -16.449 1.00 101.86 ? 101 LYS   A CA  1 
ATOM   777  C C   . LYS   A 1 105 ? -13.030 2.356   -15.427 1.00 105.30 ? 101 LYS   A C   1 
ATOM   778  O O   . LYS   A 1 105 ? -12.511 2.068   -14.348 1.00 101.30 ? 101 LYS   A O   1 
ATOM   779  C CB  . LYS   A 1 105 ? -11.797 2.333   -17.644 1.00 86.09  ? 101 LYS   A CB  1 
ATOM   780  N N   . GLY   A 1 106 ? -14.279 2.014   -15.768 1.00 110.53 ? 102 GLY   A N   1 
ATOM   781  C CA  . GLY   A 1 106 ? -15.029 0.960   -15.100 1.00 96.74  ? 102 GLY   A CA  1 
ATOM   782  C C   . GLY   A 1 106 ? -15.692 1.392   -13.791 1.00 103.05 ? 102 GLY   A C   1 
ATOM   783  O O   . GLY   A 1 106 ? -15.546 2.527   -13.343 1.00 98.82  ? 102 GLY   A O   1 
ATOM   784  N N   . GLU   A 1 107 ? -16.453 0.453   -13.216 1.00 113.25 ? 103 GLU   A N   1 
ATOM   785  C CA  . GLU   A 1 107 ? -16.986 0.517   -11.865 1.00 106.08 ? 103 GLU   A CA  1 
ATOM   786  C C   . GLU   A 1 107 ? -16.324 -0.602  -11.053 1.00 109.88 ? 103 GLU   A C   1 
ATOM   787  O O   . GLU   A 1 107 ? -15.765 -1.541  -11.624 1.00 117.44 ? 103 GLU   A O   1 
ATOM   788  C CB  . GLU   A 1 107 ? -18.517 0.432   -11.905 1.00 96.48  ? 103 GLU   A CB  1 
ATOM   789  N N   . GLY   A 1 108 ? -16.363 -0.477  -9.719  1.00 93.31  ? 104 GLY   A N   1 
ATOM   790  C CA  . GLY   A 1 108 ? -15.728 -1.423  -8.816  1.00 87.70  ? 104 GLY   A CA  1 
ATOM   791  C C   . GLY   A 1 108 ? -15.792 -0.978  -7.352  1.00 88.34  ? 104 GLY   A C   1 
ATOM   792  O O   . GLY   A 1 108 ? -16.501 -0.039  -7.004  1.00 96.58  ? 104 GLY   A O   1 
ATOM   793  N N   . PRO   A 1 109 ? -15.048 -1.625  -6.428  1.00 92.74  ? 105 PRO   A N   1 
ATOM   794  C CA  . PRO   A 1 109 ? -15.122 -1.274  -5.012  1.00 84.35  ? 105 PRO   A CA  1 
ATOM   795  C C   . PRO   A 1 109 ? -14.338 0.002   -4.710  1.00 87.58  ? 105 PRO   A C   1 
ATOM   796  O O   . PRO   A 1 109 ? -13.417 0.365   -5.445  1.00 84.97  ? 105 PRO   A O   1 
ATOM   797  C CB  . PRO   A 1 109 ? -14.501 -2.491  -4.316  1.00 89.63  ? 105 PRO   A CB  1 
ATOM   798  C CG  . PRO   A 1 109 ? -14.319 -3.528  -5.422  1.00 86.83  ? 105 PRO   A CG  1 
ATOM   799  C CD  . PRO   A 1 109 ? -14.104 -2.722  -6.684  1.00 96.17  ? 105 PRO   A CD  1 
ATOM   800  N N   . LYS   A 1 110 ? -14.752 0.676   -3.627  1.00 90.19  ? 106 LYS   A N   1 
ATOM   801  C CA  . LYS   A 1 110 ? -14.119 1.872   -3.081  1.00 92.76  ? 106 LYS   A CA  1 
ATOM   802  C C   . LYS   A 1 110 ? -12.813 1.453   -2.377  1.00 85.35  ? 106 LYS   A C   1 
ATOM   803  O O   . LYS   A 1 110 ? -12.826 0.750   -1.358  1.00 69.41  ? 106 LYS   A O   1 
ATOM   804  C CB  . LYS   A 1 110 ? -15.157 2.616   -2.214  1.00 83.11  ? 106 LYS   A CB  1 
ATOM   805  C CG  . LYS   A 1 110 ? -14.734 3.927   -1.552  1.00 78.87  ? 106 LYS   A CG  1 
ATOM   806  N N   . THR   A 1 111 ? -11.672 1.853   -2.953  1.00 70.47  ? 107 THR   A N   1 
ATOM   807  C CA  . THR   A 1 111 ? -10.389 1.442   -2.406  1.00 69.60  ? 107 THR   A CA  1 
ATOM   808  C C   . THR   A 1 111 ? -9.660  2.654   -1.858  1.00 70.79  ? 107 THR   A C   1 
ATOM   809  O O   . THR   A 1 111 ? -9.876  3.777   -2.305  1.00 73.08  ? 107 THR   A O   1 
ATOM   810  C CB  . THR   A 1 111 ? -9.526  0.675   -3.418  1.00 71.36  ? 107 THR   A CB  1 
ATOM   811  O OG1 . THR   A 1 111 ? -9.483  1.398   -4.649  1.00 67.28  ? 107 THR   A OG1 1 
ATOM   812  C CG2 . THR   A 1 111 ? -10.055 -0.717  -3.691  1.00 65.91  ? 107 THR   A CG2 1 
ATOM   813  N N   . SER   A 1 112 ? -8.791  2.395   -0.882  1.00 66.03  ? 108 SER   A N   1 
ATOM   814  C CA  . SER   A 1 112 ? -7.923  3.422   -0.333  1.00 58.99  ? 108 SER   A CA  1 
ATOM   815  C C   . SER   A 1 112 ? -6.749  2.762   0.397   1.00 57.62  ? 108 SER   A C   1 
ATOM   816  O O   . SER   A 1 112 ? -6.738  1.557   0.634   1.00 58.67  ? 108 SER   A O   1 
ATOM   817  C CB  . SER   A 1 112 ? -8.692  4.350   0.568   1.00 50.34  ? 108 SER   A CB  1 
ATOM   818  O OG  . SER   A 1 112 ? -9.145  3.656   1.712   1.00 55.13  ? 108 SER   A OG  1 
ATOM   819  N N   . TRP   A 1 113 ? -5.748  3.550   0.762   1.00 56.46  ? 109 TRP   A N   1 
ATOM   820  C CA  . TRP   A 1 113 ? -4.673  2.956   1.532   1.00 60.53  ? 109 TRP   A CA  1 
ATOM   821  C C   . TRP   A 1 113 ? -4.100  3.995   2.475   1.00 54.09  ? 109 TRP   A C   1 
ATOM   822  O O   . TRP   A 1 113 ? -4.301  5.181   2.238   1.00 55.95  ? 109 TRP   A O   1 
ATOM   823  C CB  . TRP   A 1 113 ? -3.601  2.361   0.613   1.00 56.16  ? 109 TRP   A CB  1 
ATOM   824  C CG  . TRP   A 1 113 ? -2.925  3.284   -0.366  1.00 60.17  ? 109 TRP   A CG  1 
ATOM   825  C CD1 . TRP   A 1 113 ? -3.127  3.342   -1.720  1.00 62.64  ? 109 TRP   A CD1 1 
ATOM   826  C CD2 . TRP   A 1 113 ? -1.849  4.202   -0.096  1.00 56.39  ? 109 TRP   A CD2 1 
ATOM   827  N NE1 . TRP   A 1 113 ? -2.279  4.254   -2.300  1.00 64.37  ? 109 TRP   A NE1 1 
ATOM   828  C CE2 . TRP   A 1 113 ? -1.477  4.787   -1.330  1.00 56.04  ? 109 TRP   A CE2 1 
ATOM   829  C CE3 . TRP   A 1 113 ? -1.177  4.599   1.071   1.00 61.91  ? 109 TRP   A CE3 1 
ATOM   830  C CZ2 . TRP   A 1 113 ? -0.491  5.764   -1.421  1.00 60.38  ? 109 TRP   A CZ2 1 
ATOM   831  C CZ3 . TRP   A 1 113 ? -0.203  5.570   0.982   1.00 56.57  ? 109 TRP   A CZ3 1 
ATOM   832  C CH2 . TRP   A 1 113 ? 0.126   6.144   -0.247  1.00 59.28  ? 109 TRP   A CH2 1 
ATOM   833  N N   . THR   A 1 114 ? -3.368  3.535   3.498   1.00 53.75  ? 110 THR   A N   1 
ATOM   834  C CA  . THR   A 1 114 ? -2.674  4.422   4.415   1.00 56.10  ? 110 THR   A CA  1 
ATOM   835  C C   . THR   A 1 114 ? -1.313  3.839   4.787   1.00 56.60  ? 110 THR   A C   1 
ATOM   836  O O   . THR   A 1 114 ? -1.125  2.636   4.841   1.00 65.28  ? 110 THR   A O   1 
ATOM   837  C CB  . THR   A 1 114 ? -3.521  4.725   5.662   1.00 61.79  ? 110 THR   A CB  1 
ATOM   838  O OG1 . THR   A 1 114 ? -3.356  3.646   6.587   1.00 63.95  ? 110 THR   A OG1 1 
ATOM   839  C CG2 . THR   A 1 114 ? -4.988  5.032   5.391   1.00 46.16  ? 110 THR   A CG2 1 
ATOM   840  N N   . LYS   A 1 115 ? -0.366  4.726   5.053   1.00 61.31  ? 111 LYS   A N   1 
ATOM   841  C CA  . LYS   A 1 115 ? 0.958   4.414   5.552   1.00 60.55  ? 111 LYS   A CA  1 
ATOM   842  C C   . LYS   A 1 115 ? 1.147   5.239   6.826   1.00 61.71  ? 111 LYS   A C   1 
ATOM   843  O O   . LYS   A 1 115 ? 0.808   6.426   6.862   1.00 62.28  ? 111 LYS   A O   1 
ATOM   844  C CB  . LYS   A 1 115 ? 2.026   4.916   4.572   1.00 61.64  ? 111 LYS   A CB  1 
ATOM   845  C CG  . LYS   A 1 115 ? 2.828   3.905   3.766   1.00 75.67  ? 111 LYS   A CG  1 
ATOM   846  C CD  . LYS   A 1 115 ? 2.509   3.933   2.270   1.00 83.67  ? 111 LYS   A CD  1 
ATOM   847  C CE  . LYS   A 1 115 ? 3.466   3.133   1.400   1.00 77.71  ? 111 LYS   A CE  1 
ATOM   848  N NZ  . LYS   A 1 115 ? 2.805   2.590   0.176   1.00 94.42  ? 111 LYS   A NZ  1 
ATOM   849  N N   . GLU   A 1 116 ? 1.711   4.618   7.865   1.00 56.81  ? 112 GLU   A N   1 
ATOM   850  C CA  . GLU   A 1 116 ? 2.029   5.328   9.092   1.00 60.41  ? 112 GLU   A CA  1 
ATOM   851  C C   . GLU   A 1 116 ? 3.332   4.816   9.697   1.00 55.53  ? 112 GLU   A C   1 
ATOM   852  O O   . GLU   A 1 116 ? 3.502   3.613   9.845   1.00 61.81  ? 112 GLU   A O   1 
ATOM   853  C CB  . GLU   A 1 116 ? 0.924   5.087   10.111  1.00 54.64  ? 112 GLU   A CB  1 
ATOM   854  C CG  . GLU   A 1 116 ? 1.373   5.466   11.503  1.00 71.98  ? 112 GLU   A CG  1 
ATOM   855  C CD  . GLU   A 1 116 ? 0.282   5.484   12.563  1.00 90.26  ? 112 GLU   A CD  1 
ATOM   856  O OE1 . GLU   A 1 116 ? -0.883  5.127   12.227  1.00 91.15  ? 112 GLU   A OE1 1 
ATOM   857  O OE2 . GLU   A 1 116 ? 0.598   5.866   13.725  1.00 92.37  ? 112 GLU   A OE2 1 
ATOM   858  N N   . LEU   A 1 117 ? 4.231   5.737   10.054  1.00 58.15  ? 113 LEU   A N   1 
ATOM   859  C CA  . LEU   A 1 117 ? 5.329   5.469   10.975  1.00 62.49  ? 113 LEU   A CA  1 
ATOM   860  C C   . LEU   A 1 117 ? 4.810   5.499   12.407  1.00 64.31  ? 113 LEU   A C   1 
ATOM   861  O O   . LEU   A 1 117 ? 4.240   6.494   12.821  1.00 74.85  ? 113 LEU   A O   1 
ATOM   862  C CB  . LEU   A 1 117 ? 6.344   6.594   10.820  1.00 65.39  ? 113 LEU   A CB  1 
ATOM   863  C CG  . LEU   A 1 117 ? 7.610   6.241   10.049  1.00 84.96  ? 113 LEU   A CG  1 
ATOM   864  C CD1 . LEU   A 1 117 ? 8.394   7.512   9.758   1.00 90.92  ? 113 LEU   A CD1 1 
ATOM   865  C CD2 . LEU   A 1 117 ? 8.474   5.263   10.842  1.00 84.96  ? 113 LEU   A CD2 1 
ATOM   866  N N   . THR   A 1 118 ? 4.993   4.413   13.164  1.00 78.04  ? 114 THR   A N   1 
ATOM   867  C CA  . THR   A 1 118 ? 4.593   4.387   14.566  1.00 70.32  ? 114 THR   A CA  1 
ATOM   868  C C   . THR   A 1 118 ? 5.734   4.943   15.395  1.00 73.90  ? 114 THR   A C   1 
ATOM   869  O O   . THR   A 1 118 ? 6.843   5.068   14.882  1.00 71.99  ? 114 THR   A O   1 
ATOM   870  C CB  . THR   A 1 118 ? 4.422   2.975   15.135  1.00 63.55  ? 114 THR   A CB  1 
ATOM   871  O OG1 . THR   A 1 118 ? 5.695   2.326   15.225  1.00 67.86  ? 114 THR   A OG1 1 
ATOM   872  C CG2 . THR   A 1 118 ? 3.425   2.139   14.369  1.00 66.56  ? 114 THR   A CG2 1 
ATOM   873  N N   . ASN   A 1 119 ? 5.442   5.206   16.678  1.00 88.72  ? 115 ASN   A N   1 
ATOM   874  C CA  . ASN   A 1 119 ? 6.393   5.783   17.617  1.00 88.12  ? 115 ASN   A CA  1 
ATOM   875  C C   . ASN   A 1 119 ? 7.542   4.823   17.902  1.00 86.89  ? 115 ASN   A C   1 
ATOM   876  O O   . ASN   A 1 119 ? 8.660   5.272   18.109  1.00 94.43  ? 115 ASN   A O   1 
ATOM   877  C CB  . ASN   A 1 119 ? 5.699   6.336   18.863  1.00 102.44 ? 115 ASN   A CB  1 
ATOM   878  C CG  . ASN   A 1 119 ? 4.880   7.558   18.511  1.00 112.60 ? 115 ASN   A CG  1 
ATOM   879  O OD1 . ASN   A 1 119 ? 3.687   7.447   18.239  1.00 124.71 ? 115 ASN   A OD1 1 
ATOM   880  N ND2 . ASN   A 1 119 ? 5.526   8.712   18.426  1.00 96.56  ? 115 ASN   A ND2 1 
ATOM   881  N N   . ASP   A 1 120 ? 7.278   3.511   17.846  1.00 99.35  ? 116 ASP   A N   1 
ATOM   882  C CA  . ASP   A 1 120 ? 8.302   2.500   18.079  1.00 94.00  ? 116 ASP   A CA  1 
ATOM   883  C C   . ASP   A 1 120 ? 8.857   1.938   16.758  1.00 85.87  ? 116 ASP   A C   1 
ATOM   884  O O   . ASP   A 1 120 ? 9.277   0.788   16.688  1.00 77.86  ? 116 ASP   A O   1 
ATOM   885  C CB  . ASP   A 1 120 ? 7.849   1.489   19.145  1.00 100.26 ? 116 ASP   A CB  1 
ATOM   886  C CG  . ASP   A 1 120 ? 6.418   0.980   18.986  1.00 122.58 ? 116 ASP   A CG  1 
ATOM   887  O OD1 . ASP   A 1 120 ? 5.893   1.003   17.844  1.00 132.12 ? 116 ASP   A OD1 1 
ATOM   888  O OD2 . ASP   A 1 120 ? 5.832   0.552   20.007  1.00 112.35 ? 116 ASP   A OD2 1 
ATOM   889  N N   . GLY   A 1 121 ? 8.862   2.753   15.697  1.00 86.82  ? 117 GLY   A N   1 
ATOM   890  C CA  . GLY   A 1 121 ? 9.672   2.508   14.503  1.00 85.46  ? 117 GLY   A CA  1 
ATOM   891  C C   . GLY   A 1 121 ? 9.155   1.427   13.550  1.00 72.96  ? 117 GLY   A C   1 
ATOM   892  O O   . GLY   A 1 121 ? 9.927   0.843   12.800  1.00 89.53  ? 117 GLY   A O   1 
ATOM   893  N N   . GLU   A 1 122 ? 7.857   1.137   13.589  1.00 66.68  ? 118 GLU   A N   1 
ATOM   894  C CA  . GLU   A 1 122 ? 7.252   0.225   12.637  1.00 68.92  ? 118 GLU   A CA  1 
ATOM   895  C C   . GLU   A 1 122 ? 6.567   1.061   11.558  1.00 74.28  ? 118 GLU   A C   1 
ATOM   896  O O   . GLU   A 1 122 ? 6.041   2.156   11.831  1.00 58.61  ? 118 GLU   A O   1 
ATOM   897  C CB  . GLU   A 1 122 ? 6.171   -0.636  13.306  1.00 67.66  ? 118 GLU   A CB  1 
ATOM   898  C CG  . GLU   A 1 122 ? 6.698   -1.747  14.216  1.00 71.63  ? 118 GLU   A CG  1 
ATOM   899  C CD  . GLU   A 1 122 ? 5.671   -2.701  14.831  1.00 74.42  ? 118 GLU   A CD  1 
ATOM   900  O OE1 . GLU   A 1 122 ? 4.495   -2.298  15.032  1.00 77.62  ? 118 GLU   A OE1 1 
ATOM   901  O OE2 . GLU   A 1 122 ? 6.037   -3.866  15.108  1.00 80.20  ? 118 GLU   A OE2 1 
ATOM   902  N N   . LEU   A 1 123 ? 6.563   0.522   10.334  1.00 67.44  ? 119 LEU   A N   1 
ATOM   903  C CA  . LEU   A 1 123 ? 5.737   1.071   9.272   1.00 54.99  ? 119 LEU   A CA  1 
ATOM   904  C C   . LEU   A 1 123 ? 4.451   0.263   9.150   1.00 57.30  ? 119 LEU   A C   1 
ATOM   905  O O   . LEU   A 1 123 ? 4.478   -0.945  8.934   1.00 60.42  ? 119 LEU   A O   1 
ATOM   906  C CB  . LEU   A 1 123 ? 6.543   1.043   7.985   1.00 55.66  ? 119 LEU   A CB  1 
ATOM   907  C CG  . LEU   A 1 123 ? 5.785   1.408   6.711   1.00 65.28  ? 119 LEU   A CG  1 
ATOM   908  C CD1 . LEU   A 1 123 ? 5.471   2.898   6.678   1.00 60.01  ? 119 LEU   A CD1 1 
ATOM   909  C CD2 . LEU   A 1 123 ? 6.645   1.017   5.511   1.00 62.63  ? 119 LEU   A CD2 1 
ATOM   910  N N   . ILE   A 1 124 ? 3.314   0.950   9.285   1.00 60.44  ? 120 ILE   A N   1 
ATOM   911  C CA  . ILE   A 1 124 ? 2.020   0.298   9.184   1.00 53.90  ? 120 ILE   A CA  1 
ATOM   912  C C   . ILE   A 1 124 ? 1.325   0.750   7.907   1.00 53.58  ? 120 ILE   A C   1 
ATOM   913  O O   . ILE   A 1 124 ? 1.220   1.932   7.633   1.00 63.85  ? 120 ILE   A O   1 
ATOM   914  C CB  . ILE   A 1 124 ? 1.149   0.570   10.418  1.00 60.91  ? 120 ILE   A CB  1 
ATOM   915  C CG1 . ILE   A 1 124 ? 1.830   0.045   11.692  1.00 68.37  ? 120 ILE   A CG1 1 
ATOM   916  C CG2 . ILE   A 1 124 ? -0.234  -0.029  10.199  1.00 53.50  ? 120 ILE   A CG2 1 
ATOM   917  C CD1 . ILE   A 1 124 ? 1.104   0.383   12.981  1.00 72.56  ? 120 ILE   A CD1 1 
ATOM   918  N N   . LEU   A 1 125 ? 0.847   -0.221  7.144   1.00 51.62  ? 121 LEU   A N   1 
ATOM   919  C CA  . LEU   A 1 125 ? 0.162   0.009   5.890   1.00 56.21  ? 121 LEU   A CA  1 
ATOM   920  C C   . LEU   A 1 125 ? -1.217  -0.603  6.053   1.00 58.91  ? 121 LEU   A C   1 
ATOM   921  O O   . LEU   A 1 125 ? -1.334  -1.724  6.560   1.00 58.41  ? 121 LEU   A O   1 
ATOM   922  C CB  . LEU   A 1 125 ? 0.938   -0.792  4.849   1.00 61.81  ? 121 LEU   A CB  1 
ATOM   923  C CG  . LEU   A 1 125 ? 0.975   -0.242  3.438   1.00 84.04  ? 121 LEU   A CG  1 
ATOM   924  C CD1 . LEU   A 1 125 ? 2.307   -0.622  2.794   1.00 82.59  ? 121 LEU   A CD1 1 
ATOM   925  C CD2 . LEU   A 1 125 ? -0.213  -0.762  2.641   1.00 76.39  ? 121 LEU   A CD2 1 
ATOM   926  N N   . THR   A 1 126 ? -2.249  0.143   5.665   1.00 56.38  ? 122 THR   A N   1 
ATOM   927  C CA  . THR   A 1 126 ? -3.581  -0.441  5.575   1.00 56.41  ? 122 THR   A CA  1 
ATOM   928  C C   . THR   A 1 126 ? -4.054  -0.258  4.142   1.00 52.28  ? 122 THR   A C   1 
ATOM   929  O O   . THR   A 1 126 ? -3.648  0.676   3.482   1.00 60.85  ? 122 THR   A O   1 
ATOM   930  C CB  . THR   A 1 126 ? -4.517  0.093   6.677   1.00 57.52  ? 122 THR   A CB  1 
ATOM   931  O OG1 . THR   A 1 126 ? -5.101  1.301   6.204   1.00 61.43  ? 122 THR   A OG1 1 
ATOM   932  C CG2 . THR   A 1 126 ? -3.832  0.348   8.011   1.00 50.78  ? 122 THR   A CG2 1 
ATOM   933  N N   . MET   A 1 127 ? -4.849  -1.186  3.635   1.00 58.87  ? 123 MET   A N   1 
ATOM   934  C CA  . MET   A 1 127 ? -5.455  -1.044  2.321   1.00 57.04  ? 123 MET   A CA  1 
ATOM   935  C C   . MET   A 1 127 ? -6.911  -1.471  2.479   1.00 62.44  ? 123 MET   A C   1 
ATOM   936  O O   . MET   A 1 127 ? -7.192  -2.443  3.184   1.00 67.12  ? 123 MET   A O   1 
ATOM   937  C CB  . MET   A 1 127 ? -4.780  -1.964  1.313   1.00 59.71  ? 123 MET   A CB  1 
ATOM   938  C CG  . MET   A 1 127 ? -3.281  -1.818  1.263   1.00 71.34  ? 123 MET   A CG  1 
ATOM   939  S SD  . MET   A 1 127 ? -2.509  -3.225  0.384   1.00 83.74  ? 123 MET   A SD  1 
ATOM   940  C CE  . MET   A 1 127 ? -1.872  -4.190  1.755   1.00 85.27  ? 123 MET   A CE  1 
ATOM   941  N N   . THR   A 1 128 ? -7.831  -0.711  1.876   1.00 57.46  ? 124 THR   A N   1 
ATOM   942  C CA  . THR   A 1 128 ? -9.253  -0.862  2.132   1.00 56.44  ? 124 THR   A CA  1 
ATOM   943  C C   . THR   A 1 128 ? -9.970  -1.097  0.816   1.00 65.27  ? 124 THR   A C   1 
ATOM   944  O O   . THR   A 1 128 ? -9.640  -0.506  -0.217  1.00 72.27  ? 124 THR   A O   1 
ATOM   945  C CB  . THR   A 1 128 ? -9.848  0.372   2.821   1.00 61.25  ? 124 THR   A CB  1 
ATOM   946  O OG1 . THR   A 1 128 ? -9.248  0.462   4.108   1.00 64.54  ? 124 THR   A OG1 1 
ATOM   947  C CG2 . THR   A 1 128 ? -11.342 0.307   3.031   1.00 61.69  ? 124 THR   A CG2 1 
ATOM   948  N N   . ALA   A 1 129 ? -10.939 -2.004  0.883   1.00 71.22  ? 125 ALA   A N   1 
ATOM   949  C CA  . ALA   A 1 129 ? -11.852 -2.225  -0.218  1.00 74.97  ? 125 ALA   A CA  1 
ATOM   950  C C   . ALA   A 1 129 ? -13.247 -2.415  0.378   1.00 81.78  ? 125 ALA   A C   1 
ATOM   951  O O   . ALA   A 1 129 ? -13.453 -3.352  1.152   1.00 72.23  ? 125 ALA   A O   1 
ATOM   952  C CB  . ALA   A 1 129 ? -11.363 -3.400  -1.017  1.00 62.83  ? 125 ALA   A CB  1 
ATOM   953  N N   . ASP   A 1 130 ? -14.160 -1.475  0.059   1.00 82.44  ? 126 ASP   A N   1 
ATOM   954  C CA  . ASP   A 1 130 ? -15.423 -1.271  0.769   1.00 76.22  ? 126 ASP   A CA  1 
ATOM   955  C C   . ASP   A 1 130 ? -15.202 -1.477  2.261   1.00 73.83  ? 126 ASP   A C   1 
ATOM   956  O O   . ASP   A 1 130 ? -14.453 -0.727  2.869   1.00 78.03  ? 126 ASP   A O   1 
ATOM   957  C CB  . ASP   A 1 130 ? -16.586 -2.094  0.202   1.00 72.66  ? 126 ASP   A CB  1 
ATOM   958  C CG  . ASP   A 1 130 ? -16.747 -1.924  -1.302  1.00 93.99  ? 126 ASP   A CG  1 
ATOM   959  O OD1 . ASP   A 1 130 ? -16.764 -0.759  -1.768  1.00 96.21  ? 126 ASP   A OD1 1 
ATOM   960  O OD2 . ASP   A 1 130 ? -16.811 -2.959  -2.007  1.00 86.31  ? 126 ASP   A OD2 1 
ATOM   961  N N   . ASP   A 1 131 ? -15.800 -2.537  2.813   1.00 82.08  ? 127 ASP   A N   1 
ATOM   962  C CA  . ASP   A 1 131 ? -15.960 -2.689  4.251   1.00 88.54  ? 127 ASP   A CA  1 
ATOM   963  C C   . ASP   A 1 131 ? -14.703 -3.293  4.881   1.00 82.28  ? 127 ASP   A C   1 
ATOM   964  O O   . ASP   A 1 131 ? -14.584 -3.299  6.109   1.00 85.27  ? 127 ASP   A O   1 
ATOM   965  C CB  . ASP   A 1 131 ? -17.237 -3.478  4.582   1.00 87.21  ? 127 ASP   A CB  1 
ATOM   966  N N   . VAL   A 1 132 ? -13.761 -3.755  4.036   1.00 80.67  ? 128 VAL   A N   1 
ATOM   967  C CA  . VAL   A 1 132 ? -12.678 -4.658  4.420   1.00 72.95  ? 128 VAL   A CA  1 
ATOM   968  C C   . VAL   A 1 132 ? -11.352 -3.910  4.412   1.00 66.76  ? 128 VAL   A C   1 
ATOM   969  O O   . VAL   A 1 132 ? -11.052 -3.202  3.452   1.00 72.29  ? 128 VAL   A O   1 
ATOM   970  C CB  . VAL   A 1 132 ? -12.625 -5.885  3.483   1.00 81.44  ? 128 VAL   A CB  1 
ATOM   971  C CG1 . VAL   A 1 132 ? -11.394 -6.769  3.702   1.00 77.74  ? 128 VAL   A CG1 1 
ATOM   972  C CG2 . VAL   A 1 132 ? -13.895 -6.707  3.581   1.00 74.57  ? 128 VAL   A CG2 1 
ATOM   973  N N   . VAL   A 1 133 ? -10.559 -4.129  5.470   1.00 75.48  ? 129 VAL   A N   1 
ATOM   974  C CA  . VAL   A 1 133 ? -9.340  -3.386  5.763   1.00 67.86  ? 129 VAL   A CA  1 
ATOM   975  C C   . VAL   A 1 133 ? -8.211  -4.378  6.010   1.00 69.33  ? 129 VAL   A C   1 
ATOM   976  O O   . VAL   A 1 133 ? -8.205  -5.024  7.046   1.00 69.64  ? 129 VAL   A O   1 
ATOM   977  C CB  . VAL   A 1 133 ? -9.528  -2.510  7.019   1.00 72.52  ? 129 VAL   A CB  1 
ATOM   978  C CG1 . VAL   A 1 133 ? -8.296  -1.671  7.337   1.00 65.88  ? 129 VAL   A CG1 1 
ATOM   979  C CG2 . VAL   A 1 133 ? -10.769 -1.630  6.931   1.00 79.37  ? 129 VAL   A CG2 1 
ATOM   980  N N   . CYS   A 1 134 ? -7.250  -4.471  5.082   1.00 65.59  ? 130 CYS   A N   1 
ATOM   981  C CA  . CYS   A 1 134 ? -6.028  -5.226  5.309   1.00 55.49  ? 130 CYS   A CA  1 
ATOM   982  C C   . CYS   A 1 134 ? -4.993  -4.364  6.042   1.00 58.48  ? 130 CYS   A C   1 
ATOM   983  O O   . CYS   A 1 134 ? -4.879  -3.178  5.788   1.00 65.61  ? 130 CYS   A O   1 
ATOM   984  C CB  . CYS   A 1 134 ? -5.454  -5.675  3.968   1.00 58.99  ? 130 CYS   A CB  1 
ATOM   985  S SG  . CYS   A 1 134 ? -3.825  -6.470  4.072   1.00 62.03  ? 130 CYS   A SG  1 
ATOM   986  N N   . THR   A 1 135 ? -4.190  -4.971  6.915   1.00 51.33  ? 131 THR   A N   1 
ATOM   987  C CA  . THR   A 1 135 ? -3.182  -4.241  7.664   1.00 58.04  ? 131 THR   A CA  1 
ATOM   988  C C   . THR   A 1 135 ? -1.850  -4.987  7.579   1.00 62.11  ? 131 THR   A C   1 
ATOM   989  O O   . THR   A 1 135 ? -1.787  -6.181  7.815   1.00 66.61  ? 131 THR   A O   1 
ATOM   990  C CB  . THR   A 1 135 ? -3.593  -4.061  9.132   1.00 56.00  ? 131 THR   A CB  1 
ATOM   991  O OG1 . THR   A 1 135 ? -4.815  -3.323  9.180   1.00 67.97  ? 131 THR   A OG1 1 
ATOM   992  C CG2 . THR   A 1 135 ? -2.539  -3.322  9.920   1.00 51.47  ? 131 THR   A CG2 1 
ATOM   993  N N   . GLN   A 1 136 ? -0.770  -4.308  7.209   1.00 56.70  ? 132 GLN   A N   1 
ATOM   994  C CA  . GLN   A 1 136 ? 0.481   -5.034  7.153   1.00 56.77  ? 132 GLN   A CA  1 
ATOM   995  C C   . GLN   A 1 136 ? 1.503   -4.193  7.894   1.00 60.89  ? 132 GLN   A C   1 
ATOM   996  O O   . GLN   A 1 136 ? 1.586   -2.987  7.689   1.00 64.34  ? 132 GLN   A O   1 
ATOM   997  C CB  . GLN   A 1 136 ? 0.936   -5.321  5.720   1.00 53.70  ? 132 GLN   A CB  1 
ATOM   998  C CG  . GLN   A 1 136 ? -0.059  -6.123  4.900   1.00 50.94  ? 132 GLN   A CG  1 
ATOM   999  C CD  . GLN   A 1 136 ? 0.444   -6.329  3.490   1.00 57.07  ? 132 GLN   A CD  1 
ATOM   1000 O OE1 . GLN   A 1 136 ? 1.016   -5.439  2.878   1.00 61.28  ? 132 GLN   A OE1 1 
ATOM   1001 N NE2 . GLN   A 1 136 ? 0.222   -7.509  2.943   1.00 63.70  ? 132 GLN   A NE2 1 
ATOM   1002 N N   . VAL   A 1 137 ? 2.272   -4.854  8.750   1.00 59.22  ? 133 VAL   A N   1 
ATOM   1003 C CA  . VAL   A 1 137 ? 3.282   -4.175  9.527   1.00 57.22  ? 133 VAL   A CA  1 
ATOM   1004 C C   . VAL   A 1 137 ? 4.654   -4.517  8.959   1.00 58.39  ? 133 VAL   A C   1 
ATOM   1005 O O   . VAL   A 1 137 ? 4.940   -5.690  8.674   1.00 58.59  ? 133 VAL   A O   1 
ATOM   1006 C CB  . VAL   A 1 137 ? 3.151   -4.629  10.984  1.00 58.61  ? 133 VAL   A CB  1 
ATOM   1007 C CG1 . VAL   A 1 137 ? 4.283   -4.078  11.844  1.00 56.16  ? 133 VAL   A CG1 1 
ATOM   1008 C CG2 . VAL   A 1 137 ? 1.786   -4.217  11.510  1.00 60.94  ? 133 VAL   A CG2 1 
ATOM   1009 N N   . PHE   A 1 138 ? 5.499   -3.485  8.831   1.00 51.46  ? 134 PHE   A N   1 
ATOM   1010 C CA  . PHE   A 1 138 ? 6.881   -3.703  8.438   1.00 58.26  ? 134 PHE   A CA  1 
ATOM   1011 C C   . PHE   A 1 138 ? 7.857   -3.175  9.499   1.00 61.63  ? 134 PHE   A C   1 
ATOM   1012 O O   . PHE   A 1 138 ? 7.493   -2.325  10.303  1.00 61.46  ? 134 PHE   A O   1 
ATOM   1013 C CB  . PHE   A 1 138 ? 7.154   -3.033  7.095   1.00 53.33  ? 134 PHE   A CB  1 
ATOM   1014 C CG  . PHE   A 1 138 ? 6.259   -3.415  5.945   1.00 57.07  ? 134 PHE   A CG  1 
ATOM   1015 C CD1 . PHE   A 1 138 ? 4.929   -3.028  5.920   1.00 55.37  ? 134 PHE   A CD1 1 
ATOM   1016 C CD2 . PHE   A 1 138 ? 6.784   -4.090  4.844   1.00 55.08  ? 134 PHE   A CD2 1 
ATOM   1017 C CE1 . PHE   A 1 138 ? 4.126   -3.338  4.828   1.00 54.39  ? 134 PHE   A CE1 1 
ATOM   1018 C CE2 . PHE   A 1 138 ? 5.984   -4.401  3.757   1.00 55.75  ? 134 PHE   A CE2 1 
ATOM   1019 C CZ  . PHE   A 1 138 ? 4.658   -4.020  3.752   1.00 55.51  ? 134 PHE   A CZ  1 
ATOM   1020 N N   . VAL   A 1 139 ? 9.099   -3.690  9.478   1.00 58.28  ? 135 VAL   A N   1 
ATOM   1021 C CA  . VAL   A 1 139 ? 10.192  -3.143  10.267  1.00 62.00  ? 135 VAL   A CA  1 
ATOM   1022 C C   . VAL   A 1 139 ? 11.365  -2.840  9.342   1.00 66.09  ? 135 VAL   A C   1 
ATOM   1023 O O   . VAL   A 1 139 ? 11.383  -3.313  8.202   1.00 59.76  ? 135 VAL   A O   1 
ATOM   1024 C CB  . VAL   A 1 139 ? 10.657  -4.115  11.372  1.00 65.33  ? 135 VAL   A CB  1 
ATOM   1025 C CG1 . VAL   A 1 139 ? 9.640   -4.229  12.486  1.00 57.30  ? 135 VAL   A CG1 1 
ATOM   1026 C CG2 . VAL   A 1 139 ? 11.058  -5.490  10.838  1.00 66.38  ? 135 VAL   A CG2 1 
ATOM   1027 N N   . ARG   A 1 140 ? 12.349  -2.080  9.866   1.00 66.22  ? 136 ARG   A N   1 
ATOM   1028 C CA  . ARG   A 1 140 ? 13.507  -1.644  9.095   1.00 70.51  ? 136 ARG   A CA  1 
ATOM   1029 C C   . ARG   A 1 140 ? 14.387  -2.858  8.776   1.00 81.34  ? 136 ARG   A C   1 
ATOM   1030 O O   . ARG   A 1 140 ? 14.728  -3.620  9.680   1.00 75.32  ? 136 ARG   A O   1 
ATOM   1031 C CB  . ARG   A 1 140 ? 14.262  -0.509  9.804   1.00 59.83  ? 136 ARG   A CB  1 
ATOM   1032 C CG  . ARG   A 1 140 ? 13.516  0.823   9.880   1.00 57.80  ? 136 ARG   A CG  1 
ATOM   1033 C CD  . ARG   A 1 140 ? 14.400  2.077   9.849   1.00 64.62  ? 136 ARG   A CD  1 
ATOM   1034 N NE  . ARG   A 1 140 ? 13.934  3.276   9.119   1.00 62.10  ? 136 ARG   A NE  1 
ATOM   1035 C CZ  . ARG   A 1 140 ? 13.104  4.158   9.665   1.00 71.56  ? 136 ARG   A CZ  1 
ATOM   1036 N NH1 . ARG   A 1 140 ? 12.688  3.982   10.911  1.00 87.57  ? 136 ARG   A NH1 1 
ATOM   1037 N NH2 . ARG   A 1 140 ? 12.676  5.201   8.986   1.00 70.54  ? 136 ARG   A NH2 1 
ATOM   1038 N N   . GLU   A 1 141 ? 14.724  -3.057  7.488   1.00 85.51  ? 137 GLU   A N   1 
ATOM   1039 C CA  . GLU   A 1 141 ? 15.603  -4.158  7.105   1.00 85.41  ? 137 GLU   A CA  1 
ATOM   1040 C C   . GLU   A 1 141 ? 16.833  -4.118  8.019   1.00 95.05  ? 137 GLU   A C   1 
ATOM   1041 O O   . GLU   A 1 141 ? 17.482  -3.069  8.208   1.00 87.35  ? 137 GLU   A O   1 
ATOM   1042 C CB  . GLU   A 1 141 ? 15.993  -4.124  5.621   1.00 73.45  ? 137 GLU   A CB  1 
ATOM   1043 O OXT . GLU   A 1 141 ? 17.175  -5.144  8.610   1.00 100.02 ? 137 GLU   A OXT 1 
HETATM 1044 N NAG . A1IQ1 B 2 .   ? -0.534  -5.459  -3.163  0.70 88.76  ? 201 A1IQ1 A NAG 1 
HETATM 1045 C CAB . A1IQ1 B 2 .   ? 0.096   -4.477  -2.527  0.70 92.35  ? 201 A1IQ1 A CAB 1 
HETATM 1046 C CAD . A1IQ1 B 2 .   ? 0.619   -3.415  -3.273  0.70 98.08  ? 201 A1IQ1 A CAD 1 
HETATM 1047 C CAC . A1IQ1 B 2 .   ? 1.285   -2.385  -2.594  0.70 105.44 ? 201 A1IQ1 A CAC 1 
HETATM 1048 C CAA . A1IQ1 B 2 .   ? 0.234   -4.506  -1.129  0.70 87.91  ? 201 A1IQ1 A CAA 1 
HETATM 1049 C CAF . A1IQ1 B 2 .   ? 0.895   -3.461  -0.459  0.70 94.16  ? 201 A1IQ1 A CAF 1 
HETATM 1050 C CAE . A1IQ1 B 2 .   ? 1.411   -2.376  -1.184  0.70 98.46  ? 201 A1IQ1 A CAE 1 
HETATM 1051 C CAL . A1IQ1 B 2 .   ? 2.091   -1.341  -0.511  0.70 93.65  ? 201 A1IQ1 A CAL 1 
HETATM 1052 C CAM . A1IQ1 B 2 .   ? 1.719   0.180   -0.639  0.70 96.98  ? 201 A1IQ1 A CAM 1 
HETATM 1053 C CAN . A1IQ1 B 2 .   ? 2.581   1.185   0.144   0.70 95.31  ? 201 A1IQ1 A CAN 1 
HETATM 1054 C CAO . A1IQ1 B 2 .   ? 0.576   0.811   -1.492  0.70 106.19 ? 201 A1IQ1 A CAO 1 
HETATM 1055 O OAP . A1IQ1 B 2 .   ? 0.462   2.037   -1.445  0.70 102.66 ? 201 A1IQ1 A OAP 1 
HETATM 1056 O OAQ . A1IQ1 B 2 .   ? -0.261  -0.016  -2.240  0.70 124.15 ? 201 A1IQ1 A OAQ 1 
HETATM 1057 C CAJ . A1IQ1 B 2 .   ? -1.691  0.301   -2.318  0.70 106.79 ? 201 A1IQ1 A CAJ 1 
HETATM 1058 O O   . HOH   C 3 .   ? -13.162 4.651   -8.553  1.00 71.00  ? 301 HOH   A O   1 
HETATM 1059 O O   . HOH   C 3 .   ? 1.879   13.359  -6.635  1.00 58.14  ? 302 HOH   A O   1 
HETATM 1060 O O   . HOH   C 3 .   ? -1.439  2.734   8.061   1.00 57.07  ? 303 HOH   A O   1 
HETATM 1061 O O   . HOH   C 3 .   ? -2.139  3.495   10.589  1.00 58.74  ? 304 HOH   A O   1 
HETATM 1062 O O   . HOH   C 3 .   ? 17.111  -0.487  7.745   1.00 73.47  ? 305 HOH   A O   1 
HETATM 1063 O O   . HOH   C 3 .   ? -10.058 -14.072 -9.998  1.00 68.43  ? 306 HOH   A O   1 
HETATM 1064 O O   . HOH   C 3 .   ? 10.050  10.671  12.560  1.00 77.23  ? 307 HOH   A O   1 
HETATM 1065 O O   . HOH   C 3 .   ? 7.364   13.075  7.557   1.00 70.03  ? 308 HOH   A O   1 
HETATM 1066 O O   . HOH   C 3 .   ? 11.815  4.809   17.398  1.00 77.02  ? 309 HOH   A O   1 
HETATM 1067 O O   . HOH   C 3 .   ? -11.580 -3.436  -8.970  1.00 75.08  ? 310 HOH   A O   1 
HETATM 1068 O O   . HOH   C 3 .   ? -9.009  10.475  -6.052  1.00 71.37  ? 311 HOH   A O   1 
HETATM 1069 O O   . HOH   C 3 .   ? 0.233   -2.633  14.967  1.00 82.69  ? 312 HOH   A O   1 
HETATM 1070 O O   . HOH   C 3 .   ? 6.148   13.382  -8.587  1.00 72.65  ? 313 HOH   A O   1 
HETATM 1071 O O   . HOH   C 3 .   ? 3.947   -13.045 7.035   1.00 79.92  ? 314 HOH   A O   1 
HETATM 1072 O O   . HOH   C 3 .   ? 19.113  7.820   11.531  1.00 76.86  ? 315 HOH   A O   1 
# 
